data_4C81
# 
_entry.id   4C81 
# 
_audit_conform.dict_name       mmcif_pdbx.dic 
_audit_conform.dict_version    5.383 
_audit_conform.dict_location   http://mmcif.pdb.org/dictionaries/ascii/mmcif_pdbx.dic 
# 
loop_
_database_2.database_id 
_database_2.database_code 
_database_2.pdbx_database_accession 
_database_2.pdbx_DOI 
PDB   4C81         pdb_00004c81 10.2210/pdb4c81/pdb 
PDBE  EBI-58506    ?            ?                   
WWPDB D_1290058506 ?            ?                   
# 
loop_
_pdbx_database_related.db_name 
_pdbx_database_related.db_id 
_pdbx_database_related.content_type 
_pdbx_database_related.details 
PDB 4C82 unspecified 'ISPF (PLASMODIUM FALCIPARUM) UNLIGANDED STRUCTURE' 
PDB 4C8E unspecified 'ISPF (BURKHOLDERIA CENOCEPACIA) 2CMP COMPLEX'      
PDB 4C8G unspecified 'ISPF (BURKHOLDERIA CENOCEPACIA) CMP COMPLEX'       
PDB 4C8I unspecified 'ISPF (BURKHOLDERIA CENOCEPACIA) CITRATE COMPLEX'   
# 
_pdbx_database_status.status_code                     REL 
_pdbx_database_status.entry_id                        4C81 
_pdbx_database_status.deposit_site                    PDBE 
_pdbx_database_status.process_site                    PDBE 
_pdbx_database_status.SG_entry                        . 
_pdbx_database_status.recvd_initial_deposition_date   2013-09-27 
_pdbx_database_status.pdb_format_compatible           Y 
_pdbx_database_status.status_code_sf                  REL 
_pdbx_database_status.status_code_mr                  ? 
_pdbx_database_status.status_code_cs                  ? 
_pdbx_database_status.methods_development_category    ? 
_pdbx_database_status.status_code_nmr_data            ? 
# 
loop_
_audit_author.name 
_audit_author.pdbx_ordinal 
;O'Rourke, P.E.F.
;
1 
'Kalinowska-Tluscik, J.' 2 
'Fyfe, P.K.'             3 
'Dawson, A.'             4 
'Hunter, W.N.'           5 
# 
_citation.id                        primary 
_citation.title                     
;Crystal Structures of Ispf from Plasmodium Falciparum and Burkholderia Cenocepacia: Comparisons Inform Antimicrobial Drug Target Assessment.
;
_citation.journal_abbrev            'Bmc Struct.Biol.' 
_citation.journal_volume            14 
_citation.page_first                1 
_citation.page_last                 ? 
_citation.year                      2014 
_citation.journal_id_ASTM           ? 
_citation.country                   UK 
_citation.journal_id_ISSN           1472-6807 
_citation.journal_id_CSD            ? 
_citation.book_publisher            ? 
_citation.pdbx_database_id_PubMed   24410837 
_citation.pdbx_database_id_DOI      10.1186/1472-6807-14-1 
# 
loop_
_citation_author.citation_id 
_citation_author.name 
_citation_author.ordinal 
_citation_author.identifier_ORCID 
primary 'O Rourke, P.E.'         1 ? 
primary 'Kalinowska-Tluscik, J.' 2 ? 
primary 'Fyfe, P.K.'             3 ? 
primary 'Dawson, A.'             4 ? 
primary 'Hunter, W.N.'           5 ? 
# 
_cell.entry_id           4C81 
_cell.length_a           84.864 
_cell.length_b           84.864 
_cell.length_c           101.031 
_cell.angle_alpha        90.00 
_cell.angle_beta         90.00 
_cell.angle_gamma        120.00 
_cell.Z_PDB              9 
_cell.pdbx_unique_axis   ? 
# 
_symmetry.entry_id                         4C81 
_symmetry.space_group_name_H-M             'H 3' 
_symmetry.pdbx_full_space_group_name_H-M   ? 
_symmetry.cell_setting                     ? 
_symmetry.Int_Tables_number                146 
# 
loop_
_entity.id 
_entity.type 
_entity.src_method 
_entity.pdbx_description 
_entity.formula_weight 
_entity.pdbx_number_of_molecules 
_entity.pdbx_ec 
_entity.pdbx_mutation 
_entity.pdbx_fragment 
_entity.details 
1 polymer     man '2-C-METHYL-D-ERYTHRITOL 2,4-CYCLODIPHOSPHATE SYNTHASE' 20574.588 1  4.6.1.12 YES 
'MATURE PROTEIN (APICOPLAST-TARGETING SEQUENCE OMITTED), RESIDUES 60-240' ? 
2 non-polymer syn 'ZINC ION'                                              65.409    2  ?        ?   ? ? 
3 non-polymer syn "CYTIDINE-5'-DIPHOSPHATE"                               403.176   1  ?        ?   ? ? 
4 non-polymer syn 'CHLORIDE ION'                                          35.453    3  ?        ?   ? ? 
5 non-polymer syn 'SULFATE ION'                                           96.063    1  ?        ?   ? ? 
6 water       nat water                                                   18.015    85 ?        ?   ? ? 
# 
_entity_name_com.entity_id   1 
_entity_name_com.name        'MECDP-SYNTHASE, MECPS, 2C-METHYL-D-ERYTHRITOL-2,4-CYCLODIPHOSPHATE SYNTHASE' 
# 
_entity_poly.entity_id                      1 
_entity_poly.type                           'polypeptide(L)' 
_entity_poly.nstd_linkage                   no 
_entity_poly.nstd_monomer                   no 
_entity_poly.pdbx_seq_one_letter_code       
;GHMSYNGIRIGQGYDIHKIKVLDEEYNTYANNDFNKNEQSFKTLTLGGVKINNVLVLSHSDGDIIYHSIVDSILGALGSL
DIGTLFPDKDEKNKNKNSAIFLRYARLLIYKKNYDIGNVDINVIAQVPKISNIRKNIIKNISTVLNIDESQISVKGKTHE
KLGVIGEKKAIECFANILLIPKNS
;
_entity_poly.pdbx_seq_one_letter_code_can   
;GHMSYNGIRIGQGYDIHKIKVLDEEYNTYANNDFNKNEQSFKTLTLGGVKINNVLVLSHSDGDIIYHSIVDSILGALGSL
DIGTLFPDKDEKNKNKNSAIFLRYARLLIYKKNYDIGNVDINVIAQVPKISNIRKNIIKNISTVLNIDESQISVKGKTHE
KLGVIGEKKAIECFANILLIPKNS
;
_entity_poly.pdbx_strand_id                 A 
_entity_poly.pdbx_target_identifier         ? 
# 
loop_
_entity_poly_seq.entity_id 
_entity_poly_seq.num 
_entity_poly_seq.mon_id 
_entity_poly_seq.hetero 
1 1   GLY n 
1 2   HIS n 
1 3   MET n 
1 4   SER n 
1 5   TYR n 
1 6   ASN n 
1 7   GLY n 
1 8   ILE n 
1 9   ARG n 
1 10  ILE n 
1 11  GLY n 
1 12  GLN n 
1 13  GLY n 
1 14  TYR n 
1 15  ASP n 
1 16  ILE n 
1 17  HIS n 
1 18  LYS n 
1 19  ILE n 
1 20  LYS n 
1 21  VAL n 
1 22  LEU n 
1 23  ASP n 
1 24  GLU n 
1 25  GLU n 
1 26  TYR n 
1 27  ASN n 
1 28  THR n 
1 29  TYR n 
1 30  ALA n 
1 31  ASN n 
1 32  ASN n 
1 33  ASP n 
1 34  PHE n 
1 35  ASN n 
1 36  LYS n 
1 37  ASN n 
1 38  GLU n 
1 39  GLN n 
1 40  SER n 
1 41  PHE n 
1 42  LYS n 
1 43  THR n 
1 44  LEU n 
1 45  THR n 
1 46  LEU n 
1 47  GLY n 
1 48  GLY n 
1 49  VAL n 
1 50  LYS n 
1 51  ILE n 
1 52  ASN n 
1 53  ASN n 
1 54  VAL n 
1 55  LEU n 
1 56  VAL n 
1 57  LEU n 
1 58  SER n 
1 59  HIS n 
1 60  SER n 
1 61  ASP n 
1 62  GLY n 
1 63  ASP n 
1 64  ILE n 
1 65  ILE n 
1 66  TYR n 
1 67  HIS n 
1 68  SER n 
1 69  ILE n 
1 70  VAL n 
1 71  ASP n 
1 72  SER n 
1 73  ILE n 
1 74  LEU n 
1 75  GLY n 
1 76  ALA n 
1 77  LEU n 
1 78  GLY n 
1 79  SER n 
1 80  LEU n 
1 81  ASP n 
1 82  ILE n 
1 83  GLY n 
1 84  THR n 
1 85  LEU n 
1 86  PHE n 
1 87  PRO n 
1 88  ASP n 
1 89  LYS n 
1 90  ASP n 
1 91  GLU n 
1 92  LYS n 
1 93  ASN n 
1 94  LYS n 
1 95  ASN n 
1 96  LYS n 
1 97  ASN n 
1 98  SER n 
1 99  ALA n 
1 100 ILE n 
1 101 PHE n 
1 102 LEU n 
1 103 ARG n 
1 104 TYR n 
1 105 ALA n 
1 106 ARG n 
1 107 LEU n 
1 108 LEU n 
1 109 ILE n 
1 110 TYR n 
1 111 LYS n 
1 112 LYS n 
1 113 ASN n 
1 114 TYR n 
1 115 ASP n 
1 116 ILE n 
1 117 GLY n 
1 118 ASN n 
1 119 VAL n 
1 120 ASP n 
1 121 ILE n 
1 122 ASN n 
1 123 VAL n 
1 124 ILE n 
1 125 ALA n 
1 126 GLN n 
1 127 VAL n 
1 128 PRO n 
1 129 LYS n 
1 130 ILE n 
1 131 SER n 
1 132 ASN n 
1 133 ILE n 
1 134 ARG n 
1 135 LYS n 
1 136 ASN n 
1 137 ILE n 
1 138 ILE n 
1 139 LYS n 
1 140 ASN n 
1 141 ILE n 
1 142 SER n 
1 143 THR n 
1 144 VAL n 
1 145 LEU n 
1 146 ASN n 
1 147 ILE n 
1 148 ASP n 
1 149 GLU n 
1 150 SER n 
1 151 GLN n 
1 152 ILE n 
1 153 SER n 
1 154 VAL n 
1 155 LYS n 
1 156 GLY n 
1 157 LYS n 
1 158 THR n 
1 159 HIS n 
1 160 GLU n 
1 161 LYS n 
1 162 LEU n 
1 163 GLY n 
1 164 VAL n 
1 165 ILE n 
1 166 GLY n 
1 167 GLU n 
1 168 LYS n 
1 169 LYS n 
1 170 ALA n 
1 171 ILE n 
1 172 GLU n 
1 173 CYS n 
1 174 PHE n 
1 175 ALA n 
1 176 ASN n 
1 177 ILE n 
1 178 LEU n 
1 179 LEU n 
1 180 ILE n 
1 181 PRO n 
1 182 LYS n 
1 183 ASN n 
1 184 SER n 
# 
_entity_src_gen.entity_id                          1 
_entity_src_gen.pdbx_src_id                        1 
_entity_src_gen.pdbx_alt_source_flag               sample 
_entity_src_gen.pdbx_seq_type                      ? 
_entity_src_gen.pdbx_beg_seq_num                   ? 
_entity_src_gen.pdbx_end_seq_num                   ? 
_entity_src_gen.gene_src_common_name               ? 
_entity_src_gen.gene_src_genus                     ? 
_entity_src_gen.pdbx_gene_src_gene                 ? 
_entity_src_gen.gene_src_species                   ? 
_entity_src_gen.gene_src_strain                    3D7 
_entity_src_gen.gene_src_tissue                    ? 
_entity_src_gen.gene_src_tissue_fraction           ? 
_entity_src_gen.gene_src_details                   ? 
_entity_src_gen.pdbx_gene_src_fragment             ? 
_entity_src_gen.pdbx_gene_src_scientific_name      'PLASMODIUM FALCIPARUM' 
_entity_src_gen.pdbx_gene_src_ncbi_taxonomy_id     36329 
_entity_src_gen.pdbx_gene_src_variant              ? 
_entity_src_gen.pdbx_gene_src_cell_line            ? 
_entity_src_gen.pdbx_gene_src_atcc                 ? 
_entity_src_gen.pdbx_gene_src_organ                ? 
_entity_src_gen.pdbx_gene_src_organelle            ? 
_entity_src_gen.pdbx_gene_src_cell                 ? 
_entity_src_gen.pdbx_gene_src_cellular_location    ? 
_entity_src_gen.host_org_common_name               ? 
_entity_src_gen.pdbx_host_org_scientific_name      'ESCHERICHIA COLI' 
_entity_src_gen.pdbx_host_org_ncbi_taxonomy_id     469008 
_entity_src_gen.host_org_genus                     ? 
_entity_src_gen.pdbx_host_org_gene                 ? 
_entity_src_gen.pdbx_host_org_organ                ? 
_entity_src_gen.host_org_species                   ? 
_entity_src_gen.pdbx_host_org_tissue               ? 
_entity_src_gen.pdbx_host_org_tissue_fraction      ? 
_entity_src_gen.pdbx_host_org_strain               'BL21(DE3)' 
_entity_src_gen.pdbx_host_org_variant              GOLD 
_entity_src_gen.pdbx_host_org_cell_line            ? 
_entity_src_gen.pdbx_host_org_atcc                 ? 
_entity_src_gen.pdbx_host_org_culture_collection   ? 
_entity_src_gen.pdbx_host_org_cell                 ? 
_entity_src_gen.pdbx_host_org_organelle            ? 
_entity_src_gen.pdbx_host_org_cellular_location    ? 
_entity_src_gen.pdbx_host_org_vector_type          ? 
_entity_src_gen.pdbx_host_org_vector               ? 
_entity_src_gen.host_org_details                   ? 
_entity_src_gen.expression_system_id               ? 
_entity_src_gen.plasmid_name                       PET15BTEV 
_entity_src_gen.plasmid_details                    ? 
_entity_src_gen.pdbx_description                   'SYNTHETIC GENE' 
# 
_struct_ref.id                         1 
_struct_ref.db_name                    UNP 
_struct_ref.db_code                    ISPF_PLAF7 
_struct_ref.entity_id                  1 
_struct_ref.pdbx_seq_one_letter_code   ? 
_struct_ref.pdbx_align_begin           ? 
_struct_ref.pdbx_db_accession          P62368 
_struct_ref.pdbx_db_isoform            ? 
# 
_struct_ref_seq.align_id                      1 
_struct_ref_seq.ref_id                        1 
_struct_ref_seq.pdbx_PDB_id_code              4C81 
_struct_ref_seq.pdbx_strand_id                A 
_struct_ref_seq.seq_align_beg                 4 
_struct_ref_seq.pdbx_seq_align_beg_ins_code   ? 
_struct_ref_seq.seq_align_end                 184 
_struct_ref_seq.pdbx_seq_align_end_ins_code   ? 
_struct_ref_seq.pdbx_db_accession             P62368 
_struct_ref_seq.db_align_beg                  60 
_struct_ref_seq.pdbx_db_align_beg_ins_code    ? 
_struct_ref_seq.db_align_end                  240 
_struct_ref_seq.pdbx_db_align_end_ins_code    ? 
_struct_ref_seq.pdbx_auth_seq_align_beg       60 
_struct_ref_seq.pdbx_auth_seq_align_end       240 
# 
loop_
_struct_ref_seq_dif.align_id 
_struct_ref_seq_dif.pdbx_pdb_id_code 
_struct_ref_seq_dif.mon_id 
_struct_ref_seq_dif.pdbx_pdb_strand_id 
_struct_ref_seq_dif.seq_num 
_struct_ref_seq_dif.pdbx_pdb_ins_code 
_struct_ref_seq_dif.pdbx_seq_db_name 
_struct_ref_seq_dif.pdbx_seq_db_accession_code 
_struct_ref_seq_dif.db_mon_id 
_struct_ref_seq_dif.pdbx_seq_db_seq_num 
_struct_ref_seq_dif.details 
_struct_ref_seq_dif.pdbx_auth_seq_num 
_struct_ref_seq_dif.pdbx_ordinal 
1 4C81 GLY A 1 ? UNP P62368 ?   ?  'expression tag'      57 1 
1 4C81 HIS A 2 ? UNP P62368 ?   ?  'expression tag'      58 2 
1 4C81 MET A 3 ? UNP P62368 ?   ?  'expression tag'      59 3 
1 4C81 SER A 4 ? UNP P62368 CYS 60 'engineered mutation' 60 4 
# 
loop_
_chem_comp.id 
_chem_comp.type 
_chem_comp.mon_nstd_flag 
_chem_comp.name 
_chem_comp.pdbx_synonyms 
_chem_comp.formula 
_chem_comp.formula_weight 
ALA 'L-peptide linking' y ALANINE                   ? 'C3 H7 N O2'       89.093  
ARG 'L-peptide linking' y ARGININE                  ? 'C6 H15 N4 O2 1'   175.209 
ASN 'L-peptide linking' y ASPARAGINE                ? 'C4 H8 N2 O3'      132.118 
ASP 'L-peptide linking' y 'ASPARTIC ACID'           ? 'C4 H7 N O4'       133.103 
CDP non-polymer         . "CYTIDINE-5'-DIPHOSPHATE" ? 'C9 H15 N3 O11 P2' 403.176 
CL  non-polymer         . 'CHLORIDE ION'            ? 'Cl -1'            35.453  
CYS 'L-peptide linking' y CYSTEINE                  ? 'C3 H7 N O2 S'     121.158 
GLN 'L-peptide linking' y GLUTAMINE                 ? 'C5 H10 N2 O3'     146.144 
GLU 'L-peptide linking' y 'GLUTAMIC ACID'           ? 'C5 H9 N O4'       147.129 
GLY 'peptide linking'   y GLYCINE                   ? 'C2 H5 N O2'       75.067  
HIS 'L-peptide linking' y HISTIDINE                 ? 'C6 H10 N3 O2 1'   156.162 
HOH non-polymer         . WATER                     ? 'H2 O'             18.015  
ILE 'L-peptide linking' y ISOLEUCINE                ? 'C6 H13 N O2'      131.173 
LEU 'L-peptide linking' y LEUCINE                   ? 'C6 H13 N O2'      131.173 
LYS 'L-peptide linking' y LYSINE                    ? 'C6 H15 N2 O2 1'   147.195 
MET 'L-peptide linking' y METHIONINE                ? 'C5 H11 N O2 S'    149.211 
PHE 'L-peptide linking' y PHENYLALANINE             ? 'C9 H11 N O2'      165.189 
PRO 'L-peptide linking' y PROLINE                   ? 'C5 H9 N O2'       115.130 
SER 'L-peptide linking' y SERINE                    ? 'C3 H7 N O3'       105.093 
SO4 non-polymer         . 'SULFATE ION'             ? 'O4 S -2'          96.063  
THR 'L-peptide linking' y THREONINE                 ? 'C4 H9 N O3'       119.119 
TYR 'L-peptide linking' y TYROSINE                  ? 'C9 H11 N O3'      181.189 
VAL 'L-peptide linking' y VALINE                    ? 'C5 H11 N O2'      117.146 
ZN  non-polymer         . 'ZINC ION'                ? 'Zn 2'             65.409  
# 
_exptl.entry_id          4C81 
_exptl.method            'X-RAY DIFFRACTION' 
_exptl.crystals_number   1 
# 
_exptl_crystal.id                    1 
_exptl_crystal.density_meas          ? 
_exptl_crystal.density_Matthews      3.4 
_exptl_crystal.density_percent_sol   63 
_exptl_crystal.description           NONE 
_exptl_crystal.preparation           ? 
# 
_exptl_crystal_grow.crystal_id      1 
_exptl_crystal_grow.method          'VAPOR DIFFUSION, HANGING DROP' 
_exptl_crystal_grow.temp            293 
_exptl_crystal_grow.temp_details    ? 
_exptl_crystal_grow.pH              5.5 
_exptl_crystal_grow.pdbx_pH_range   ? 
_exptl_crystal_grow.pdbx_details    
;PROTEIN WAS CRYSTALLISED BY HANGING-DROP VAPOUR DIFFUSION. PFISPF SAMPLE IN 100 MM KCL, 100 MM L-ARGININE, 2 MM MGCL2, 50 MM CHES, PH 9.5; WAS CONCENTRATED TO 6 MG/ML, AND HAD CDP DISODIUM SALT ADDED (2 MM FINAL CONCENTRATION). CRYSTALS WERE OBTAINED BY MIXING 2 MICROLITES OF PROTEIN WITH 2 MICROLITRES OF RESERVOIR SOLUTION AT 20 DEGREES C. RESERVOIR SOLUTION: 1.8-2.5 M (NH4)2SO4, 5MM ZNCL2, 100 MM BIS-TRIS, PH 5.5. SATURATED SUCROSE WAS USED AS A CRYO-PROTECTANT DURING COLLECTION.
;
# 
_diffrn.id                               1 
_diffrn.ambient_temp                     100 
_diffrn.ambient_temp_details             ? 
_diffrn.crystal_id                       1 
_diffrn.pdbx_serial_crystal_experiment   ? 
# 
_diffrn_detector.diffrn_id              1 
_diffrn_detector.detector               CCD 
_diffrn_detector.type                   'ADSC QUANTUM 315r' 
_diffrn_detector.pdbx_collection_date   2009-05-14 
_diffrn_detector.details                ? 
# 
_diffrn_radiation.diffrn_id                        1 
_diffrn_radiation.wavelength_id                    1 
_diffrn_radiation.pdbx_monochromatic_or_laue_m_l   M 
_diffrn_radiation.monochromator                    ? 
_diffrn_radiation.pdbx_diffrn_protocol             'SINGLE WAVELENGTH' 
_diffrn_radiation.pdbx_scattering_type             x-ray 
# 
_diffrn_radiation_wavelength.id           1 
_diffrn_radiation_wavelength.wavelength   0.98410 
_diffrn_radiation_wavelength.wt           1.0 
# 
_diffrn_source.diffrn_id                   1 
_diffrn_source.source                      SYNCHROTRON 
_diffrn_source.type                        'ESRF BEAMLINE ID29' 
_diffrn_source.pdbx_synchrotron_site       ESRF 
_diffrn_source.pdbx_synchrotron_beamline   ID29 
_diffrn_source.pdbx_wavelength             0.98410 
_diffrn_source.pdbx_wavelength_list        ? 
# 
_reflns.pdbx_diffrn_id               1 
_reflns.pdbx_ordinal                 1 
_reflns.entry_id                     4C81 
_reflns.observed_criterion_sigma_I   2.0 
_reflns.observed_criterion_sigma_F   ? 
_reflns.d_resolution_low             41.63 
_reflns.d_resolution_high            1.60 
_reflns.number_obs                   35607 
_reflns.number_all                   ? 
_reflns.percent_possible_obs         99.4 
_reflns.pdbx_Rmerge_I_obs            0.09 
_reflns.pdbx_Rsym_value              ? 
_reflns.pdbx_netI_over_sigmaI        11.10 
_reflns.B_iso_Wilson_estimate        ? 
_reflns.pdbx_redundancy              5.1 
# 
_reflns_shell.pdbx_diffrn_id         1 
_reflns_shell.pdbx_ordinal           1 
_reflns_shell.d_res_high             1.60 
_reflns_shell.d_res_low              1.69 
_reflns_shell.percent_possible_all   99.3 
_reflns_shell.Rmerge_I_obs           0.42 
_reflns_shell.pdbx_Rsym_value        ? 
_reflns_shell.meanI_over_sigI_obs    2.60 
_reflns_shell.pdbx_redundancy        3.3 
# 
_refine.pdbx_refine_id                           'X-RAY DIFFRACTION' 
_refine.entry_id                                 4C81 
_refine.pdbx_diffrn_id                           1 
_refine.pdbx_TLS_residual_ADP_flag               ? 
_refine.ls_number_reflns_obs                     33786 
_refine.ls_number_reflns_all                     ? 
_refine.pdbx_ls_sigma_I                          ? 
_refine.pdbx_ls_sigma_F                          . 
_refine.pdbx_data_cutoff_high_absF               ? 
_refine.pdbx_data_cutoff_low_absF                ? 
_refine.pdbx_data_cutoff_high_rms_absF           ? 
_refine.ls_d_res_low                             26.38 
_refine.ls_d_res_high                            1.56 
_refine.ls_percent_reflns_obs                    92.01 
_refine.ls_R_factor_obs                          0.14506 
_refine.ls_R_factor_all                          ? 
_refine.ls_R_factor_R_work                       0.14398 
_refine.ls_R_factor_R_free                       0.16503 
_refine.ls_R_factor_R_free_error                 ? 
_refine.ls_R_factor_R_free_error_details         ? 
_refine.ls_percent_reflns_R_free                 5.1 
_refine.ls_number_reflns_R_free                  1810 
_refine.ls_number_parameters                     ? 
_refine.ls_number_restraints                     ? 
_refine.occupancy_min                            ? 
_refine.occupancy_max                            ? 
_refine.correlation_coeff_Fo_to_Fc               0.976 
_refine.correlation_coeff_Fo_to_Fc_free          0.967 
_refine.B_iso_mean                               22.949 
_refine.aniso_B[1][1]                            0.80 
_refine.aniso_B[2][2]                            0.80 
_refine.aniso_B[3][3]                            -1.59 
_refine.aniso_B[1][2]                            0.00 
_refine.aniso_B[1][3]                            0.00 
_refine.aniso_B[2][3]                            0.00 
_refine.solvent_model_details                    MASK 
_refine.solvent_model_param_ksol                 ? 
_refine.solvent_model_param_bsol                 ? 
_refine.pdbx_solvent_vdw_probe_radii             1.40 
_refine.pdbx_solvent_ion_probe_radii             0.80 
_refine.pdbx_solvent_shrinkage_radii             0.80 
_refine.pdbx_ls_cross_valid_method               THROUGHOUT 
_refine.details                                  
'HYDROGENS HAVE BEEN ADDED IN THE RIDING POSITIONS. U VALUES REFINED INDIVIDUALLY. RESIDUES 83-97 AND 144-151 ARE DISORDERED.' 
_refine.pdbx_starting_model                      'PDB ENTRY 1GX1' 
_refine.pdbx_method_to_determine_struct          'MOLECULAR REPLACEMENT' 
_refine.pdbx_isotropic_thermal_model             ? 
_refine.pdbx_stereochemistry_target_values       'MAXIMUM LIKELIHOOD' 
_refine.pdbx_stereochem_target_val_spec_case     ? 
_refine.pdbx_R_Free_selection_details            RANDOM 
_refine.pdbx_overall_ESU_R                       0.011 
_refine.pdbx_overall_ESU_R_Free                  0.012 
_refine.overall_SU_ML                            0.034 
_refine.pdbx_overall_phase_error                 ? 
_refine.overall_SU_B                             1.077 
_refine.overall_SU_R_Cruickshank_DPI             ? 
_refine.pdbx_overall_SU_R_free_Cruickshank_DPI   ? 
_refine.pdbx_overall_SU_R_Blow_DPI               ? 
_refine.pdbx_overall_SU_R_free_Blow_DPI          ? 
# 
_refine_hist.pdbx_refine_id                   'X-RAY DIFFRACTION' 
_refine_hist.cycle_id                         LAST 
_refine_hist.pdbx_number_atoms_protein        1213 
_refine_hist.pdbx_number_atoms_nucleic_acid   0 
_refine_hist.pdbx_number_atoms_ligand         35 
_refine_hist.number_atoms_solvent             85 
_refine_hist.number_atoms_total               1333 
_refine_hist.d_res_high                       1.56 
_refine_hist.d_res_low                        26.38 
# 
loop_
_refine_ls_restr.type 
_refine_ls_restr.dev_ideal 
_refine_ls_restr.dev_ideal_target 
_refine_ls_restr.weight 
_refine_ls_restr.number 
_refine_ls_restr.pdbx_refine_id 
_refine_ls_restr.pdbx_restraint_function 
r_bond_refined_d             0.005  0.022  ? 1332 'X-RAY DIFFRACTION' ? 
r_bond_other_d               0.001  0.020  ? 877  'X-RAY DIFFRACTION' ? 
r_angle_refined_deg          0.967  2.036  ? 1815 'X-RAY DIFFRACTION' ? 
r_angle_other_deg            0.761  3.003  ? 2159 'X-RAY DIFFRACTION' ? 
r_dihedral_angle_1_deg       4.905  5.000  ? 167  'X-RAY DIFFRACTION' ? 
r_dihedral_angle_2_deg       41.391 25.800 ? 50   'X-RAY DIFFRACTION' ? 
r_dihedral_angle_3_deg       11.696 15.000 ? 252  'X-RAY DIFFRACTION' ? 
r_dihedral_angle_4_deg       13.944 15.000 ? 4    'X-RAY DIFFRACTION' ? 
r_chiral_restr               0.059  0.200  ? 225  'X-RAY DIFFRACTION' ? 
r_gen_planes_refined         0.002  0.020  ? 1400 'X-RAY DIFFRACTION' ? 
r_gen_planes_other           0.001  0.020  ? 224  'X-RAY DIFFRACTION' ? 
r_nbd_refined                ?      ?      ? ?    'X-RAY DIFFRACTION' ? 
r_nbd_other                  ?      ?      ? ?    'X-RAY DIFFRACTION' ? 
r_nbtor_refined              ?      ?      ? ?    'X-RAY DIFFRACTION' ? 
r_nbtor_other                ?      ?      ? ?    'X-RAY DIFFRACTION' ? 
r_xyhbond_nbd_refined        ?      ?      ? ?    'X-RAY DIFFRACTION' ? 
r_xyhbond_nbd_other          ?      ?      ? ?    'X-RAY DIFFRACTION' ? 
r_metal_ion_refined          ?      ?      ? ?    'X-RAY DIFFRACTION' ? 
r_metal_ion_other            ?      ?      ? ?    'X-RAY DIFFRACTION' ? 
r_symmetry_vdw_refined       ?      ?      ? ?    'X-RAY DIFFRACTION' ? 
r_symmetry_vdw_other         ?      ?      ? ?    'X-RAY DIFFRACTION' ? 
r_symmetry_hbond_refined     ?      ?      ? ?    'X-RAY DIFFRACTION' ? 
r_symmetry_hbond_other       ?      ?      ? ?    'X-RAY DIFFRACTION' ? 
r_symmetry_metal_ion_refined ?      ?      ? ?    'X-RAY DIFFRACTION' ? 
r_symmetry_metal_ion_other   ?      ?      ? ?    'X-RAY DIFFRACTION' ? 
r_mcbond_it                  5.638  5.000  ? 798  'X-RAY DIFFRACTION' ? 
r_mcbond_other               1.569  5.000  ? 332  'X-RAY DIFFRACTION' ? 
r_mcangle_it                 7.993  10.000 ? 1304 'X-RAY DIFFRACTION' ? 
r_mcangle_other              ?      ?      ? ?    'X-RAY DIFFRACTION' ? 
r_scbond_it                  13.774 15.000 ? 534  'X-RAY DIFFRACTION' ? 
r_scbond_other               ?      ?      ? ?    'X-RAY DIFFRACTION' ? 
r_scangle_it                 18.907 20.000 ? 506  'X-RAY DIFFRACTION' ? 
r_scangle_other              ?      ?      ? ?    'X-RAY DIFFRACTION' ? 
r_long_range_B_refined       ?      ?      ? ?    'X-RAY DIFFRACTION' ? 
r_long_range_B_other         ?      ?      ? ?    'X-RAY DIFFRACTION' ? 
r_rigid_bond_restr           ?      ?      ? ?    'X-RAY DIFFRACTION' ? 
r_sphericity_free            ?      ?      ? ?    'X-RAY DIFFRACTION' ? 
r_sphericity_bonded          ?      ?      ? ?    'X-RAY DIFFRACTION' ? 
# 
_refine_ls_shell.pdbx_refine_id                   'X-RAY DIFFRACTION' 
_refine_ls_shell.pdbx_total_number_of_bins_used   20 
_refine_ls_shell.d_res_high                       1.560 
_refine_ls_shell.d_res_low                        1.600 
_refine_ls_shell.number_reflns_R_work             0 
_refine_ls_shell.R_factor_R_work                  0.000 
_refine_ls_shell.percent_reflns_obs               0.00 
_refine_ls_shell.R_factor_R_free                  0.000 
_refine_ls_shell.R_factor_R_free_error            ? 
_refine_ls_shell.percent_reflns_R_free            ? 
_refine_ls_shell.number_reflns_R_free             0 
_refine_ls_shell.number_reflns_all                ? 
_refine_ls_shell.R_factor_all                     ? 
# 
_struct.entry_id                  4C81 
_struct.title                     'IspF (Plasmodium falciparum) CDP complex' 
_struct.pdbx_model_details        ? 
_struct.pdbx_CASP_flag            ? 
_struct.pdbx_model_type_details   ? 
# 
_struct_keywords.entry_id        4C81 
_struct_keywords.pdbx_keywords   LYASE 
_struct_keywords.text            LYASE 
# 
loop_
_struct_asym.id 
_struct_asym.pdbx_blank_PDB_chainid_flag 
_struct_asym.pdbx_modified 
_struct_asym.entity_id 
_struct_asym.details 
A N N 1 ? 
B N N 2 ? 
C N N 2 ? 
D N N 3 ? 
E N N 4 ? 
F N N 4 ? 
G N N 4 ? 
H N N 5 ? 
I N N 6 ? 
# 
loop_
_struct_conf.conf_type_id 
_struct_conf.id 
_struct_conf.pdbx_PDB_helix_id 
_struct_conf.beg_label_comp_id 
_struct_conf.beg_label_asym_id 
_struct_conf.beg_label_seq_id 
_struct_conf.pdbx_beg_PDB_ins_code 
_struct_conf.end_label_comp_id 
_struct_conf.end_label_asym_id 
_struct_conf.end_label_seq_id 
_struct_conf.pdbx_end_PDB_ins_code 
_struct_conf.beg_auth_comp_id 
_struct_conf.beg_auth_asym_id 
_struct_conf.beg_auth_seq_id 
_struct_conf.end_auth_comp_id 
_struct_conf.end_auth_asym_id 
_struct_conf.end_auth_seq_id 
_struct_conf.pdbx_PDB_helix_class 
_struct_conf.details 
_struct_conf.pdbx_PDB_helix_length 
HELX_P HELX_P1 1 ASP A 63  ? GLY A 78  ? ASP A 119 GLY A 134 1 ? 16 
HELX_P HELX_P2 2 ASP A 81  ? PHE A 86  ? ASP A 137 PHE A 142 1 ? 6  
HELX_P HELX_P3 3 LYS A 96  ? LYS A 112 ? LYS A 152 LYS A 168 1 ? 17 
HELX_P HELX_P4 4 LYS A 129 ? ASN A 146 ? LYS A 185 ASN A 202 1 ? 18 
HELX_P HELX_P5 5 ASP A 148 ? SER A 150 ? ASP A 204 SER A 206 5 ? 3  
HELX_P HELX_P6 6 LEU A 162 ? GLU A 167 ? LEU A 218 GLU A 223 1 ? 6  
# 
_struct_conf_type.id          HELX_P 
_struct_conf_type.criteria    ? 
_struct_conf_type.reference   ? 
# 
loop_
_struct_conn.id 
_struct_conn.conn_type_id 
_struct_conn.pdbx_leaving_atom_flag 
_struct_conn.pdbx_PDB_id 
_struct_conn.ptnr1_label_asym_id 
_struct_conn.ptnr1_label_comp_id 
_struct_conn.ptnr1_label_seq_id 
_struct_conn.ptnr1_label_atom_id 
_struct_conn.pdbx_ptnr1_label_alt_id 
_struct_conn.pdbx_ptnr1_PDB_ins_code 
_struct_conn.pdbx_ptnr1_standard_comp_id 
_struct_conn.ptnr1_symmetry 
_struct_conn.ptnr2_label_asym_id 
_struct_conn.ptnr2_label_comp_id 
_struct_conn.ptnr2_label_seq_id 
_struct_conn.ptnr2_label_atom_id 
_struct_conn.pdbx_ptnr2_label_alt_id 
_struct_conn.pdbx_ptnr2_PDB_ins_code 
_struct_conn.ptnr1_auth_asym_id 
_struct_conn.ptnr1_auth_comp_id 
_struct_conn.ptnr1_auth_seq_id 
_struct_conn.ptnr2_auth_asym_id 
_struct_conn.ptnr2_auth_comp_id 
_struct_conn.ptnr2_auth_seq_id 
_struct_conn.ptnr2_symmetry 
_struct_conn.pdbx_ptnr3_label_atom_id 
_struct_conn.pdbx_ptnr3_label_seq_id 
_struct_conn.pdbx_ptnr3_label_comp_id 
_struct_conn.pdbx_ptnr3_label_asym_id 
_struct_conn.pdbx_ptnr3_label_alt_id 
_struct_conn.pdbx_ptnr3_PDB_ins_code 
_struct_conn.details 
_struct_conn.pdbx_dist_value 
_struct_conn.pdbx_value_order 
_struct_conn.pdbx_role 
metalc1 metalc ? ? A ASP 15  OD2 ? ? ? 1_555 B ZN  . ZN ? ? A ASP 71   A ZN  1240 1_555 ? ? ? ? ? ? ? 2.016 ? ? 
metalc2 metalc ? ? A HIS 17  NE2 ? ? ? 1_555 B ZN  . ZN ? ? A HIS 73   A ZN  1240 1_555 ? ? ? ? ? ? ? 2.047 ? ? 
metalc3 metalc ? ? A HIS 67  ND1 ? ? ? 1_555 B ZN  . ZN ? ? A HIS 123  A ZN  1240 1_555 ? ? ? ? ? ? ? 2.060 ? ? 
metalc4 metalc ? ? A HIS 159 NE2 ? ? ? 1_555 C ZN  . ZN ? ? A HIS 215  A ZN  1241 1_555 ? ? ? ? ? ? ? 2.057 ? ? 
metalc5 metalc ? ? A GLU 172 OE1 ? ? ? 2_455 C ZN  . ZN ? ? A GLU 228  A ZN  1241 1_555 ? ? ? ? ? ? ? 2.350 ? ? 
metalc6 metalc ? ? B ZN  .   ZN  ? ? ? 1_555 I HOH . O  ? ? A ZN  1240 A HOH 2009 1_555 ? ? ? ? ? ? ? 1.821 ? ? 
metalc7 metalc ? ? C ZN  .   ZN  ? ? ? 1_555 E CL  . CL ? ? A ZN  1241 A CL  1244 1_555 ? ? ? ? ? ? ? 2.199 ? ? 
metalc8 metalc ? ? C ZN  .   ZN  ? ? ? 1_555 G CL  . CL ? ? A ZN  1241 A CL  1246 1_555 ? ? ? ? ? ? ? 2.302 ? ? 
# 
_struct_conn_type.id          metalc 
_struct_conn_type.criteria    ? 
_struct_conn_type.reference   ? 
# 
_struct_mon_prot_cis.pdbx_id                1 
_struct_mon_prot_cis.label_comp_id          VAL 
_struct_mon_prot_cis.label_seq_id           127 
_struct_mon_prot_cis.label_asym_id          A 
_struct_mon_prot_cis.label_alt_id           . 
_struct_mon_prot_cis.pdbx_PDB_ins_code      ? 
_struct_mon_prot_cis.auth_comp_id           VAL 
_struct_mon_prot_cis.auth_seq_id            183 
_struct_mon_prot_cis.auth_asym_id           A 
_struct_mon_prot_cis.pdbx_label_comp_id_2   PRO 
_struct_mon_prot_cis.pdbx_label_seq_id_2    128 
_struct_mon_prot_cis.pdbx_label_asym_id_2   A 
_struct_mon_prot_cis.pdbx_PDB_ins_code_2    ? 
_struct_mon_prot_cis.pdbx_auth_comp_id_2    PRO 
_struct_mon_prot_cis.pdbx_auth_seq_id_2     184 
_struct_mon_prot_cis.pdbx_auth_asym_id_2    A 
_struct_mon_prot_cis.pdbx_PDB_model_num     1 
_struct_mon_prot_cis.pdbx_omega_angle       0.83 
# 
_struct_sheet.id               AA 
_struct_sheet.type             ? 
_struct_sheet.number_strands   6 
_struct_sheet.details          ? 
# 
loop_
_struct_sheet_order.sheet_id 
_struct_sheet_order.range_id_1 
_struct_sheet_order.range_id_2 
_struct_sheet_order.offset 
_struct_sheet_order.sense 
AA 1 2 ? anti-parallel 
AA 2 3 ? anti-parallel 
AA 3 4 ? anti-parallel 
AA 4 5 ? anti-parallel 
AA 5 6 ? parallel      
# 
loop_
_struct_sheet_range.sheet_id 
_struct_sheet_range.id 
_struct_sheet_range.beg_label_comp_id 
_struct_sheet_range.beg_label_asym_id 
_struct_sheet_range.beg_label_seq_id 
_struct_sheet_range.pdbx_beg_PDB_ins_code 
_struct_sheet_range.end_label_comp_id 
_struct_sheet_range.end_label_asym_id 
_struct_sheet_range.end_label_seq_id 
_struct_sheet_range.pdbx_end_PDB_ins_code 
_struct_sheet_range.beg_auth_comp_id 
_struct_sheet_range.beg_auth_asym_id 
_struct_sheet_range.beg_auth_seq_id 
_struct_sheet_range.end_auth_comp_id 
_struct_sheet_range.end_auth_asym_id 
_struct_sheet_range.end_auth_seq_id 
AA 1 THR A 43  ? LEU A 46  ? THR A 99  LEU A 102 
AA 2 VAL A 49  ? LEU A 57  ? VAL A 105 LEU A 113 
AA 3 ARG A 9   ? VAL A 21  ? ARG A 65  VAL A 77  
AA 4 ALA A 170 ? PRO A 181 ? ALA A 226 PRO A 237 
AA 5 TYR A 114 ? ILE A 124 ? TYR A 170 ILE A 180 
AA 6 ILE A 152 ? LYS A 157 ? ILE A 208 LYS A 213 
# 
loop_
_pdbx_struct_sheet_hbond.sheet_id 
_pdbx_struct_sheet_hbond.range_id_1 
_pdbx_struct_sheet_hbond.range_id_2 
_pdbx_struct_sheet_hbond.range_1_label_atom_id 
_pdbx_struct_sheet_hbond.range_1_label_comp_id 
_pdbx_struct_sheet_hbond.range_1_label_asym_id 
_pdbx_struct_sheet_hbond.range_1_label_seq_id 
_pdbx_struct_sheet_hbond.range_1_PDB_ins_code 
_pdbx_struct_sheet_hbond.range_1_auth_atom_id 
_pdbx_struct_sheet_hbond.range_1_auth_comp_id 
_pdbx_struct_sheet_hbond.range_1_auth_asym_id 
_pdbx_struct_sheet_hbond.range_1_auth_seq_id 
_pdbx_struct_sheet_hbond.range_2_label_atom_id 
_pdbx_struct_sheet_hbond.range_2_label_comp_id 
_pdbx_struct_sheet_hbond.range_2_label_asym_id 
_pdbx_struct_sheet_hbond.range_2_label_seq_id 
_pdbx_struct_sheet_hbond.range_2_PDB_ins_code 
_pdbx_struct_sheet_hbond.range_2_auth_atom_id 
_pdbx_struct_sheet_hbond.range_2_auth_comp_id 
_pdbx_struct_sheet_hbond.range_2_auth_asym_id 
_pdbx_struct_sheet_hbond.range_2_auth_seq_id 
AA 1 2 N LEU A 46  ? N LEU A 102 O VAL A 49  ? O VAL A 105 
AA 2 3 N LEU A 57  ? N LEU A 113 O LYS A 18  ? O LYS A 74  
AA 3 4 N HIS A 17  ? N HIS A 73  O ILE A 171 ? O ILE A 227 
AA 4 5 N ILE A 180 ? N ILE A 236 O ASP A 115 ? O ASP A 171 
AA 5 6 N ILE A 121 ? N ILE A 177 O SER A 153 ? O SER A 209 
# 
loop_
_struct_site.id 
_struct_site.pdbx_evidence_code 
_struct_site.pdbx_auth_asym_id 
_struct_site.pdbx_auth_comp_id 
_struct_site.pdbx_auth_seq_id 
_struct_site.pdbx_auth_ins_code 
_struct_site.pdbx_num_residues 
_struct_site.details 
AC1 Software A ZN  1240 ? 5  'BINDING SITE FOR RESIDUE ZN A 1240'  
AC2 Software A ZN  1241 ? 5  'BINDING SITE FOR RESIDUE ZN A 1241'  
AC3 Software A CDP 1242 ? 21 'BINDING SITE FOR RESIDUE CDP A 1242' 
AC4 Software A CL  1244 ? 3  'BINDING SITE FOR RESIDUE CL A 1244'  
AC5 Software A CL  1245 ? 4  'BINDING SITE FOR RESIDUE CL A 1245'  
AC6 Software A CL  1246 ? 4  'BINDING SITE FOR RESIDUE CL A 1246'  
AC7 Software A SO4 1247 ? 12 'BINDING SITE FOR RESIDUE SO4 A 1247' 
# 
loop_
_struct_site_gen.id 
_struct_site_gen.site_id 
_struct_site_gen.pdbx_num_res 
_struct_site_gen.label_comp_id 
_struct_site_gen.label_asym_id 
_struct_site_gen.label_seq_id 
_struct_site_gen.pdbx_auth_ins_code 
_struct_site_gen.auth_comp_id 
_struct_site_gen.auth_asym_id 
_struct_site_gen.auth_seq_id 
_struct_site_gen.label_atom_id 
_struct_site_gen.label_alt_id 
_struct_site_gen.symmetry 
_struct_site_gen.details 
1  AC1 5  ASP A 15  ? ASP A 71   . ? 1_555 ? 
2  AC1 5  HIS A 17  ? HIS A 73   . ? 1_555 ? 
3  AC1 5  HIS A 67  ? HIS A 123  . ? 1_555 ? 
4  AC1 5  CDP D .   ? CDP A 1242 . ? 1_555 ? 
5  AC1 5  HOH I .   ? HOH A 2009 . ? 1_555 ? 
6  AC2 5  TYR A 14  ? TYR A 70   . ? 2_455 ? 
7  AC2 5  HIS A 159 ? HIS A 215  . ? 1_555 ? 
8  AC2 5  GLU A 172 ? GLU A 228  . ? 2_455 ? 
9  AC2 5  CL  E .   ? CL  A 1244 . ? 1_555 ? 
10 AC2 5  CL  G .   ? CL  A 1246 . ? 1_555 ? 
11 AC3 21 ASP A 81  ? ASP A 137  . ? 1_555 ? 
12 AC3 21 GLY A 83  ? GLY A 139  . ? 1_555 ? 
13 AC3 21 THR A 84  ? THR A 140  . ? 1_555 ? 
14 AC3 21 ALA A 125 ? ALA A 181  . ? 3_445 ? 
15 AC3 21 PRO A 128 ? PRO A 184  . ? 3_445 ? 
16 AC3 21 LYS A 129 ? LYS A 185  . ? 3_445 ? 
17 AC3 21 ILE A 130 ? ILE A 186  . ? 3_445 ? 
18 AC3 21 SER A 131 ? SER A 187  . ? 3_445 ? 
19 AC3 21 GLY A 156 ? GLY A 212  . ? 3_445 ? 
20 AC3 21 LYS A 157 ? LYS A 213  . ? 3_445 ? 
21 AC3 21 THR A 158 ? THR A 214  . ? 3_445 ? 
22 AC3 21 GLU A 160 ? GLU A 216  . ? 3_445 ? 
23 AC3 21 ZN  B .   ? ZN  A 1240 . ? 1_555 ? 
24 AC3 21 HOH I .   ? HOH A 2008 . ? 1_555 ? 
25 AC3 21 HOH I .   ? HOH A 2009 . ? 1_555 ? 
26 AC3 21 HOH I .   ? HOH A 2010 . ? 1_555 ? 
27 AC3 21 HOH I .   ? HOH A 2040 . ? 1_555 ? 
28 AC3 21 HOH I .   ? HOH A 2041 . ? 1_555 ? 
29 AC3 21 HOH I .   ? HOH A 2081 . ? 1_555 ? 
30 AC3 21 HOH I .   ? HOH A 2082 . ? 1_555 ? 
31 AC3 21 HOH I .   ? HOH A 2083 . ? 1_555 ? 
32 AC4 3  HIS A 159 ? HIS A 215  . ? 1_555 ? 
33 AC4 3  ILE A 165 ? ILE A 221  . ? 2_455 ? 
34 AC4 3  ZN  C .   ? ZN  A 1241 . ? 1_555 ? 
35 AC5 4  HIS A 17  ? HIS A 73   . ? 1_555 ? 
36 AC5 4  LYS A 18  ? LYS A 74   . ? 1_555 ? 
37 AC5 4  LEU A 57  ? LEU A 113  . ? 1_555 ? 
38 AC5 4  GLU A 160 ? GLU A 216  . ? 3_445 ? 
39 AC6 4  HIS A 159 ? HIS A 215  . ? 1_555 ? 
40 AC6 4  GLU A 172 ? GLU A 228  . ? 2_455 ? 
41 AC6 4  GLU A 172 ? GLU A 228  . ? 1_555 ? 
42 AC6 4  ZN  C .   ? ZN  A 1241 . ? 1_555 ? 
43 AC7 12 GLY A 163 ? GLY A 219  . ? 1_555 ? 
44 AC7 12 GLY A 163 ? GLY A 219  . ? 2_455 ? 
45 AC7 12 GLY A 163 ? GLY A 219  . ? 3_445 ? 
46 AC7 12 VAL A 164 ? VAL A 220  . ? 1_555 ? 
47 AC7 12 VAL A 164 ? VAL A 220  . ? 2_455 ? 
48 AC7 12 VAL A 164 ? VAL A 220  . ? 3_445 ? 
49 AC7 12 HOH I .   ? HOH A 2077 . ? 2_455 ? 
50 AC7 12 HOH I .   ? HOH A 2077 . ? 3_445 ? 
51 AC7 12 HOH I .   ? HOH A 2077 . ? 1_555 ? 
52 AC7 12 HOH I .   ? HOH A 2085 . ? 2_455 ? 
53 AC7 12 HOH I .   ? HOH A 2085 . ? 3_445 ? 
54 AC7 12 HOH I .   ? HOH A 2085 . ? 1_555 ? 
# 
_atom_sites.entry_id                    4C81 
_atom_sites.fract_transf_matrix[1][1]   0.00739478 
_atom_sites.fract_transf_matrix[1][2]   0.00517514 
_atom_sites.fract_transf_matrix[1][3]   -0.01018227 
_atom_sites.fract_transf_matrix[2][1]   -0.00454862 
_atom_sites.fract_transf_matrix[2][2]   -0.00079598 
_atom_sites.fract_transf_matrix[2][3]   -0.01279842 
_atom_sites.fract_transf_matrix[3][1]   -0.00458921 
_atom_sites.fract_transf_matrix[3][2]   0.00870183 
_atom_sites.fract_transf_matrix[3][3]   0.00108983 
_atom_sites.fract_transf_vector[1]      -0.502114 
_atom_sites.fract_transf_vector[2]      -0.317966 
_atom_sites.fract_transf_vector[3]      0.124031 
# 
loop_
_atom_type.symbol 
C  
CL 
N  
O  
P  
S  
ZN 
# 
loop_
_atom_site.group_PDB 
_atom_site.id 
_atom_site.type_symbol 
_atom_site.label_atom_id 
_atom_site.label_alt_id 
_atom_site.label_comp_id 
_atom_site.label_asym_id 
_atom_site.label_entity_id 
_atom_site.label_seq_id 
_atom_site.pdbx_PDB_ins_code 
_atom_site.Cartn_x 
_atom_site.Cartn_y 
_atom_site.Cartn_z 
_atom_site.occupancy 
_atom_site.B_iso_or_equiv 
_atom_site.pdbx_formal_charge 
_atom_site.auth_seq_id 
_atom_site.auth_comp_id 
_atom_site.auth_asym_id 
_atom_site.auth_atom_id 
_atom_site.pdbx_PDB_model_num 
ATOM   1    N  N     . SER A 1 4   ? 8.759   -20.003 17.753  1.00  74.00  ? 60   SER A N     1 
ATOM   2    C  CA    . SER A 1 4   ? 7.773   -19.057 17.155  1.00  68.58  ? 60   SER A CA    1 
ATOM   3    C  C     . SER A 1 4   ? 7.023   -19.704 15.991  1.00  64.42  ? 60   SER A C     1 
ATOM   4    O  O     . SER A 1 4   ? 7.412   -20.767 15.504  1.00  63.39  ? 60   SER A O     1 
ATOM   5    C  CB    . SER A 1 4   ? 8.479   -17.783 16.682  1.00  69.20  ? 60   SER A CB    1 
ATOM   6    O  OG    . SER A 1 4   ? 9.486   -18.080 15.731  1.00  75.48  ? 60   SER A OG    1 
ATOM   7    N  N     . TYR A 1 5   ? 5.949   -19.051 15.552  1.00  39.80  ? 61   TYR A N     1 
ATOM   8    C  CA    . TYR A 1 5   ? 5.122   -19.563 14.459  1.00  25.88  ? 61   TYR A CA    1 
ATOM   9    C  C     . TYR A 1 5   ? 5.794   -19.306 13.114  1.00  24.59  ? 61   TYR A C     1 
ATOM   10   O  O     . TYR A 1 5   ? 6.126   -18.164 12.786  1.00  32.91  ? 61   TYR A O     1 
ATOM   11   C  CB    . TYR A 1 5   ? 3.729   -18.924 14.502  1.00  25.49  ? 61   TYR A CB    1 
ATOM   12   C  CG    . TYR A 1 5   ? 2.814   -19.325 13.360  1.00  26.44  ? 61   TYR A CG    1 
ATOM   13   C  CD1   . TYR A 1 5   ? 2.288   -20.611 13.280  1.00  25.56  ? 61   TYR A CD1   1 
ATOM   14   C  CD2   . TYR A 1 5   ? 2.475   -18.410 12.361  1.00  25.26  ? 61   TYR A CD2   1 
ATOM   15   C  CE1   . TYR A 1 5   ? 1.448   -20.981 12.226  1.00  33.88  ? 61   TYR A CE1   1 
ATOM   16   C  CE2   . TYR A 1 5   ? 1.641   -18.768 11.310  1.00  28.44  ? 61   TYR A CE2   1 
ATOM   17   C  CZ    . TYR A 1 5   ? 1.125   -20.052 11.244  1.00  16.88  ? 61   TYR A CZ    1 
ATOM   18   O  OH    . TYR A 1 5   ? 0.297   -20.423 10.208  1.00  24.27  ? 61   TYR A OH    1 
ATOM   19   N  N     . ASN A 1 6   ? 5.998   -20.376 12.347  1.00  28.37  ? 62   ASN A N     1 
ATOM   20   C  CA    . ASN A 1 6   ? 6.665   -20.298 11.048  1.00  28.68  ? 62   ASN A CA    1 
ATOM   21   C  C     . ASN A 1 6   ? 5.785   -20.824 9.912   1.00  29.70  ? 62   ASN A C     1 
ATOM   22   O  O     . ASN A 1 6   ? 6.293   -21.244 8.870   1.00  34.25  ? 62   ASN A O     1 
ATOM   23   C  CB    . ASN A 1 6   ? 7.994   -21.071 11.093  1.00  30.44  ? 62   ASN A CB    1 
ATOM   24   C  CG    . ASN A 1 6   ? 9.099   -20.315 11.825  1.00  72.02  ? 62   ASN A CG    1 
ATOM   25   O  OD1   . ASN A 1 6   ? 8.856   -19.314 12.500  1.00  51.70  ? 62   ASN A OD1   1 
ATOM   26   N  ND2   . ASN A 1 6   ? 10.328  -20.800 11.687  1.00  140.96 ? 62   ASN A ND2   1 
ATOM   27   N  N     . GLY A 1 7   ? 4.468   -20.786 10.108  1.00  26.86  ? 63   GLY A N     1 
ATOM   28   C  CA    . GLY A 1 7   ? 3.520   -21.229 9.087   1.00  25.02  ? 63   GLY A CA    1 
ATOM   29   C  C     . GLY A 1 7   ? 3.021   -20.075 8.239   1.00  19.45  ? 63   GLY A C     1 
ATOM   30   O  O     . GLY A 1 7   ? 3.525   -18.954 8.343   1.00  21.53  ? 63   GLY A O     1 
ATOM   31   N  N     . ILE A 1 8   ? 2.023   -20.353 7.403   1.00  24.55  ? 64   ILE A N     1 
ATOM   32   C  CA    A ILE A 1 8   ? 1.438   -19.330 6.541   0.50  17.43  ? 64   ILE A CA    1 
ATOM   33   C  CA    B ILE A 1 8   ? 1.425   -19.333 6.541   0.50  19.59  ? 64   ILE A CA    1 
ATOM   34   C  C     . ILE A 1 8   ? 0.890   -18.179 7.391   1.00  19.92  ? 64   ILE A C     1 
ATOM   35   O  O     . ILE A 1 8   ? 0.293   -18.404 8.445   1.00  18.17  ? 64   ILE A O     1 
ATOM   36   C  CB    A ILE A 1 8   ? 0.338   -19.924 5.619   0.50  14.93  ? 64   ILE A CB    1 
ATOM   37   C  CB    B ILE A 1 8   ? 0.288   -19.918 5.669   0.50  32.67  ? 64   ILE A CB    1 
ATOM   38   C  CG1   A ILE A 1 8   ? -0.115  -18.893 4.580   0.50  18.88  ? 64   ILE A CG1   1 
ATOM   39   C  CG1   B ILE A 1 8   ? 0.851   -20.909 4.646   0.50  25.94  ? 64   ILE A CG1   1 
ATOM   40   C  CG2   A ILE A 1 8   ? -0.848  -20.430 6.434   0.50  27.84  ? 64   ILE A CG2   1 
ATOM   41   C  CG2   B ILE A 1 8   ? -0.462  -18.810 4.941   0.50  31.68  ? 64   ILE A CG2   1 
ATOM   42   C  CD1   A ILE A 1 8   ? -1.023  -19.469 3.515   0.50  23.80  ? 64   ILE A CD1   1 
ATOM   43   C  CD1   B ILE A 1 8   ? -0.206  -21.525 3.755   0.50  23.69  ? 64   ILE A CD1   1 
ATOM   44   N  N     . ARG A 1 9   ? 1.116   -16.951 6.926   1.00  18.12  ? 65   ARG A N     1 
ATOM   45   C  CA    . ARG A 1 9   ? 0.718   -15.744 7.658   1.00  14.80  ? 65   ARG A CA    1 
ATOM   46   C  C     . ARG A 1 9   ? -0.145  -14.829 6.799   1.00  14.74  ? 65   ARG A C     1 
ATOM   47   O  O     . ARG A 1 9   ? 0.140   -14.618 5.618   1.00  16.71  ? 65   ARG A O     1 
ATOM   48   C  CB    . ARG A 1 9   ? 1.951   -14.978 8.138   1.00  21.20  ? 65   ARG A CB    1 
ATOM   49   C  CG    . ARG A 1 9   ? 2.599   -15.583 9.380   1.00  22.60  ? 65   ARG A CG    1 
ATOM   50   C  CD    . ARG A 1 9   ? 3.964   -14.985 9.660   1.00  24.88  ? 65   ARG A CD    1 
ATOM   51   N  NE    . ARG A 1 9   ? 4.528   -15.492 10.913  1.00  26.67  ? 65   ARG A NE    1 
ATOM   52   C  CZ    . ARG A 1 9   ? 4.269   -15.010 12.129  1.00  26.41  ? 65   ARG A CZ    1 
ATOM   53   N  NH1   . ARG A 1 9   ? 3.444   -13.979 12.307  1.00  22.83  ? 65   ARG A NH1   1 
ATOM   54   N  NH2   . ARG A 1 9   ? 4.848   -15.564 13.190  1.00  28.83  ? 65   ARG A NH2   1 
ATOM   55   N  N     . ILE A 1 10  ? -1.199  -14.301 7.418   1.00  15.59  ? 66   ILE A N     1 
ATOM   56   C  CA    . ILE A 1 10  ? -2.089  -13.314 6.809   1.00  15.04  ? 66   ILE A CA    1 
ATOM   57   C  C     . ILE A 1 10  ? -1.766  -11.927 7.354   1.00  16.28  ? 66   ILE A C     1 
ATOM   58   O  O     . ILE A 1 10  ? -1.475  -11.757 8.543   1.00  14.81  ? 66   ILE A O     1 
ATOM   59   C  CB    . ILE A 1 10  ? -3.587  -13.647 7.089   1.00  14.37  ? 66   ILE A CB    1 
ATOM   60   C  CG1   . ILE A 1 10  ? -4.524  -12.704 6.321   1.00  16.06  ? 66   ILE A CG1   1 
ATOM   61   C  CG2   . ILE A 1 10  ? -3.894  -13.577 8.577   1.00  16.12  ? 66   ILE A CG2   1 
ATOM   62   C  CD1   . ILE A 1 10  ? -5.973  -13.135 6.362   1.00  17.89  ? 66   ILE A CD1   1 
ATOM   63   N  N     . GLY A 1 11  ? -1.826  -10.933 6.471   1.00  14.32  ? 67   GLY A N     1 
ATOM   64   C  CA    . GLY A 1 11  ? -1.677  -9.545  6.861   1.00  16.36  ? 67   GLY A CA    1 
ATOM   65   C  C     . GLY A 1 11  ? -2.694  -8.658  6.174   1.00  14.83  ? 67   GLY A C     1 
ATOM   66   O  O     . GLY A 1 11  ? -3.069  -8.900  5.029   1.00  13.89  ? 67   GLY A O     1 
ATOM   67   N  N     . GLN A 1 12  ? -3.152  -7.639  6.894   1.00  16.38  ? 68   GLN A N     1 
ATOM   68   C  CA    . GLN A 1 12  ? -3.999  -6.599  6.327   1.00  13.54  ? 68   GLN A CA    1 
ATOM   69   C  C     . GLN A 1 12  ? -3.452  -5.239  6.722   1.00  12.39  ? 68   GLN A C     1 
ATOM   70   O  O     . GLN A 1 12  ? -3.250  -4.968  7.898   1.00  14.81  ? 68   GLN A O     1 
ATOM   71   C  CB    . GLN A 1 12  ? -5.433  -6.720  6.821   1.00  16.51  ? 68   GLN A CB    1 
ATOM   72   C  CG    . GLN A 1 12  ? -6.368  -5.713  6.175   1.00  15.79  ? 68   GLN A CG    1 
ATOM   73   C  CD    . GLN A 1 12  ? -7.763  -5.797  6.710   1.00  24.33  ? 68   GLN A CD    1 
ATOM   74   O  OE1   . GLN A 1 12  ? -8.024  -5.408  7.848   1.00  21.51  ? 68   GLN A OE1   1 
ATOM   75   N  NE2   . GLN A 1 12  ? -8.680  -6.306  5.893   1.00  26.13  ? 68   GLN A NE2   1 
ATOM   76   N  N     . GLY A 1 13  ? -3.223  -4.394  5.727   1.00  13.07  ? 69   GLY A N     1 
ATOM   77   C  CA    . GLY A 1 13  ? -2.780  -3.032  5.947   1.00  16.41  ? 69   GLY A CA    1 
ATOM   78   C  C     . GLY A 1 13  ? -3.900  -2.083  5.584   1.00  13.99  ? 69   GLY A C     1 
ATOM   79   O  O     . GLY A 1 13  ? -4.687  -2.359  4.682   1.00  15.28  ? 69   GLY A O     1 
ATOM   80   N  N     . TYR A 1 14  ? -3.997  -0.997  6.339   1.00  13.63  ? 70   TYR A N     1 
ATOM   81   C  CA    . TYR A 1 14  ? -4.961  0.054   6.067   1.00  14.75  ? 70   TYR A CA    1 
ATOM   82   C  C     . TYR A 1 14  ? -4.240  1.394   6.057   1.00  14.22  ? 70   TYR A C     1 
ATOM   83   O  O     . TYR A 1 14  ? -3.309  1.616   6.831   1.00  17.53  ? 70   TYR A O     1 
ATOM   84   C  CB    . TYR A 1 14  ? -6.051  0.058   7.133   1.00  14.44  ? 70   TYR A CB    1 
ATOM   85   C  CG    . TYR A 1 14  ? -6.904  1.304   7.112   1.00  14.28  ? 70   TYR A CG    1 
ATOM   86   C  CD1   . TYR A 1 14  ? -7.934  1.443   6.199   1.00  13.78  ? 70   TYR A CD1   1 
ATOM   87   C  CD2   . TYR A 1 14  ? -6.669  2.341   8.011   1.00  15.90  ? 70   TYR A CD2   1 
ATOM   88   C  CE1   . TYR A 1 14  ? -8.720  2.587   6.174   1.00  16.74  ? 70   TYR A CE1   1 
ATOM   89   C  CE2   . TYR A 1 14  ? -7.451  3.485   8.002   1.00  16.32  ? 70   TYR A CE2   1 
ATOM   90   C  CZ    . TYR A 1 14  ? -8.472  3.601   7.079   1.00  20.61  ? 70   TYR A CZ    1 
ATOM   91   O  OH    . TYR A 1 14  ? -9.240  4.736   7.065   1.00  23.93  ? 70   TYR A OH    1 
ATOM   92   N  N     . ASP A 1 15  ? -4.662  2.284   5.167   1.00  13.42  ? 71   ASP A N     1 
ATOM   93   C  CA    . ASP A 1 15  ? -4.185  3.656   5.202   1.00  13.49  ? 71   ASP A CA    1 
ATOM   94   C  C     . ASP A 1 15  ? -5.235  4.598   4.636   1.00  15.57  ? 71   ASP A C     1 
ATOM   95   O  O     . ASP A 1 15  ? -6.103  4.191   3.850   1.00  16.04  ? 71   ASP A O     1 
ATOM   96   C  CB    . ASP A 1 15  ? -2.870  3.795   4.435   1.00  13.61  ? 71   ASP A CB    1 
ATOM   97   C  CG    . ASP A 1 15  ? -2.129  5.083   4.760   1.00  19.65  ? 71   ASP A CG    1 
ATOM   98   O  OD1   . ASP A 1 15  ? -2.389  5.702   5.822   1.00  18.55  ? 71   ASP A OD1   1 
ATOM   99   O  OD2   . ASP A 1 15  ? -1.278  5.479   3.939   1.00  24.62  ? 71   ASP A OD2   1 
ATOM   100  N  N     . ILE A 1 16  ? -5.153  5.853   5.068   1.00  15.18  ? 72   ILE A N     1 
ATOM   101  C  CA    . ILE A 1 16  ? -6.030  6.922   4.610   1.00  18.44  ? 72   ILE A CA    1 
ATOM   102  C  C     . ILE A 1 16  ? -5.221  8.216   4.570   1.00  14.06  ? 72   ILE A C     1 
ATOM   103  O  O     . ILE A 1 16  ? -4.418  8.480   5.472   1.00  18.72  ? 72   ILE A O     1 
ATOM   104  C  CB    . ILE A 1 16  ? -7.275  7.084   5.539   1.00  19.92  ? 72   ILE A CB    1 
ATOM   105  C  CG1   . ILE A 1 16  ? -8.150  8.264   5.089   1.00  17.69  ? 72   ILE A CG1   1 
ATOM   106  C  CG2   . ILE A 1 16  ? -6.853  7.250   7.001   1.00  16.66  ? 72   ILE A CG2   1 
ATOM   107  C  CD1   . ILE A 1 16  ? -9.489  8.357   5.810   1.00  20.81  ? 72   ILE A CD1   1 
ATOM   108  N  N     . HIS A 1 17  ? -5.412  9.007   3.512   1.00  14.34  ? 73   HIS A N     1 
ATOM   109  C  CA    . HIS A 1 17  ? -4.842  10.349  3.453   1.00  18.67  ? 73   HIS A CA    1 
ATOM   110  C  C     . HIS A 1 17  ? -5.842  11.352  2.910   1.00  18.26  ? 73   HIS A C     1 
ATOM   111  O  O     . HIS A 1 17  ? -6.697  11.010  2.089   1.00  18.75  ? 73   HIS A O     1 
ATOM   112  C  CB    . HIS A 1 17  ? -3.548  10.364  2.632   1.00  16.73  ? 73   HIS A CB    1 
ATOM   113  C  CG    . HIS A 1 17  ? -2.382  9.767   3.359   1.00  17.75  ? 73   HIS A CG    1 
ATOM   114  N  ND1   . HIS A 1 17  ? -1.793  10.378  4.444   1.00  19.80  ? 73   HIS A ND1   1 
ATOM   115  C  CD2   . HIS A 1 17  ? -1.722  8.599   3.179   1.00  16.23  ? 73   HIS A CD2   1 
ATOM   116  C  CE1   . HIS A 1 17  ? -0.806  9.618   4.891   1.00  17.94  ? 73   HIS A CE1   1 
ATOM   117  N  NE2   . HIS A 1 17  ? -0.743  8.534   4.140   1.00  21.58  ? 73   HIS A NE2   1 
ATOM   118  N  N     . LYS A 1 18  ? -5.727  12.584  3.405   1.00  18.57  ? 74   LYS A N     1 
ATOM   119  C  CA    . LYS A 1 18  ? -6.541  13.702  2.950   1.00  18.93  ? 74   LYS A CA    1 
ATOM   120  C  C     . LYS A 1 18  ? -6.055  14.154  1.582   1.00  19.47  ? 74   LYS A C     1 
ATOM   121  O  O     . LYS A 1 18  ? -4.845  14.216  1.332   1.00  20.35  ? 74   LYS A O     1 
ATOM   122  C  CB    . LYS A 1 18  ? -6.450  14.874  3.933   1.00  21.37  ? 74   LYS A CB    1 
ATOM   123  C  CG    . LYS A 1 18  ? -6.994  14.577  5.324   1.00  21.12  ? 74   LYS A CG    1 
ATOM   124  C  CD    . LYS A 1 18  ? -6.718  15.722  6.305   1.00  30.88  ? 74   LYS A CD    1 
ATOM   125  C  CE    . LYS A 1 18  ? -7.481  16.996  5.956   1.00  51.11  ? 74   LYS A CE    1 
ATOM   126  N  NZ    . LYS A 1 18  ? -8.957  16.786  5.903   1.00  57.41  ? 74   LYS A NZ    1 
ATOM   127  N  N     . ILE A 1 19  ? -7.001  14.459  0.701   1.00  19.24  ? 75   ILE A N     1 
ATOM   128  C  CA    . ILE A 1 19  ? -6.677  14.928  -0.640  1.00  18.04  ? 75   ILE A CA    1 
ATOM   129  C  C     . ILE A 1 19  ? -7.477  16.166  -1.021  1.00  21.56  ? 75   ILE A C     1 
ATOM   130  O  O     . ILE A 1 19  ? -8.501  16.486  -0.403  1.00  20.83  ? 75   ILE A O     1 
ATOM   131  C  CB    . ILE A 1 19  ? -6.929  13.836  -1.709  1.00  18.36  ? 75   ILE A CB    1 
ATOM   132  C  CG1   . ILE A 1 19  ? -8.392  13.367  -1.694  1.00  19.12  ? 75   ILE A CG1   1 
ATOM   133  C  CG2   . ILE A 1 19  ? -5.988  12.660  -1.500  1.00  23.19  ? 75   ILE A CG2   1 
ATOM   134  C  CD1   . ILE A 1 19  ? -8.850  12.781  -3.007  1.00  19.91  ? 75   ILE A CD1   1 
ATOM   135  N  N     . LYS A 1 20  ? -6.988  16.850  -2.052  1.00  28.94  ? 76   LYS A N     1 
ATOM   136  C  CA    . LYS A 1 20  ? -7.687  17.966  -2.676  1.00  22.58  ? 76   LYS A CA    1 
ATOM   137  C  C     . LYS A 1 20  ? -7.603  17.779  -4.188  1.00  17.61  ? 76   LYS A C     1 
ATOM   138  O  O     . LYS A 1 20  ? -6.510  17.797  -4.762  1.00  22.86  ? 76   LYS A O     1 
ATOM   139  C  CB    . LYS A 1 20  ? -7.054  19.293  -2.255  1.00  25.09  ? 76   LYS A CB    1 
ATOM   140  C  CG    . LYS A 1 20  ? -7.691  20.526  -2.881  1.00  53.58  ? 76   LYS A CG    1 
ATOM   141  C  CD    . LYS A 1 20  ? -7.275  21.800  -2.161  1.00  47.46  ? 76   LYS A CD    1 
ATOM   142  C  CE    . LYS A 1 20  ? -8.036  21.987  -0.856  1.00  48.93  ? 76   LYS A CE    1 
ATOM   143  N  NZ    . LYS A 1 20  ? -7.651  23.239  -0.158  1.00  51.71  ? 76   LYS A NZ    1 
ATOM   144  N  N     . VAL A 1 21  ? -8.751  17.561  -4.823  1.00  23.25  ? 77   VAL A N     1 
ATOM   145  C  CA    . VAL A 1 21  ? -8.801  17.373  -6.269  1.00  23.72  ? 77   VAL A CA    1 
ATOM   146  C  C     . VAL A 1 21  ? -8.700  18.737  -6.940  1.00  27.71  ? 77   VAL A C     1 
ATOM   147  O  O     . VAL A 1 21  ? -9.394  19.677  -6.550  1.00  27.65  ? 77   VAL A O     1 
ATOM   148  C  CB    . VAL A 1 21  ? -10.097 16.662  -6.710  1.00  20.35  ? 77   VAL A CB    1 
ATOM   149  C  CG1   . VAL A 1 21  ? -10.150 16.543  -8.227  1.00  28.45  ? 77   VAL A CG1   1 
ATOM   150  C  CG2   . VAL A 1 21  ? -10.193 15.277  -6.062  1.00  27.24  ? 77   VAL A CG2   1 
ATOM   151  N  N     . LEU A 1 22  ? -7.824  18.839  -7.937  1.00  27.93  ? 78   LEU A N     1 
ATOM   152  C  CA    . LEU A 1 22  ? -7.617  20.095  -8.657  1.00  30.37  ? 78   LEU A CA    1 
ATOM   153  C  C     . LEU A 1 22  ? -8.720  20.283  -9.692  1.00  27.57  ? 78   LEU A C     1 
ATOM   154  O  O     . LEU A 1 22  ? -8.545  19.984  -10.878 1.00  34.64  ? 78   LEU A O     1 
ATOM   155  C  CB    . LEU A 1 22  ? -6.235  20.120  -9.318  1.00  30.25  ? 78   LEU A CB    1 
ATOM   156  C  CG    . LEU A 1 22  ? -5.044  19.986  -8.365  1.00  25.31  ? 78   LEU A CG    1 
ATOM   157  C  CD1   . LEU A 1 22  ? -3.726  20.037  -9.128  1.00  29.74  ? 78   LEU A CD1   1 
ATOM   158  C  CD2   . LEU A 1 22  ? -5.083  21.063  -7.286  1.00  26.12  ? 78   LEU A CD2   1 
ATOM   159  N  N     . ASP A 1 23  ? -9.865  20.761  -9.218  1.00  29.46  ? 79   ASP A N     1 
ATOM   160  C  CA    . ASP A 1 23  ? -11.019 21.039  -10.069 1.00  35.32  ? 79   ASP A CA    1 
ATOM   161  C  C     . ASP A 1 23  ? -11.086 22.548  -10.333 1.00  34.03  ? 79   ASP A C     1 
ATOM   162  O  O     . ASP A 1 23  ? -10.066 23.236  -10.249 1.00  35.68  ? 79   ASP A O     1 
ATOM   163  C  CB    . ASP A 1 23  ? -12.302 20.504  -9.407  1.00  33.26  ? 79   ASP A CB    1 
ATOM   164  C  CG    . ASP A 1 23  ? -12.621 21.183  -8.074  1.00  34.51  ? 79   ASP A CG    1 
ATOM   165  O  OD1   . ASP A 1 23  ? -11.913 22.135  -7.682  1.00  35.93  ? 79   ASP A OD1   1 
ATOM   166  O  OD2   . ASP A 1 23  ? -13.587 20.754  -7.409  1.00  40.41  ? 79   ASP A OD2   1 
ATOM   167  N  N     . GLU A 1 24  ? -12.272 23.055  -10.663 1.00  39.79  ? 80   GLU A N     1 
ATOM   168  C  CA    . GLU A 1 24  ? -12.497 24.494  -10.771 1.00  52.86  ? 80   GLU A CA    1 
ATOM   169  C  C     . GLU A 1 24  ? -13.128 24.999  -9.469  1.00  64.57  ? 80   GLU A C     1 
ATOM   170  O  O     . GLU A 1 24  ? -14.341 24.897  -9.274  1.00  60.79  ? 80   GLU A O     1 
ATOM   171  C  CB    . GLU A 1 24  ? -13.379 24.816  -11.981 1.00  59.23  ? 80   GLU A CB    1 
ATOM   172  C  CG    . GLU A 1 24  ? -12.698 24.565  -13.329 1.00  44.39  ? 80   GLU A CG    1 
ATOM   173  C  CD    . GLU A 1 24  ? -12.498 23.088  -13.638 1.00  97.65  ? 80   GLU A CD    1 
ATOM   174  O  OE1   . GLU A 1 24  ? -13.485 22.324  -13.572 1.00  108.94 ? 80   GLU A OE1   1 
ATOM   175  O  OE2   . GLU A 1 24  ? -11.355 22.692  -13.953 1.00  48.01  ? 80   GLU A OE2   1 
ATOM   176  N  N     . GLU A 1 25  ? -12.282 25.532  -8.586  1.00  75.94  ? 81   GLU A N     1 
ATOM   177  C  CA    . GLU A 1 25  ? -12.679 25.983  -7.244  1.00  34.57  ? 81   GLU A CA    1 
ATOM   178  C  C     . GLU A 1 25  ? -13.130 24.806  -6.381  1.00  76.92  ? 81   GLU A C     1 
ATOM   179  O  O     . GLU A 1 25  ? -12.352 24.263  -5.596  1.00  84.65  ? 81   GLU A O     1 
ATOM   180  C  CB    . GLU A 1 25  ? -13.783 27.051  -7.309  1.00  35.24  ? 81   GLU A CB    1 
ATOM   181  C  CG    . GLU A 1 25  ? -13.576 28.233  -6.361  1.00  33.10  ? 81   GLU A CG    1 
ATOM   182  C  CD    . GLU A 1 25  ? -13.309 27.812  -4.928  1.00  51.22  ? 81   GLU A CD    1 
ATOM   183  O  OE1   . GLU A 1 25  ? -14.225 27.252  -4.288  1.00  66.76  ? 81   GLU A OE1   1 
ATOM   184  O  OE2   . GLU A 1 25  ? -12.177 28.031  -4.448  1.00  34.96  ? 81   GLU A OE2   1 
ATOM   185  N  N     . LYS A 1 42  ? 1.121   19.060  -1.724  1.00  47.37  ? 98   LYS A N     1 
ATOM   186  C  CA    . LYS A 1 42  ? 1.998   18.187  -2.494  1.00  35.64  ? 98   LYS A CA    1 
ATOM   187  C  C     . LYS A 1 42  ? 1.182   17.317  -3.452  1.00  33.20  ? 98   LYS A C     1 
ATOM   188  O  O     . LYS A 1 42  ? 0.056   16.934  -3.139  1.00  36.00  ? 98   LYS A O     1 
ATOM   189  C  CB    . LYS A 1 42  ? 2.820   17.298  -1.554  1.00  39.54  ? 98   LYS A CB    1 
ATOM   190  C  CG    . LYS A 1 42  ? 4.034   16.644  -2.207  1.00  73.26  ? 98   LYS A CG    1 
ATOM   191  C  CD    . LYS A 1 42  ? 4.574   15.471  -1.391  1.00  98.05  ? 98   LYS A CD    1 
ATOM   192  C  CE    . LYS A 1 42  ? 5.097   15.897  -0.025  1.00  88.43  ? 98   LYS A CE    1 
ATOM   193  N  NZ    . LYS A 1 42  ? 4.018   15.992  0.999   1.00  41.62  ? 98   LYS A NZ    1 
ATOM   194  N  N     . THR A 1 43  ? 1.759   17.006  -4.610  1.00  34.28  ? 99   THR A N     1 
ATOM   195  C  CA    . THR A 1 43  ? 1.116   16.132  -5.595  1.00  34.94  ? 99   THR A CA    1 
ATOM   196  C  C     . THR A 1 43  ? 1.011   14.693  -5.071  1.00  26.60  ? 99   THR A C     1 
ATOM   197  O  O     . THR A 1 43  ? 1.985   14.143  -4.559  1.00  30.00  ? 99   THR A O     1 
ATOM   198  C  CB    . THR A 1 43  ? 1.879   16.140  -6.950  1.00  47.18  ? 99   THR A CB    1 
ATOM   199  O  OG1   . THR A 1 43  ? 1.230   15.264  -7.881  1.00  38.99  ? 99   THR A OG1   1 
ATOM   200  C  CG2   . THR A 1 43  ? 3.331   15.699  -6.774  1.00  82.90  ? 99   THR A CG2   1 
ATOM   201  N  N     . LEU A 1 44  ? -0.174  14.097  -5.204  1.00  23.00  ? 100  LEU A N     1 
ATOM   202  C  CA    . LEU A 1 44  ? -0.413  12.715  -4.762  1.00  26.82  ? 100  LEU A CA    1 
ATOM   203  C  C     . LEU A 1 44  ? 0.407   11.701  -5.559  1.00  25.87  ? 100  LEU A C     1 
ATOM   204  O  O     . LEU A 1 44  ? 0.525   11.801  -6.782  1.00  22.40  ? 100  LEU A O     1 
ATOM   205  C  CB    . LEU A 1 44  ? -1.905  12.358  -4.884  1.00  19.88  ? 100  LEU A CB    1 
ATOM   206  C  CG    . LEU A 1 44  ? -2.313  10.902  -4.601  1.00  24.36  ? 100  LEU A CG    1 
ATOM   207  C  CD1   . LEU A 1 44  ? -2.092  10.550  -3.138  1.00  22.87  ? 100  LEU A CD1   1 
ATOM   208  C  CD2   . LEU A 1 44  ? -3.763  10.664  -5.001  1.00  21.66  ? 100  LEU A CD2   1 
ATOM   209  N  N     . THR A 1 45  ? 0.967   10.726  -4.847  1.00  22.64  ? 101  THR A N     1 
ATOM   210  C  CA    . THR A 1 45  ? 1.591   9.557   -5.451  1.00  22.77  ? 101  THR A CA    1 
ATOM   211  C  C     . THR A 1 45  ? 0.804   8.337   -4.993  1.00  24.87  ? 101  THR A C     1 
ATOM   212  O  O     . THR A 1 45  ? 0.478   8.215   -3.812  1.00  24.28  ? 101  THR A O     1 
ATOM   213  C  CB    . THR A 1 45  ? 3.056   9.402   -5.006  1.00  28.68  ? 101  THR A CB    1 
ATOM   214  O  OG1   . THR A 1 45  ? 3.770   10.613  -5.280  1.00  37.89  ? 101  THR A OG1   1 
ATOM   215  C  CG2   . THR A 1 45  ? 3.723   8.240   -5.736  1.00  31.90  ? 101  THR A CG2   1 
ATOM   216  N  N     . LEU A 1 46  ? 0.496   7.447   -5.931  1.00  23.98  ? 102  LEU A N     1 
ATOM   217  C  CA    . LEU A 1 46  ? -0.337  6.279   -5.658  1.00  23.96  ? 102  LEU A CA    1 
ATOM   218  C  C     . LEU A 1 46  ? 0.280   5.046   -6.325  1.00  20.11  ? 102  LEU A C     1 
ATOM   219  O  O     . LEU A 1 46  ? 0.335   4.952   -7.555  1.00  23.17  ? 102  LEU A O     1 
ATOM   220  C  CB    . LEU A 1 46  ? -1.762  6.540   -6.161  1.00  26.94  ? 102  LEU A CB    1 
ATOM   221  C  CG    . LEU A 1 46  ? -2.911  5.695   -5.612  1.00  35.78  ? 102  LEU A CG    1 
ATOM   222  C  CD1   . LEU A 1 46  ? -3.009  5.804   -4.097  1.00  25.59  ? 102  LEU A CD1   1 
ATOM   223  C  CD2   . LEU A 1 46  ? -4.217  6.125   -6.258  1.00  41.20  ? 102  LEU A CD2   1 
ATOM   224  N  N     . GLY A 1 47  ? 0.753   4.107   -5.506  1.00  18.45  ? 103  GLY A N     1 
ATOM   225  C  CA    . GLY A 1 47  ? 1.483   2.943   -5.999  1.00  21.65  ? 103  GLY A CA    1 
ATOM   226  C  C     . GLY A 1 47  ? 2.703   3.337   -6.810  1.00  21.51  ? 103  GLY A C     1 
ATOM   227  O  O     . GLY A 1 47  ? 3.033   2.692   -7.803  1.00  22.57  ? 103  GLY A O     1 
ATOM   228  N  N     . GLY A 1 48  ? 3.358   4.417   -6.388  1.00  20.17  ? 104  GLY A N     1 
ATOM   229  C  CA    . GLY A 1 48  ? 4.516   4.960   -7.098  1.00  27.32  ? 104  GLY A CA    1 
ATOM   230  C  C     . GLY A 1 48  ? 4.199   5.786   -8.337  1.00  36.37  ? 104  GLY A C     1 
ATOM   231  O  O     . GLY A 1 48  ? 5.117   6.256   -9.005  1.00  30.44  ? 104  GLY A O     1 
ATOM   232  N  N     . VAL A 1 49  ? 2.915   5.971   -8.646  1.00  24.69  ? 105  VAL A N     1 
ATOM   233  C  CA    . VAL A 1 49  ? 2.495   6.721   -9.832  1.00  22.42  ? 105  VAL A CA    1 
ATOM   234  C  C     . VAL A 1 49  ? 2.015   8.109   -9.427  1.00  23.30  ? 105  VAL A C     1 
ATOM   235  O  O     . VAL A 1 49  ? 1.117   8.241   -8.596  1.00  25.80  ? 105  VAL A O     1 
ATOM   236  C  CB    . VAL A 1 49  ? 1.352   6.005   -10.586 1.00  23.90  ? 105  VAL A CB    1 
ATOM   237  C  CG1   . VAL A 1 49  ? 0.965   6.788   -11.843 1.00  26.17  ? 105  VAL A CG1   1 
ATOM   238  C  CG2   . VAL A 1 49  ? 1.747   4.576   -10.944 1.00  24.60  ? 105  VAL A CG2   1 
ATOM   239  N  N     . LYS A 1 50  ? 2.610   9.144   -10.023 1.00  25.55  ? 106  LYS A N     1 
ATOM   240  C  CA    . LYS A 1 50  ? 2.196   10.519  -9.761  1.00  22.60  ? 106  LYS A CA    1 
ATOM   241  C  C     . LYS A 1 50  ? 0.807   10.779  -10.341 1.00  24.28  ? 106  LYS A C     1 
ATOM   242  O  O     . LYS A 1 50  ? 0.518   10.397  -11.475 1.00  25.69  ? 106  LYS A O     1 
ATOM   243  C  CB    . LYS A 1 50  ? 3.197   11.512  -10.362 1.00  32.48  ? 106  LYS A CB    1 
ATOM   244  C  CG    . LYS A 1 50  ? 4.560   11.510  -9.692  1.00  36.67  ? 106  LYS A CG    1 
ATOM   245  C  CD    . LYS A 1 50  ? 4.520   12.200  -8.337  1.00  50.49  ? 106  LYS A CD    1 
ATOM   246  C  CE    . LYS A 1 50  ? 5.905   12.287  -7.719  1.00  97.96  ? 106  LYS A CE    1 
ATOM   247  N  NZ    . LYS A 1 50  ? 5.898   13.056  -6.445  1.00  64.26  ? 106  LYS A NZ    1 
ATOM   248  N  N     . ILE A 1 51  ? -0.041  11.423  -9.541  1.00  23.38  ? 107  ILE A N     1 
ATOM   249  C  CA    . ILE A 1 51  ? -1.406  11.764  -9.929  1.00  20.13  ? 107  ILE A CA    1 
ATOM   250  C  C     . ILE A 1 51  ? -1.478  13.285  -10.016 1.00  23.89  ? 107  ILE A C     1 
ATOM   251  O  O     . ILE A 1 51  ? -1.661  13.968  -9.010  1.00  24.81  ? 107  ILE A O     1 
ATOM   252  C  CB    . ILE A 1 51  ? -2.444  11.242  -8.904  1.00  22.43  ? 107  ILE A CB    1 
ATOM   253  C  CG1   . ILE A 1 51  ? -2.166  9.781   -8.529  1.00  22.02  ? 107  ILE A CG1   1 
ATOM   254  C  CG2   . ILE A 1 51  ? -3.849  11.382  -9.459  1.00  21.14  ? 107  ILE A CG2   1 
ATOM   255  C  CD1   . ILE A 1 51  ? -2.152  8.826   -9.695  1.00  21.63  ? 107  ILE A CD1   1 
ATOM   256  N  N     . ASN A 1 52  ? -1.332  13.808  -11.230 1.00  27.99  ? 108  ASN A N     1 
ATOM   257  C  CA    . ASN A 1 52  ? -1.081  15.238  -11.425 1.00  31.38  ? 108  ASN A CA    1 
ATOM   258  C  C     . ASN A 1 52  ? -2.266  16.160  -11.126 1.00  31.07  ? 108  ASN A C     1 
ATOM   259  O  O     . ASN A 1 52  ? -2.070  17.356  -10.918 1.00  28.37  ? 108  ASN A O     1 
ATOM   260  C  CB    . ASN A 1 52  ? -0.573  15.493  -12.850 1.00  31.36  ? 108  ASN A CB    1 
ATOM   261  C  CG    . ASN A 1 52  ? 0.716   14.739  -13.159 1.00  49.54  ? 108  ASN A CG    1 
ATOM   262  O  OD1   . ASN A 1 52  ? 1.487   14.401  -12.260 1.00  37.94  ? 108  ASN A OD1   1 
ATOM   263  N  ND2   . ASN A 1 52  ? 0.949   14.470  -14.438 1.00  83.17  ? 108  ASN A ND2   1 
ATOM   264  N  N     . ASN A 1 53  ? -3.479  15.610  -11.095 1.00  21.46  ? 109  ASN A N     1 
ATOM   265  C  CA    . ASN A 1 53  ? -4.691  16.397  -10.837 1.00  30.53  ? 109  ASN A CA    1 
ATOM   266  C  C     . ASN A 1 53  ? -5.230  16.295  -9.401  1.00  24.43  ? 109  ASN A C     1 
ATOM   267  O  O     . ASN A 1 53  ? -6.331  16.768  -9.117  1.00  24.29  ? 109  ASN A O     1 
ATOM   268  C  CB    . ASN A 1 53  ? -5.792  16.039  -11.853 1.00  30.04  ? 109  ASN A CB    1 
ATOM   269  C  CG    . ASN A 1 53  ? -6.465  14.697  -11.572 1.00  35.06  ? 109  ASN A CG    1 
ATOM   270  O  OD1   . ASN A 1 53  ? -7.689  14.584  -11.654 1.00  40.72  ? 109  ASN A OD1   1 
ATOM   271  N  ND2   . ASN A 1 53  ? -5.676  13.679  -11.251 1.00  26.08  ? 109  ASN A ND2   1 
ATOM   272  N  N     . VAL A 1 54  ? -4.450  15.690  -8.505  1.00  24.25  ? 110  VAL A N     1 
ATOM   273  C  CA    . VAL A 1 54  ? -4.840  15.553  -7.097  1.00  20.43  ? 110  VAL A CA    1 
ATOM   274  C  C     . VAL A 1 54  ? -3.682  15.924  -6.169  1.00  20.43  ? 110  VAL A C     1 
ATOM   275  O  O     . VAL A 1 54  ? -2.550  15.478  -6.366  1.00  22.28  ? 110  VAL A O     1 
ATOM   276  C  CB    . VAL A 1 54  ? -5.290  14.110  -6.765  1.00  20.21  ? 110  VAL A CB    1 
ATOM   277  C  CG1   . VAL A 1 54  ? -5.793  14.033  -5.329  1.00  22.00  ? 110  VAL A CG1   1 
ATOM   278  C  CG2   . VAL A 1 54  ? -6.370  13.640  -7.737  1.00  22.42  ? 110  VAL A CG2   1 
ATOM   279  N  N     . LEU A 1 55  ? -3.975  16.753  -5.171  1.00  23.54  ? 111  LEU A N     1 
ATOM   280  C  CA    . LEU A 1 55  ? -3.013  17.091  -4.132  1.00  22.35  ? 111  LEU A CA    1 
ATOM   281  C  C     . LEU A 1 55  ? -3.296  16.235  -2.909  1.00  25.66  ? 111  LEU A C     1 
ATOM   282  O  O     . LEU A 1 55  ? -4.446  15.882  -2.653  1.00  24.40  ? 111  LEU A O     1 
ATOM   283  C  CB    . LEU A 1 55  ? -3.119  18.569  -3.752  1.00  29.69  ? 111  LEU A CB    1 
ATOM   284  C  CG    . LEU A 1 55  ? -2.762  19.588  -4.835  1.00  34.30  ? 111  LEU A CG    1 
ATOM   285  C  CD1   . LEU A 1 55  ? -2.954  20.996  -4.299  1.00  33.36  ? 111  LEU A CD1   1 
ATOM   286  C  CD2   . LEU A 1 55  ? -1.336  19.390  -5.326  1.00  32.27  ? 111  LEU A CD2   1 
ATOM   287  N  N     . VAL A 1 56  ? -2.245  15.904  -2.165  1.00  26.65  ? 112  VAL A N     1 
ATOM   288  C  CA    . VAL A 1 56  ? -2.388  15.175  -0.911  1.00  24.30  ? 112  VAL A CA    1 
ATOM   289  C  C     . VAL A 1 56  ? -1.893  16.073  0.223   1.00  36.67  ? 112  VAL A C     1 
ATOM   290  O  O     . VAL A 1 56  ? -0.821  16.678  0.127   1.00  32.49  ? 112  VAL A O     1 
ATOM   291  C  CB    . VAL A 1 56  ? -1.635  13.821  -0.948  1.00  24.42  ? 112  VAL A CB    1 
ATOM   292  C  CG1   . VAL A 1 56  ? -0.123  14.023  -0.938  1.00  29.18  ? 112  VAL A CG1   1 
ATOM   293  C  CG2   . VAL A 1 56  ? -2.078  12.929  0.213   1.00  24.99  ? 112  VAL A CG2   1 
ATOM   294  N  N     . LEU A 1 57  ? -2.701  16.188  1.275   1.00  33.55  ? 113  LEU A N     1 
ATOM   295  C  CA    . LEU A 1 57  ? -2.372  17.028  2.424   1.00  28.86  ? 113  LEU A CA    1 
ATOM   296  C  C     . LEU A 1 57  ? -1.799  16.142  3.525   1.00  31.41  ? 113  LEU A C     1 
ATOM   297  O  O     . LEU A 1 57  ? -2.531  15.667  4.397   1.00  33.88  ? 113  LEU A O     1 
ATOM   298  C  CB    . LEU A 1 57  ? -3.612  17.786  2.912   1.00  30.38  ? 113  LEU A CB    1 
ATOM   299  C  CG    . LEU A 1 57  ? -4.362  18.608  1.856   1.00  63.42  ? 113  LEU A CG    1 
ATOM   300  C  CD1   . LEU A 1 57  ? -5.587  19.271  2.468   1.00  60.05  ? 113  LEU A CD1   1 
ATOM   301  C  CD2   . LEU A 1 57  ? -3.458  19.649  1.210   1.00  58.58  ? 113  LEU A CD2   1 
ATOM   302  N  N     . SER A 1 58  ? -0.489  15.913  3.454   1.00  32.03  ? 114  SER A N     1 
ATOM   303  C  CA    A SER A 1 58  ? 0.204   15.045  4.403   0.40  36.80  ? 114  SER A CA    1 
ATOM   304  C  CA    C SER A 1 58  ? 0.210   15.029  4.388   0.60  27.20  ? 114  SER A CA    1 
ATOM   305  C  C     . SER A 1 58  ? 1.668   15.446  4.543   1.00  49.18  ? 114  SER A C     1 
ATOM   306  O  O     . SER A 1 58  ? 2.232   16.099  3.662   1.00  40.51  ? 114  SER A O     1 
ATOM   307  C  CB    A SER A 1 58  ? 0.115   13.588  3.943   0.40  36.34  ? 114  SER A CB    1 
ATOM   308  C  CB    C SER A 1 58  ? 0.161   13.583  3.887   0.60  31.95  ? 114  SER A CB    1 
ATOM   309  O  OG    A SER A 1 58  ? 0.747   12.714  4.865   0.40  26.92  ? 114  SER A OG    1 
ATOM   310  O  OG    C SER A 1 58  ? -1.142  13.215  3.468   0.60  37.87  ? 114  SER A OG    1 
ATOM   311  N  N     . HIS A 1 59  ? 2.277   15.056  5.661   1.00  42.06  ? 115  HIS A N     1 
ATOM   312  C  CA    . HIS A 1 59  ? 3.713   15.252  5.866   1.00  52.27  ? 115  HIS A CA    1 
ATOM   313  C  C     . HIS A 1 59  ? 4.490   14.270  4.987   1.00  53.26  ? 115  HIS A C     1 
ATOM   314  O  O     . HIS A 1 59  ? 5.598   14.570  4.538   1.00  53.51  ? 115  HIS A O     1 
ATOM   315  C  CB    . HIS A 1 59  ? 4.094   15.051  7.337   1.00  63.15  ? 115  HIS A CB    1 
ATOM   316  C  CG    . HIS A 1 59  ? 3.560   16.111  8.250   1.00  103.99 ? 115  HIS A CG    1 
ATOM   317  N  ND1   . HIS A 1 59  ? 3.835   17.451  8.076   1.00  105.28 ? 115  HIS A ND1   1 
ATOM   318  C  CD2   . HIS A 1 59  ? 2.783   16.027  9.356   1.00  116.87 ? 115  HIS A CD2   1 
ATOM   319  C  CE1   . HIS A 1 59  ? 3.241   18.148  9.029   1.00  101.79 ? 115  HIS A CE1   1 
ATOM   320  N  NE2   . HIS A 1 59  ? 2.596   17.307  9.819   1.00  74.27  ? 115  HIS A NE2   1 
ATOM   321  N  N     . SER A 1 60  ? 3.895   13.101  4.751   1.00  43.00  ? 116  SER A N     1 
ATOM   322  C  CA    . SER A 1 60  ? 4.460   12.085  3.865   1.00  45.34  ? 116  SER A CA    1 
ATOM   323  C  C     . SER A 1 60  ? 3.993   12.310  2.423   1.00  28.55  ? 116  SER A C     1 
ATOM   324  O  O     . SER A 1 60  ? 3.275   13.274  2.140   1.00  43.56  ? 116  SER A O     1 
ATOM   325  C  CB    . SER A 1 60  ? 4.035   10.692  4.341   1.00  42.37  ? 116  SER A CB    1 
ATOM   326  O  OG    . SER A 1 60  ? 2.650   10.478  4.120   1.00  36.79  ? 116  SER A OG    1 
ATOM   327  N  N     . ASP A 1 61  ? 4.392   11.412  1.523   1.00  28.21  ? 117  ASP A N     1 
ATOM   328  C  CA    . ASP A 1 61  ? 3.993   11.481  0.109   1.00  36.67  ? 117  ASP A CA    1 
ATOM   329  C  C     . ASP A 1 61  ? 2.529   11.084  -0.149  1.00  25.54  ? 117  ASP A C     1 
ATOM   330  O  O     . ASP A 1 61  ? 2.028   11.243  -1.263  1.00  30.61  ? 117  ASP A O     1 
ATOM   331  C  CB    . ASP A 1 61  ? 4.932   10.631  -0.762  1.00  30.70  ? 117  ASP A CB    1 
ATOM   332  C  CG    . ASP A 1 61  ? 4.866   9.142   -0.442  1.00  47.56  ? 117  ASP A CG    1 
ATOM   333  O  OD1   . ASP A 1 61  ? 4.070   8.732   0.427   1.00  30.78  ? 117  ASP A OD1   1 
ATOM   334  O  OD2   . ASP A 1 61  ? 5.625   8.375   -1.068  1.00  30.80  ? 117  ASP A OD2   1 
ATOM   335  N  N     . GLY A 1 62  ? 1.863   10.551  0.872   1.00  27.48  ? 118  GLY A N     1 
ATOM   336  C  CA    . GLY A 1 62  ? 0.436   10.247  0.803   1.00  33.28  ? 118  GLY A CA    1 
ATOM   337  C  C     . GLY A 1 62  ? 0.089   8.974   0.050   1.00  30.32  ? 118  GLY A C     1 
ATOM   338  O  O     . GLY A 1 62  ? -1.075  8.753   -0.287  1.00  23.58  ? 118  GLY A O     1 
ATOM   339  N  N     . ASP A 1 63  ? 1.088   8.126   -0.195  1.00  23.69  ? 119  ASP A N     1 
ATOM   340  C  CA    . ASP A 1 63  ? 0.903   6.929   -1.016  1.00  16.21  ? 119  ASP A CA    1 
ATOM   341  C  C     . ASP A 1 63  ? 0.236   5.808   -0.216  1.00  16.28  ? 119  ASP A C     1 
ATOM   342  O  O     . ASP A 1 63  ? 0.906   4.931   0.336   1.00  18.15  ? 119  ASP A O     1 
ATOM   343  C  CB    . ASP A 1 63  ? 2.246   6.466   -1.601  1.00  18.08  ? 119  ASP A CB    1 
ATOM   344  C  CG    . ASP A 1 63  ? 2.084   5.465   -2.736  1.00  25.23  ? 119  ASP A CG    1 
ATOM   345  O  OD1   . ASP A 1 63  ? 1.128   4.658   -2.712  1.00  23.74  ? 119  ASP A OD1   1 
ATOM   346  O  OD2   . ASP A 1 63  ? 2.920   5.476   -3.664  1.00  25.90  ? 119  ASP A OD2   1 
ATOM   347  N  N     . ILE A 1 64  ? -1.093  5.845   -0.168  1.00  16.49  ? 120  ILE A N     1 
ATOM   348  C  CA    . ILE A 1 64  ? -1.870  4.869   0.603   1.00  17.97  ? 120  ILE A CA    1 
ATOM   349  C  C     . ILE A 1 64  ? -1.590  3.420   0.194   1.00  21.14  ? 120  ILE A C     1 
ATOM   350  O  O     . ILE A 1 64  ? -1.677  2.515   1.026   1.00  19.28  ? 120  ILE A O     1 
ATOM   351  C  CB    . ILE A 1 64  ? -3.408  5.146   0.544   1.00  16.48  ? 120  ILE A CB    1 
ATOM   352  C  CG1   . ILE A 1 64  ? -3.904  5.238   -0.905  1.00  16.34  ? 120  ILE A CG1   1 
ATOM   353  C  CG2   . ILE A 1 64  ? -3.759  6.412   1.333   1.00  17.63  ? 120  ILE A CG2   1 
ATOM   354  C  CD1   . ILE A 1 64  ? -5.416  5.335   -1.038  1.00  17.66  ? 120  ILE A CD1   1 
ATOM   355  N  N     . ILE A 1 65  ? -1.260  3.197   -1.076  1.00  18.26  ? 121  ILE A N     1 
ATOM   356  C  CA    . ILE A 1 65  ? -0.991  1.842   -1.562  1.00  13.15  ? 121  ILE A CA    1 
ATOM   357  C  C     . ILE A 1 65  ? 0.321   1.308   -0.980  1.00  16.52  ? 121  ILE A C     1 
ATOM   358  O  O     . ILE A 1 65  ? 0.348   0.240   -0.356  1.00  16.66  ? 121  ILE A O     1 
ATOM   359  C  CB    . ILE A 1 65  ? -0.979  1.778   -3.107  1.00  15.20  ? 121  ILE A CB    1 
ATOM   360  C  CG1   . ILE A 1 65  ? -2.381  2.058   -3.660  1.00  22.26  ? 121  ILE A CG1   1 
ATOM   361  C  CG2   . ILE A 1 65  ? -0.493  0.428   -3.590  1.00  22.04  ? 121  ILE A CG2   1 
ATOM   362  C  CD1   . ILE A 1 65  ? -2.461  2.011   -5.176  1.00  18.35  ? 121  ILE A CD1   1 
ATOM   363  N  N     . TYR A 1 66  ? 1.409   2.046   -1.177  1.00  18.46  ? 122  TYR A N     1 
ATOM   364  C  CA    . TYR A 1 66  ? 2.699   1.624   -0.628  1.00  18.06  ? 122  TYR A CA    1 
ATOM   365  C  C     . TYR A 1 66  ? 2.673   1.495   0.892   1.00  19.81  ? 122  TYR A C     1 
ATOM   366  O  O     . TYR A 1 66  ? 3.215   0.530   1.440   1.00  22.05  ? 122  TYR A O     1 
ATOM   367  C  CB    . TYR A 1 66  ? 3.827   2.579   -1.051  1.00  19.53  ? 122  TYR A CB    1 
ATOM   368  C  CG    . TYR A 1 66  ? 4.393   2.372   -2.454  1.00  19.39  ? 122  TYR A CG    1 
ATOM   369  C  CD1   . TYR A 1 66  ? 4.014   1.291   -3.255  1.00  17.98  ? 122  TYR A CD1   1 
ATOM   370  C  CD2   . TYR A 1 66  ? 5.353   3.246   -2.957  1.00  29.38  ? 122  TYR A CD2   1 
ATOM   371  C  CE1   . TYR A 1 66  ? 4.551   1.108   -4.522  1.00  16.61  ? 122  TYR A CE1   1 
ATOM   372  C  CE2   . TYR A 1 66  ? 5.897   3.066   -4.224  1.00  22.27  ? 122  TYR A CE2   1 
ATOM   373  C  CZ    . TYR A 1 66  ? 5.491   2.000   -4.998  1.00  20.61  ? 122  TYR A CZ    1 
ATOM   374  O  OH    . TYR A 1 66  ? 6.029   1.821   -6.249  1.00  25.08  ? 122  TYR A OH    1 
ATOM   375  N  N     . HIS A 1 67  ? 2.043   2.453   1.569   1.00  16.65  ? 123  HIS A N     1 
ATOM   376  C  CA    . HIS A 1 67  ? 1.985   2.440   3.029   1.00  17.37  ? 123  HIS A CA    1 
ATOM   377  C  C     . HIS A 1 67  ? 1.168   1.250   3.539   1.00  17.78  ? 123  HIS A C     1 
ATOM   378  O  O     . HIS A 1 67  ? 1.597   0.550   4.461   1.00  20.42  ? 123  HIS A O     1 
ATOM   379  C  CB    . HIS A 1 67  ? 1.421   3.751   3.585   1.00  21.24  ? 123  HIS A CB    1 
ATOM   380  C  CG    . HIS A 1 67  ? 2.199   4.966   3.182   1.00  15.18  ? 123  HIS A CG    1 
ATOM   381  N  ND1   . HIS A 1 67  ? 1.753   6.248   3.422   1.00  21.87  ? 123  HIS A ND1   1 
ATOM   382  C  CD2   . HIS A 1 67  ? 3.380   5.093   2.532   1.00  22.86  ? 123  HIS A CD2   1 
ATOM   383  C  CE1   . HIS A 1 67  ? 2.630   7.113   2.944   1.00  22.77  ? 123  HIS A CE1   1 
ATOM   384  N  NE2   . HIS A 1 67  ? 3.628   6.438   2.401   1.00  23.60  ? 123  HIS A NE2   1 
ATOM   385  N  N     . SER A 1 68  ? 0.004   1.008   2.939   1.00  18.16  ? 124  SER A N     1 
ATOM   386  C  CA    . SER A 1 68  ? -0.834  -0.117  3.365   1.00  16.20  ? 124  SER A CA    1 
ATOM   387  C  C     . SER A 1 68  ? -0.168  -1.464  3.066   1.00  15.11  ? 124  SER A C     1 
ATOM   388  O  O     . SER A 1 68  ? -0.289  -2.397  3.854   1.00  17.08  ? 124  SER A O     1 
ATOM   389  C  CB    . SER A 1 68  ? -2.222  -0.054  2.724   1.00  19.60  ? 124  SER A CB    1 
ATOM   390  O  OG    . SER A 1 68  ? -2.165  -0.296  1.338   1.00  20.37  ? 124  SER A OG    1 
ATOM   391  N  N     . ILE A 1 69  ? 0.539   -1.562  1.942   1.00  18.98  ? 125  ILE A N     1 
ATOM   392  C  CA    . ILE A 1 69  ? 1.305   -2.774  1.628   1.00  15.95  ? 125  ILE A CA    1 
ATOM   393  C  C     . ILE A 1 69  ? 2.366   -3.043  2.704   1.00  19.52  ? 125  ILE A C     1 
ATOM   394  O  O     . ILE A 1 69  ? 2.481   -4.167  3.197   1.00  18.09  ? 125  ILE A O     1 
ATOM   395  C  CB    . ILE A 1 69  ? 1.966   -2.695  0.231   1.00  18.72  ? 125  ILE A CB    1 
ATOM   396  C  CG1   . ILE A 1 69  ? 0.910   -2.833  -0.868  1.00  18.95  ? 125  ILE A CG1   1 
ATOM   397  C  CG2   . ILE A 1 69  ? 3.013   -3.799  0.062   1.00  21.17  ? 125  ILE A CG2   1 
ATOM   398  C  CD1   . ILE A 1 69  ? 1.397   -2.421  -2.241  1.00  22.30  ? 125  ILE A CD1   1 
ATOM   399  N  N     . VAL A 1 70  ? 3.124   -2.013  3.078   1.00  18.84  ? 126  VAL A N     1 
ATOM   400  C  CA    . VAL A 1 70  ? 4.142   -2.149  4.127   1.00  16.58  ? 126  VAL A CA    1 
ATOM   401  C  C     . VAL A 1 70  ? 3.518   -2.642  5.432   1.00  18.64  ? 126  VAL A C     1 
ATOM   402  O  O     . VAL A 1 70  ? 3.987   -3.621  6.011   1.00  19.60  ? 126  VAL A O     1 
ATOM   403  C  CB    . VAL A 1 70  ? 4.901   -0.832  4.375   1.00  22.00  ? 126  VAL A CB    1 
ATOM   404  C  CG1   . VAL A 1 70  ? 5.781   -0.939  5.614   1.00  21.46  ? 126  VAL A CG1   1 
ATOM   405  C  CG2   . VAL A 1 70  ? 5.743   -0.492  3.168   1.00  26.61  ? 126  VAL A CG2   1 
ATOM   406  N  N     . ASP A 1 71  ? 2.441   -2.002  5.873   1.00  20.36  ? 127  ASP A N     1 
ATOM   407  C  CA    . ASP A 1 71  ? 1.809   -2.400  7.133   1.00  20.59  ? 127  ASP A CA    1 
ATOM   408  C  C     . ASP A 1 71  ? 1.134   -3.771  7.059   1.00  14.02  ? 127  ASP A C     1 
ATOM   409  O  O     . ASP A 1 71  ? 0.984   -4.436  8.084   1.00  18.95  ? 127  ASP A O     1 
ATOM   410  C  CB    . ASP A 1 71  ? 0.849   -1.317  7.636   1.00  25.90  ? 127  ASP A CB    1 
ATOM   411  C  CG    . ASP A 1 71  ? 1.581   -0.162  8.312   1.00  46.06  ? 127  ASP A CG    1 
ATOM   412  O  OD1   . ASP A 1 71  ? 2.748   -0.334  8.737   1.00  31.29  ? 127  ASP A OD1   1 
ATOM   413  O  OD2   . ASP A 1 71  ? 0.981   0.922   8.431   1.00  33.81  ? 127  ASP A OD2   1 
ATOM   414  N  N     . SER A 1 72  ? 0.750   -4.209  5.859   1.00  18.64  ? 128  SER A N     1 
ATOM   415  C  CA    . SER A 1 72  ? 0.217   -5.564  5.691   1.00  13.21  ? 128  SER A CA    1 
ATOM   416  C  C     . SER A 1 72  ? 1.320   -6.598  5.934   1.00  16.75  ? 128  SER A C     1 
ATOM   417  O  O     . SER A 1 72  ? 1.097   -7.610  6.595   1.00  17.74  ? 128  SER A O     1 
ATOM   418  C  CB    . SER A 1 72  ? -0.438  -5.765  4.315   1.00  17.54  ? 128  SER A CB    1 
ATOM   419  O  OG    . SER A 1 72  ? 0.506   -6.037  3.290   1.00  16.26  ? 128  SER A OG    1 
ATOM   420  N  N     . ILE A 1 73  ? 2.506   -6.322  5.404   1.00  14.97  ? 129  ILE A N     1 
ATOM   421  C  CA    . ILE A 1 73  ? 3.677   -7.181  5.610   1.00  16.16  ? 129  ILE A CA    1 
ATOM   422  C  C     . ILE A 1 73  ? 4.112   -7.204  7.082   1.00  20.42  ? 129  ILE A C     1 
ATOM   423  O  O     . ILE A 1 73  ? 4.321   -8.279  7.652   1.00  19.44  ? 129  ILE A O     1 
ATOM   424  C  CB    . ILE A 1 73  ? 4.856   -6.728  4.713   1.00  14.63  ? 129  ILE A CB    1 
ATOM   425  C  CG1   . ILE A 1 73  ? 4.525   -6.984  3.242   1.00  17.80  ? 129  ILE A CG1   1 
ATOM   426  C  CG2   . ILE A 1 73  ? 6.149   -7.455  5.096   1.00  19.77  ? 129  ILE A CG2   1 
ATOM   427  C  CD1   . ILE A 1 73  ? 5.462   -6.306  2.275   1.00  23.26  ? 129  ILE A CD1   1 
ATOM   428  N  N     . LEU A 1 74  ? 4.252   -6.027  7.691   1.00  17.45  ? 130  LEU A N     1 
ATOM   429  C  CA    A LEU A 1 74  ? 4.609   -5.927  9.105   0.50  23.93  ? 130  LEU A CA    1 
ATOM   430  C  CA    B LEU A 1 74  ? 4.618   -5.939  9.103   0.50  24.28  ? 130  LEU A CA    1 
ATOM   431  C  C     . LEU A 1 74  ? 3.559   -6.627  9.959   1.00  21.82  ? 130  LEU A C     1 
ATOM   432  O  O     . LEU A 1 74  ? 3.888   -7.388  10.870  1.00  22.74  ? 130  LEU A O     1 
ATOM   433  C  CB    A LEU A 1 74  ? 4.737   -4.462  9.532   0.50  26.32  ? 130  LEU A CB    1 
ATOM   434  C  CB    B LEU A 1 74  ? 4.808   -4.480  9.543   0.50  20.13  ? 130  LEU A CB    1 
ATOM   435  C  CG    A LEU A 1 74  ? 5.920   -3.710  8.922   0.50  28.85  ? 130  LEU A CG    1 
ATOM   436  C  CG    B LEU A 1 74  ? 6.204   -3.891  9.312   0.50  30.50  ? 130  LEU A CG    1 
ATOM   437  C  CD1   A LEU A 1 74  ? 5.917   -2.253  9.355   0.50  30.97  ? 130  LEU A CD1   1 
ATOM   438  C  CD1   B LEU A 1 74  ? 6.754   -4.265  7.944   0.50  19.00  ? 130  LEU A CD1   1 
ATOM   439  C  CD2   A LEU A 1 74  ? 7.219   -4.389  9.312   0.50  26.46  ? 130  LEU A CD2   1 
ATOM   440  C  CD2   B LEU A 1 74  ? 6.179   -2.380  9.487   0.50  27.04  ? 130  LEU A CD2   1 
ATOM   441  N  N     . GLY A 1 75  ? 2.290   -6.375  9.647   1.00  16.80  ? 131  GLY A N     1 
ATOM   442  C  CA    . GLY A 1 75  ? 1.188   -6.994  10.369  1.00  21.44  ? 131  GLY A CA    1 
ATOM   443  C  C     . GLY A 1 75  ? 1.228   -8.511  10.297  1.00  16.71  ? 131  GLY A C     1 
ATOM   444  O  O     . GLY A 1 75  ? 1.048   -9.201  11.304  1.00  18.60  ? 131  GLY A O     1 
ATOM   445  N  N     . ALA A 1 76  ? 1.477   -9.034  9.102   1.00  15.73  ? 132  ALA A N     1 
ATOM   446  C  CA    . ALA A 1 76  ? 1.565   -10.476 8.889   1.00  22.31  ? 132  ALA A CA    1 
ATOM   447  C  C     . ALA A 1 76  ? 2.651   -11.128 9.749   1.00  15.47  ? 132  ALA A C     1 
ATOM   448  O  O     . ALA A 1 76  ? 2.453   -12.230 10.261  1.00  20.14  ? 132  ALA A O     1 
ATOM   449  C  CB    . ALA A 1 76  ? 1.820   -10.774 7.420   1.00  15.38  ? 132  ALA A CB    1 
ATOM   450  N  N     . LEU A 1 77  ? 3.776   -10.436 9.907   1.00  20.42  ? 133  LEU A N     1 
ATOM   451  C  CA    . LEU A 1 77  ? 4.932   -10.970 10.628  1.00  17.57  ? 133  LEU A CA    1 
ATOM   452  C  C     . LEU A 1 77  ? 4.926   -10.642 12.125  1.00  26.24  ? 133  LEU A C     1 
ATOM   453  O  O     . LEU A 1 77  ? 5.790   -11.113 12.868  1.00  26.82  ? 133  LEU A O     1 
ATOM   454  C  CB    . LEU A 1 77  ? 6.225   -10.456 9.987   1.00  16.34  ? 133  LEU A CB    1 
ATOM   455  C  CG    . LEU A 1 77  ? 6.484   -10.983 8.575   1.00  16.03  ? 133  LEU A CG    1 
ATOM   456  C  CD1   . LEU A 1 77  ? 7.537   -10.147 7.857   1.00  29.04  ? 133  LEU A CD1   1 
ATOM   457  C  CD2   . LEU A 1 77  ? 6.886   -12.453 8.611   1.00  21.74  ? 133  LEU A CD2   1 
ATOM   458  N  N     . GLY A 1 78  ? 3.958   -9.845  12.569  1.00  23.34  ? 134  GLY A N     1 
ATOM   459  C  CA    . GLY A 1 78  ? 3.887   -9.444  13.971  1.00  31.32  ? 134  GLY A CA    1 
ATOM   460  C  C     . GLY A 1 78  ? 4.879   -8.365  14.360  1.00  33.13  ? 134  GLY A C     1 
ATOM   461  O  O     . GLY A 1 78  ? 5.150   -8.170  15.547  1.00  33.87  ? 134  GLY A O     1 
ATOM   462  N  N     A SER A 1 79  ? 5.443   -7.678  13.368  0.70  24.91  ? 135  SER A N     1 
ATOM   463  N  N     B SER A 1 79  ? 5.399   -7.648  13.364  0.30  30.54  ? 135  SER A N     1 
ATOM   464  C  CA    A SER A 1 79  ? 6.392   -6.604  13.627  0.70  27.14  ? 135  SER A CA    1 
ATOM   465  C  CA    B SER A 1 79  ? 6.241   -6.484  13.596  0.30  34.54  ? 135  SER A CA    1 
ATOM   466  C  C     A SER A 1 79  ? 5.633   -5.349  14.029  0.70  35.02  ? 135  SER A C     1 
ATOM   467  C  C     B SER A 1 79  ? 5.368   -5.256  13.797  0.30  35.63  ? 135  SER A C     1 
ATOM   468  O  O     A SER A 1 79  ? 4.431   -5.241  13.791  0.70  47.89  ? 135  SER A O     1 
ATOM   469  O  O     B SER A 1 79  ? 4.480   -4.976  12.992  0.30  61.03  ? 135  SER A O     1 
ATOM   470  C  CB    A SER A 1 79  ? 7.244   -6.318  12.387  0.70  26.95  ? 135  SER A CB    1 
ATOM   471  C  CB    B SER A 1 79  ? 7.173   -6.253  12.410  0.30  36.07  ? 135  SER A CB    1 
ATOM   472  O  OG    A SER A 1 79  ? 8.037   -7.437  12.033  0.70  43.81  ? 135  SER A OG    1 
ATOM   473  O  OG    B SER A 1 79  ? 7.668   -4.925  12.413  0.30  28.13  ? 135  SER A OG    1 
ATOM   474  N  N     A LEU A 1 80  ? 6.338   -4.406  14.642  0.70  45.90  ? 136  LEU A N     1 
ATOM   475  N  N     B LEU A 1 80  ? 5.622   -4.522  14.873  0.30  22.84  ? 136  LEU A N     1 
ATOM   476  C  CA    A LEU A 1 80  ? 5.759   -3.102  14.935  0.70  28.17  ? 136  LEU A CA    1 
ATOM   477  C  CA    B LEU A 1 80  ? 4.887   -3.298  15.146  0.30  30.12  ? 136  LEU A CA    1 
ATOM   478  C  C     A LEU A 1 80  ? 5.531   -2.386  13.602  0.70  23.78  ? 136  LEU A C     1 
ATOM   479  C  C     B LEU A 1 80  ? 4.287   -2.746  13.853  0.30  23.81  ? 136  LEU A C     1 
ATOM   480  O  O     A LEU A 1 80  ? 6.302   -2.569  12.658  0.70  44.66  ? 136  LEU A O     1 
ATOM   481  O  O     B LEU A 1 80  ? 3.561   -3.435  13.135  0.30  16.13  ? 136  LEU A O     1 
ATOM   482  C  CB    A LEU A 1 80  ? 6.681   -2.281  15.841  0.70  31.87  ? 136  LEU A CB    1 
ATOM   483  C  CB    B LEU A 1 80  ? 5.820   -2.257  15.766  0.30  20.63  ? 136  LEU A CB    1 
ATOM   484  C  CG    A LEU A 1 80  ? 7.088   -2.911  17.176  0.70  32.40  ? 136  LEU A CG    1 
ATOM   485  C  CG    B LEU A 1 80  ? 6.704   -2.748  16.914  0.30  31.92  ? 136  LEU A CG    1 
ATOM   486  C  CD1   A LEU A 1 80  ? 7.987   -1.967  17.957  0.70  40.16  ? 136  LEU A CD1   1 
ATOM   487  C  CD1   B LEU A 1 80  ? 7.858   -1.787  17.153  0.30  32.66  ? 136  LEU A CD1   1 
ATOM   488  C  CD2   A LEU A 1 80  ? 5.869   -3.292  17.999  0.70  48.06  ? 136  LEU A CD2   1 
ATOM   489  C  CD2   B LEU A 1 80  ? 5.886   -2.935  18.179  0.30  23.93  ? 136  LEU A CD2   1 
ATOM   490  N  N     A ASP A 1 81  ? 4.470   -1.588  13.528  0.70  28.55  ? 137  ASP A N     1 
ATOM   491  N  N     B ASP A 1 81  ? 4.595   -1.488  13.566  0.30  29.80  ? 137  ASP A N     1 
ATOM   492  C  CA    A ASP A 1 81  ? 4.127   -0.870  12.296  0.70  24.10  ? 137  ASP A CA    1 
ATOM   493  C  CA    B ASP A 1 81  ? 4.174   -0.861  12.323  0.30  37.50  ? 137  ASP A CA    1 
ATOM   494  C  C     A ASP A 1 81  ? 5.140   0.240   11.991  0.70  27.71  ? 137  ASP A C     1 
ATOM   495  C  C     B ASP A 1 81  ? 5.170   0.238   11.987  0.30  32.82  ? 137  ASP A C     1 
ATOM   496  O  O     A ASP A 1 81  ? 5.980   0.568   12.830  0.70  31.65  ? 137  ASP A O     1 
ATOM   497  O  O     B ASP A 1 81  ? 6.042   0.551   12.797  0.30  42.55  ? 137  ASP A O     1 
ATOM   498  C  CB    A ASP A 1 81  ? 2.708   -0.293  12.385  0.70  31.16  ? 137  ASP A CB    1 
ATOM   499  C  CB    B ASP A 1 81  ? 2.760   -0.294  12.460  0.30  40.52  ? 137  ASP A CB    1 
ATOM   500  C  CG    A ASP A 1 81  ? 2.559   0.728   13.499  0.70  40.84  ? 137  ASP A CG    1 
ATOM   501  C  CG    B ASP A 1 81  ? 2.622   0.653   13.633  0.30  12.14  ? 137  ASP A CG    1 
ATOM   502  O  OD1   A ASP A 1 81  ? 2.817   1.924   13.250  0.70  33.51  ? 137  ASP A OD1   1 
ATOM   503  O  OD1   B ASP A 1 81  ? 3.520   1.498   13.824  0.30  36.17  ? 137  ASP A OD1   1 
ATOM   504  O  OD2   A ASP A 1 81  ? 2.173   0.332   14.618  0.70  31.33  ? 137  ASP A OD2   1 
ATOM   505  O  OD2   B ASP A 1 81  ? 1.617   0.549   14.366  0.30  51.10  ? 137  ASP A OD2   1 
ATOM   506  N  N     . ILE A 1 82  ? 5.048   0.812   10.793  1.00  38.39  ? 138  ILE A N     1 
ATOM   507  C  CA    . ILE A 1 82  ? 5.984   1.858   10.346  1.00  36.94  ? 138  ILE A CA    1 
ATOM   508  C  C     . ILE A 1 82  ? 6.003   3.075   11.273  1.00  39.21  ? 138  ILE A C     1 
ATOM   509  O  O     . ILE A 1 82  ? 7.074   3.599   11.586  1.00  37.22  ? 138  ILE A O     1 
ATOM   510  C  CB    . ILE A 1 82  ? 5.687   2.314   8.898   1.00  36.50  ? 138  ILE A CB    1 
ATOM   511  C  CG1   . ILE A 1 82  ? 6.114   1.233   7.903   1.00  45.35  ? 138  ILE A CG1   1 
ATOM   512  C  CG2   . ILE A 1 82  ? 6.408   3.623   8.576   1.00  47.54  ? 138  ILE A CG2   1 
ATOM   513  C  CD1   . ILE A 1 82  ? 7.612   0.932   7.902   1.00  33.91  ? 138  ILE A CD1   1 
ATOM   514  N  N     . GLY A 1 83  ? 4.827   3.504   11.724  1.00  34.79  ? 139  GLY A N     1 
ATOM   515  C  CA    . GLY A 1 83  ? 4.728   4.612   12.672  1.00  32.55  ? 139  GLY A CA    1 
ATOM   516  C  C     . GLY A 1 83  ? 5.469   4.364   13.976  1.00  34.50  ? 139  GLY A C     1 
ATOM   517  O  O     . GLY A 1 83  ? 6.032   5.290   14.559  1.00  39.07  ? 139  GLY A O     1 
ATOM   518  N  N     . THR A 1 84  ? 5.472   3.111   14.432  1.00  32.15  ? 140  THR A N     1 
ATOM   519  C  CA    . THR A 1 84  ? 6.150   2.732   15.673  1.00  23.09  ? 140  THR A CA    1 
ATOM   520  C  C     . THR A 1 84  ? 7.641   2.518   15.444  1.00  30.31  ? 140  THR A C     1 
ATOM   521  O  O     . THR A 1 84  ? 8.463   2.956   16.250  1.00  32.44  ? 140  THR A O     1 
ATOM   522  C  CB    . THR A 1 84  ? 5.560   1.436   16.269  1.00  33.61  ? 140  THR A CB    1 
ATOM   523  O  OG1   . THR A 1 84  ? 4.144   1.574   16.432  1.00  29.30  ? 140  THR A OG1   1 
ATOM   524  C  CG2   . THR A 1 84  ? 6.191   1.126   17.622  1.00  30.90  ? 140  THR A CG2   1 
ATOM   525  N  N     . LEU A 1 85  ? 7.981   1.829   14.357  1.00  32.66  ? 141  LEU A N     1 
ATOM   526  C  CA    . LEU A 1 85  ? 9.381   1.554   14.018  1.00  41.91  ? 141  LEU A CA    1 
ATOM   527  C  C     . LEU A 1 85  ? 10.160  2.828   13.699  1.00  45.21  ? 141  LEU A C     1 
ATOM   528  O  O     . LEU A 1 85  ? 11.303  2.984   14.130  1.00  39.52  ? 141  LEU A O     1 
ATOM   529  C  CB    . LEU A 1 85  ? 9.480   0.594   12.825  1.00  35.11  ? 141  LEU A CB    1 
ATOM   530  C  CG    . LEU A 1 85  ? 9.163   -0.881  13.079  1.00  43.22  ? 141  LEU A CG    1 
ATOM   531  C  CD1   . LEU A 1 85  ? 9.104   -1.642  11.763  1.00  37.57  ? 141  LEU A CD1   1 
ATOM   532  C  CD2   . LEU A 1 85  ? 10.190  -1.505  14.012  1.00  33.37  ? 141  LEU A CD2   1 
ATOM   533  N  N     . PHE A 1 86  ? 9.536   3.730   12.943  1.00  43.36  ? 142  PHE A N     1 
ATOM   534  C  CA    . PHE A 1 86  ? 10.196  4.946   12.470  1.00  55.21  ? 142  PHE A CA    1 
ATOM   535  C  C     . PHE A 1 86  ? 9.366   6.189   12.814  1.00  39.61  ? 142  PHE A C     1 
ATOM   536  O  O     . PHE A 1 86  ? 8.727   6.776   11.936  1.00  49.34  ? 142  PHE A O     1 
ATOM   537  C  CB    . PHE A 1 86  ? 10.435  4.856   10.957  1.00  53.55  ? 142  PHE A CB    1 
ATOM   538  C  CG    . PHE A 1 86  ? 10.998  3.533   10.510  1.00  57.81  ? 142  PHE A CG    1 
ATOM   539  C  CD1   . PHE A 1 86  ? 12.358  3.269   10.614  1.00  80.78  ? 142  PHE A CD1   1 
ATOM   540  C  CD2   . PHE A 1 86  ? 10.165  2.549   9.994   1.00  44.35  ? 142  PHE A CD2   1 
ATOM   541  C  CE1   . PHE A 1 86  ? 12.878  2.046   10.204  1.00  86.06  ? 142  PHE A CE1   1 
ATOM   542  C  CE2   . PHE A 1 86  ? 10.678  1.325   9.583   1.00  71.37  ? 142  PHE A CE2   1 
ATOM   543  C  CZ    . PHE A 1 86  ? 12.035  1.073   9.688   1.00  46.80  ? 142  PHE A CZ    1 
ATOM   544  N  N     . PRO A 1 87  ? 9.373   6.594   14.099  1.00  64.08  ? 143  PRO A N     1 
ATOM   545  C  CA    . PRO A 1 87  ? 8.609   7.758   14.544  1.00  69.56  ? 143  PRO A CA    1 
ATOM   546  C  C     . PRO A 1 87  ? 9.349   9.071   14.293  1.00  74.24  ? 143  PRO A C     1 
ATOM   547  O  O     . PRO A 1 87  ? 9.649   9.402   13.146  1.00  65.45  ? 143  PRO A O     1 
ATOM   548  C  CB    . PRO A 1 87  ? 8.457   7.510   16.045  1.00  58.69  ? 143  PRO A CB    1 
ATOM   549  C  CG    . PRO A 1 87  ? 9.695   6.778   16.422  1.00  59.54  ? 143  PRO A CG    1 
ATOM   550  C  CD    . PRO A 1 87  ? 10.108  5.968   15.214  1.00  50.78  ? 143  PRO A CD    1 
ATOM   551  N  N     . LYS A 1 96  ? 12.611  8.544   -1.247  1.00  78.97  ? 152  LYS A N     1 
ATOM   552  C  CA    . LYS A 1 96  ? 12.278  9.084   0.069   1.00  64.48  ? 152  LYS A CA    1 
ATOM   553  C  C     . LYS A 1 96  ? 11.743  7.976   0.997   1.00  44.84  ? 152  LYS A C     1 
ATOM   554  O  O     . LYS A 1 96  ? 12.141  6.818   0.860   1.00  37.87  ? 152  LYS A O     1 
ATOM   555  C  CB    . LYS A 1 96  ? 11.303  10.261  -0.079  1.00  63.04  ? 152  LYS A CB    1 
ATOM   556  C  CG    . LYS A 1 96  ? 9.985   9.918   -0.765  1.00  95.99  ? 152  LYS A CG    1 
ATOM   557  C  CD    . LYS A 1 96  ? 8.963   11.048  -0.657  1.00  96.90  ? 152  LYS A CD    1 
ATOM   558  C  CE    . LYS A 1 96  ? 9.436   12.336  -1.322  1.00  98.66  ? 152  LYS A CE    1 
ATOM   559  N  NZ    . LYS A 1 96  ? 10.304  13.157  -0.431  1.00  89.74  ? 152  LYS A NZ    1 
ATOM   560  N  N     . ASN A 1 97  ? 10.852  8.321   1.928   1.00  33.98  ? 153  ASN A N     1 
ATOM   561  C  CA    . ASN A 1 97  ? 10.461  7.407   3.006   1.00  38.04  ? 153  ASN A CA    1 
ATOM   562  C  C     . ASN A 1 97  ? 9.686   6.163   2.566   1.00  28.96  ? 153  ASN A C     1 
ATOM   563  O  O     . ASN A 1 97  ? 9.910   5.082   3.113   1.00  36.82  ? 153  ASN A O     1 
ATOM   564  C  CB    . ASN A 1 97  ? 9.665   8.158   4.081   1.00  37.23  ? 153  ASN A CB    1 
ATOM   565  C  CG    . ASN A 1 97  ? 10.533  9.094   4.906   1.00  46.58  ? 153  ASN A CG    1 
ATOM   566  O  OD1   . ASN A 1 97  ? 11.659  8.756   5.274   1.00  44.91  ? 153  ASN A OD1   1 
ATOM   567  N  ND2   . ASN A 1 97  ? 10.005  10.275  5.211   1.00  87.86  ? 153  ASN A ND2   1 
ATOM   568  N  N     . SER A 1 98  ? 8.781   6.306   1.598   1.00  31.08  ? 154  SER A N     1 
ATOM   569  C  CA    . SER A 1 98  ? 7.996   5.159   1.119   1.00  30.64  ? 154  SER A CA    1 
ATOM   570  C  C     . SER A 1 98  ? 8.898   4.066   0.543   1.00  35.85  ? 154  SER A C     1 
ATOM   571  O  O     . SER A 1 98  ? 8.678   2.881   0.795   1.00  29.46  ? 154  SER A O     1 
ATOM   572  C  CB    . SER A 1 98  ? 6.958   5.587   0.078   1.00  27.76  ? 154  SER A CB    1 
ATOM   573  O  OG    . SER A 1 98  ? 5.939   6.381   0.665   1.00  24.83  ? 154  SER A OG    1 
ATOM   574  N  N     . ALA A 1 99  ? 9.912   4.472   -0.219  1.00  33.06  ? 155  ALA A N     1 
ATOM   575  C  CA    . ALA A 1 99  ? 10.905  3.541   -0.759  1.00  28.47  ? 155  ALA A CA    1 
ATOM   576  C  C     . ALA A 1 99  ? 11.743  2.895   0.347   1.00  23.03  ? 155  ALA A C     1 
ATOM   577  O  O     . ALA A 1 99  ? 12.049  1.703   0.283   1.00  32.79  ? 155  ALA A O     1 
ATOM   578  C  CB    . ALA A 1 99  ? 11.812  4.254   -1.759  1.00  35.66  ? 155  ALA A CB    1 
ATOM   579  N  N     . ILE A 1 100 ? 12.109  3.688   1.352   1.00  24.35  ? 156  ILE A N     1 
ATOM   580  C  CA    . ILE A 1 100 ? 12.853  3.189   2.507   1.00  32.99  ? 156  ILE A CA    1 
ATOM   581  C  C     . ILE A 1 100 ? 12.045  2.125   3.265   1.00  42.42  ? 156  ILE A C     1 
ATOM   582  O  O     . ILE A 1 100 ? 12.596  1.105   3.683   1.00  31.01  ? 156  ILE A O     1 
ATOM   583  C  CB    . ILE A 1 100 ? 13.244  4.341   3.469   1.00  31.75  ? 156  ILE A CB    1 
ATOM   584  C  CG1   . ILE A 1 100 ? 14.295  5.251   2.820   1.00  30.12  ? 156  ILE A CG1   1 
ATOM   585  C  CG2   . ILE A 1 100 ? 13.786  3.797   4.781   1.00  30.00  ? 156  ILE A CG2   1 
ATOM   586  C  CD1   . ILE A 1 100 ? 14.497  6.567   3.551   1.00  45.74  ? 156  ILE A CD1   1 
ATOM   587  N  N     . PHE A 1 101 ? 10.743  2.359   3.423   1.00  26.89  ? 157  PHE A N     1 
ATOM   588  C  CA    . PHE A 1 101 ? 9.875   1.422   4.147   1.00  25.25  ? 157  PHE A CA    1 
ATOM   589  C  C     . PHE A 1 101 ? 9.578   0.150   3.357   1.00  20.63  ? 157  PHE A C     1 
ATOM   590  O  O     . PHE A 1 101 ? 9.489   -0.931  3.937   1.00  22.74  ? 157  PHE A O     1 
ATOM   591  C  CB    . PHE A 1 101 ? 8.547   2.084   4.541   1.00  23.47  ? 157  PHE A CB    1 
ATOM   592  C  CG    . PHE A 1 101 ? 8.695   3.314   5.402   1.00  35.15  ? 157  PHE A CG    1 
ATOM   593  C  CD1   . PHE A 1 101 ? 9.669   3.391   6.393   1.00  43.92  ? 157  PHE A CD1   1 
ATOM   594  C  CD2   . PHE A 1 101 ? 7.846   4.399   5.218   1.00  55.66  ? 157  PHE A CD2   1 
ATOM   595  C  CE1   . PHE A 1 101 ? 9.795   4.529   7.180   1.00  69.54  ? 157  PHE A CE1   1 
ATOM   596  C  CE2   . PHE A 1 101 ? 7.964   5.537   6.003   1.00  52.62  ? 157  PHE A CE2   1 
ATOM   597  C  CZ    . PHE A 1 101 ? 8.941   5.603   6.984   1.00  44.70  ? 157  PHE A CZ    1 
ATOM   598  N  N     . LEU A 1 102 ? 9.405   0.277   2.045   1.00  22.83  ? 158  LEU A N     1 
ATOM   599  C  CA    . LEU A 1 102 ? 9.150   -0.881  1.190   1.00  21.56  ? 158  LEU A CA    1 
ATOM   600  C  C     . LEU A 1 102 ? 10.373  -1.799  1.101   1.00  33.29  ? 158  LEU A C     1 
ATOM   601  O  O     . LEU A 1 102 ? 10.222  -3.022  1.057   1.00  31.18  ? 158  LEU A O     1 
ATOM   602  C  CB    . LEU A 1 102 ? 8.707   -0.457  -0.216  1.00  31.82  ? 158  LEU A CB    1 
ATOM   603  C  CG    . LEU A 1 102 ? 7.211   -0.200  -0.440  1.00  31.84  ? 158  LEU A CG    1 
ATOM   604  C  CD1   . LEU A 1 102 ? 6.406   -1.488  -0.297  1.00  28.86  ? 158  LEU A CD1   1 
ATOM   605  C  CD2   . LEU A 1 102 ? 6.677   0.866   0.496   1.00  81.51  ? 158  LEU A CD2   1 
ATOM   606  N  N     . ARG A 1 103 ? 11.572  -1.219  1.072   1.00  33.00  ? 159  ARG A N     1 
ATOM   607  C  CA    . ARG A 1 103 ? 12.795  -2.031  1.055   1.00  29.47  ? 159  ARG A CA    1 
ATOM   608  C  C     . ARG A 1 103 ? 13.012  -2.720  2.402   1.00  28.45  ? 159  ARG A C     1 
ATOM   609  O  O     . ARG A 1 103 ? 13.469  -3.859  2.441   1.00  30.23  ? 159  ARG A O     1 
ATOM   610  C  CB    . ARG A 1 103 ? 14.031  -1.220  0.628   1.00  37.95  ? 159  ARG A CB    1 
ATOM   611  C  CG    . ARG A 1 103 ? 14.585  -0.227  1.650   1.00  39.26  ? 159  ARG A CG    1 
ATOM   612  C  CD    . ARG A 1 103 ? 16.082  -0.005  1.442   1.00  73.79  ? 159  ARG A CD    1 
ATOM   613  N  NE    . ARG A 1 103 ? 16.401  0.370   0.063   1.00  52.75  ? 159  ARG A NE    1 
ATOM   614  C  CZ    . ARG A 1 103 ? 16.354  1.609   -0.427  1.00  38.67  ? 159  ARG A CZ    1 
ATOM   615  N  NH1   . ARG A 1 103 ? 16.001  2.641   0.336   1.00  53.05  ? 159  ARG A NH1   1 
ATOM   616  N  NH2   . ARG A 1 103 ? 16.667  1.821   -1.702  1.00  62.47  ? 159  ARG A NH2   1 
ATOM   617  N  N     . TYR A 1 104 ? 12.673  -2.036  3.495   1.00  23.57  ? 160  TYR A N     1 
ATOM   618  C  CA    . TYR A 1 104 ? 12.722  -2.647  4.826   1.00  22.11  ? 160  TYR A CA    1 
ATOM   619  C  C     . TYR A 1 104 ? 11.800  -3.863  4.869   1.00  27.87  ? 160  TYR A C     1 
ATOM   620  O  O     . TYR A 1 104 ? 12.202  -4.943  5.305   1.00  22.96  ? 160  TYR A O     1 
ATOM   621  C  CB    . TYR A 1 104 ? 12.320  -1.651  5.923   1.00  30.50  ? 160  TYR A CB    1 
ATOM   622  C  CG    . TYR A 1 104 ? 12.140  -2.295  7.287   1.00  30.39  ? 160  TYR A CG    1 
ATOM   623  C  CD1   . TYR A 1 104 ? 13.241  -2.604  8.085   1.00  25.24  ? 160  TYR A CD1   1 
ATOM   624  C  CD2   . TYR A 1 104 ? 10.871  -2.619  7.768   1.00  30.57  ? 160  TYR A CD2   1 
ATOM   625  C  CE1   . TYR A 1 104 ? 13.085  -3.204  9.328   1.00  33.32  ? 160  TYR A CE1   1 
ATOM   626  C  CE2   . TYR A 1 104 ? 10.706  -3.223  9.012   1.00  32.65  ? 160  TYR A CE2   1 
ATOM   627  C  CZ    . TYR A 1 104 ? 11.816  -3.512  9.787   1.00  28.11  ? 160  TYR A CZ    1 
ATOM   628  O  OH    . TYR A 1 104 ? 11.662  -4.109  11.016  1.00  35.52  ? 160  TYR A OH    1 
ATOM   629  N  N     . ALA A 1 105 ? 10.569  -3.679  4.397   1.00  28.22  ? 161  ALA A N     1 
ATOM   630  C  CA    . ALA A 1 105 ? 9.574   -4.751  4.401   1.00  22.65  ? 161  ALA A CA    1 
ATOM   631  C  C     . ALA A 1 105 ? 10.011  -5.945  3.553   1.00  23.29  ? 161  ALA A C     1 
ATOM   632  O  O     . ALA A 1 105 ? 9.856   -7.092  3.971   1.00  26.00  ? 161  ALA A O     1 
ATOM   633  C  CB    . ALA A 1 105 ? 8.222   -4.222  3.919   1.00  24.73  ? 161  ALA A CB    1 
ATOM   634  N  N     . ARG A 1 106 ? 10.553  -5.675  2.366   1.00  21.89  ? 162  ARG A N     1 
ATOM   635  C  CA    . ARG A 1 106 ? 11.054  -6.732  1.493   1.00  23.16  ? 162  ARG A CA    1 
ATOM   636  C  C     . ARG A 1 106 ? 12.150  -7.522  2.200   1.00  22.20  ? 162  ARG A C     1 
ATOM   637  O  O     . ARG A 1 106 ? 12.119  -8.748  2.218   1.00  21.80  ? 162  ARG A O     1 
ATOM   638  C  CB    . ARG A 1 106 ? 11.598  -6.150  0.188   1.00  25.30  ? 162  ARG A CB    1 
ATOM   639  C  CG    . ARG A 1 106 ? 12.108  -7.198  -0.797  1.00  27.72  ? 162  ARG A CG    1 
ATOM   640  C  CD    . ARG A 1 106 ? 12.598  -6.565  -2.088  1.00  37.43  ? 162  ARG A CD    1 
ATOM   641  N  NE    . ARG A 1 106 ? 13.699  -5.630  -1.860  1.00  40.11  ? 162  ARG A NE    1 
ATOM   642  C  CZ    . ARG A 1 106 ? 14.973  -5.977  -1.668  1.00  58.82  ? 162  ARG A CZ    1 
ATOM   643  N  NH1   . ARG A 1 106 ? 15.343  -7.256  -1.664  1.00  42.47  ? 162  ARG A NH1   1 
ATOM   644  N  NH2   . ARG A 1 106 ? 15.889  -5.034  -1.472  1.00  63.27  ? 162  ARG A NH2   1 
ATOM   645  N  N     . LEU A 1 107 ? 13.105  -6.807  2.788   1.00  24.37  ? 163  LEU A N     1 
ATOM   646  C  CA    . LEU A 1 107 ? 14.237  -7.452  3.464   1.00  21.82  ? 163  LEU A CA    1 
ATOM   647  C  C     . LEU A 1 107 ? 13.824  -8.151  4.761   1.00  26.32  ? 163  LEU A C     1 
ATOM   648  O  O     . LEU A 1 107 ? 14.438  -9.142  5.148   1.00  25.19  ? 163  LEU A O     1 
ATOM   649  C  CB    . LEU A 1 107 ? 15.359  -6.443  3.726   1.00  22.09  ? 163  LEU A CB    1 
ATOM   650  C  CG    . LEU A 1 107 ? 16.026  -5.911  2.455   1.00  26.69  ? 163  LEU A CG    1 
ATOM   651  C  CD1   . LEU A 1 107 ? 16.874  -4.678  2.745   1.00  28.32  ? 163  LEU A CD1   1 
ATOM   652  C  CD2   . LEU A 1 107 ? 16.859  -7.002  1.792   1.00  38.45  ? 163  LEU A CD2   1 
ATOM   653  N  N     . LEU A 1 108 ? 12.786  -7.638  5.422   1.00  18.54  ? 164  LEU A N     1 
ATOM   654  C  CA    . LEU A 1 108 ? 12.228  -8.271  6.617   1.00  22.24  ? 164  LEU A CA    1 
ATOM   655  C  C     . LEU A 1 108 ? 11.620  -9.636  6.286   1.00  21.10  ? 164  LEU A C     1 
ATOM   656  O  O     . LEU A 1 108 ? 11.831  -10.606 7.011   1.00  23.69  ? 164  LEU A O     1 
ATOM   657  C  CB    . LEU A 1 108 ? 11.166  -7.369  7.256   1.00  20.47  ? 164  LEU A CB    1 
ATOM   658  C  CG    . LEU A 1 108 ? 10.373  -7.935  8.441   1.00  25.93  ? 164  LEU A CG    1 
ATOM   659  C  CD1   . LEU A 1 108 ? 11.263  -8.117  9.657   1.00  27.88  ? 164  LEU A CD1   1 
ATOM   660  C  CD2   . LEU A 1 108 ? 9.202   -7.023  8.768   1.00  25.82  ? 164  LEU A CD2   1 
ATOM   661  N  N     . ILE A 1 109 ? 10.857  -9.696  5.195   1.00  18.52  ? 165  ILE A N     1 
ATOM   662  C  CA    . ILE A 1 109 ? 10.267  -10.945 4.715   1.00  16.98  ? 165  ILE A CA    1 
ATOM   663  C  C     . ILE A 1 109 ? 11.367  -11.967 4.445   1.00  23.98  ? 165  ILE A C     1 
ATOM   664  O  O     . ILE A 1 109 ? 11.253  -13.131 4.830   1.00  22.65  ? 165  ILE A O     1 
ATOM   665  C  CB    . ILE A 1 109 ? 9.446   -10.725 3.418   1.00  23.98  ? 165  ILE A CB    1 
ATOM   666  C  CG1   . ILE A 1 109 ? 8.155   -9.958  3.719   1.00  26.74  ? 165  ILE A CG1   1 
ATOM   667  C  CG2   . ILE A 1 109 ? 9.092   -12.052 2.768   1.00  23.14  ? 165  ILE A CG2   1 
ATOM   668  C  CD1   . ILE A 1 109 ? 7.423   -9.482  2.472   1.00  24.51  ? 165  ILE A CD1   1 
ATOM   669  N  N     . TYR A 1 110 ? 12.436  -11.509 3.798   1.00  20.59  ? 166  TYR A N     1 
ATOM   670  C  CA    . TYR A 1 110 ? 13.560  -12.369 3.448   1.00  33.50  ? 166  TYR A CA    1 
ATOM   671  C  C     . TYR A 1 110 ? 14.286  -12.896 4.682   1.00  25.62  ? 166  TYR A C     1 
ATOM   672  O  O     . TYR A 1 110 ? 14.546  -14.096 4.780   1.00  25.92  ? 166  TYR A O     1 
ATOM   673  C  CB    . TYR A 1 110 ? 14.547  -11.631 2.544   1.00  25.03  ? 166  TYR A CB    1 
ATOM   674  C  CG    . TYR A 1 110 ? 15.642  -12.527 2.012   1.00  32.02  ? 166  TYR A CG    1 
ATOM   675  C  CD1   . TYR A 1 110 ? 15.478  -13.225 0.818   1.00  37.34  ? 166  TYR A CD1   1 
ATOM   676  C  CD2   . TYR A 1 110 ? 16.835  -12.690 2.712   1.00  31.77  ? 166  TYR A CD2   1 
ATOM   677  C  CE1   . TYR A 1 110 ? 16.481  -14.057 0.329   1.00  35.22  ? 166  TYR A CE1   1 
ATOM   678  C  CE2   . TYR A 1 110 ? 17.840  -13.521 2.232   1.00  35.44  ? 166  TYR A CE2   1 
ATOM   679  C  CZ    . TYR A 1 110 ? 17.656  -14.200 1.040   1.00  44.74  ? 166  TYR A CZ    1 
ATOM   680  O  OH    . TYR A 1 110 ? 18.647  -15.024 0.560   1.00  43.80  ? 166  TYR A OH    1 
ATOM   681  N  N     . LYS A 1 111 ? 14.601  -12.012 5.626   1.00  25.08  ? 167  LYS A N     1 
ATOM   682  C  CA    . LYS A 1 111 ? 15.347  -12.428 6.821   1.00  28.08  ? 167  LYS A CA    1 
ATOM   683  C  C     . LYS A 1 111 ? 14.521  -13.309 7.766   1.00  26.19  ? 167  LYS A C     1 
ATOM   684  O  O     . LYS A 1 111 ? 15.085  -14.018 8.597   1.00  29.60  ? 167  LYS A O     1 
ATOM   685  C  CB    . LYS A 1 111 ? 15.948  -11.221 7.557   1.00  29.13  ? 167  LYS A CB    1 
ATOM   686  C  CG    . LYS A 1 111 ? 15.014  -10.460 8.486   1.00  31.50  ? 167  LYS A CG    1 
ATOM   687  C  CD    . LYS A 1 111 ? 15.637  -9.133  8.899   1.00  36.75  ? 167  LYS A CD    1 
ATOM   688  C  CE    . LYS A 1 111 ? 14.888  -8.494  10.058  1.00  50.01  ? 167  LYS A CE    1 
ATOM   689  N  NZ    . LYS A 1 111 ? 15.206  -7.044  10.200  1.00  35.69  ? 167  LYS A NZ    1 
ATOM   690  N  N     . LYS A 1 112 ? 13.192  -13.270 7.637   1.00  20.36  ? 168  LYS A N     1 
ATOM   691  C  CA    . LYS A 1 112 ? 12.313  -14.152 8.416   1.00  24.46  ? 168  LYS A CA    1 
ATOM   692  C  C     . LYS A 1 112 ? 11.995  -15.465 7.684   1.00  21.42  ? 168  LYS A C     1 
ATOM   693  O  O     . LYS A 1 112 ? 11.172  -16.256 8.157   1.00  23.69  ? 168  LYS A O     1 
ATOM   694  C  CB    . LYS A 1 112 ? 11.020  -13.417 8.788   1.00  23.31  ? 168  LYS A CB    1 
ATOM   695  C  CG    . LYS A 1 112 ? 11.227  -12.189 9.677   1.00  27.78  ? 168  LYS A CG    1 
ATOM   696  C  CD    . LYS A 1 112 ? 11.551  -12.555 11.123  1.00  44.31  ? 168  LYS A CD    1 
ATOM   697  C  CE    . LYS A 1 112 ? 10.308  -12.918 11.922  1.00  86.22  ? 168  LYS A CE    1 
ATOM   698  N  NZ    . LYS A 1 112 ? 9.425   -11.742 12.155  1.00  92.18  ? 168  LYS A NZ    1 
ATOM   699  N  N     . ASN A 1 113 ? 12.657  -15.681 6.542   1.00  21.79  ? 169  ASN A N     1 
ATOM   700  C  CA    A ASN A 1 113 ? 12.515  -16.902 5.749   0.50  24.68  ? 169  ASN A CA    1 
ATOM   701  C  CA    B ASN A 1 113 ? 12.511  -16.900 5.737   0.50  21.49  ? 169  ASN A CA    1 
ATOM   702  C  C     . ASN A 1 113 ? 11.098  -17.086 5.184   1.00  31.13  ? 169  ASN A C     1 
ATOM   703  O  O     . ASN A 1 113 ? 10.546  -18.190 5.206   1.00  27.61  ? 169  ASN A O     1 
ATOM   704  C  CB    A ASN A 1 113 ? 12.948  -18.127 6.571   0.50  33.64  ? 169  ASN A CB    1 
ATOM   705  C  CB    B ASN A 1 113 ? 12.957  -18.146 6.523   0.50  16.48  ? 169  ASN A CB    1 
ATOM   706  C  CG    A ASN A 1 113 ? 13.535  -19.231 5.712   0.50  32.65  ? 169  ASN A CG    1 
ATOM   707  C  CG    B ASN A 1 113 ? 14.429  -18.113 6.882   0.50  38.76  ? 169  ASN A CG    1 
ATOM   708  O  OD1   A ASN A 1 113 ? 13.245  -20.411 5.908   0.50  41.64  ? 169  ASN A OD1   1 
ATOM   709  O  OD1   B ASN A 1 113 ? 15.260  -17.662 6.095   0.50  41.55  ? 169  ASN A OD1   1 
ATOM   710  N  ND2   A ASN A 1 113 ? 14.371  -18.851 4.752   0.50  39.01  ? 169  ASN A ND2   1 
ATOM   711  N  ND2   B ASN A 1 113 ? 14.759  -18.597 8.072   0.50  47.77  ? 169  ASN A ND2   1 
ATOM   712  N  N     . TYR A 1 114 ? 10.522  -15.995 4.676   1.00  21.59  ? 170  TYR A N     1 
ATOM   713  C  CA    . TYR A 1 114 ? 9.209   -16.022 4.030   1.00  26.76  ? 170  TYR A CA    1 
ATOM   714  C  C     . TYR A 1 114 ? 9.312   -15.552 2.576   1.00  22.24  ? 170  TYR A C     1 
ATOM   715  O  O     . TYR A 1 114 ? 10.252  -14.845 2.204   1.00  22.05  ? 170  TYR A O     1 
ATOM   716  C  CB    . TYR A 1 114 ? 8.209   -15.140 4.797   1.00  17.26  ? 170  TYR A CB    1 
ATOM   717  C  CG    . TYR A 1 114 ? 7.536   -15.831 5.960   1.00  17.39  ? 170  TYR A CG    1 
ATOM   718  C  CD1   . TYR A 1 114 ? 6.387   -16.591 5.771   1.00  22.55  ? 170  TYR A CD1   1 
ATOM   719  C  CD2   . TYR A 1 114 ? 8.041   -15.716 7.250   1.00  19.77  ? 170  TYR A CD2   1 
ATOM   720  C  CE1   . TYR A 1 114 ? 5.765   -17.232 6.829   1.00  20.50  ? 170  TYR A CE1   1 
ATOM   721  C  CE2   . TYR A 1 114 ? 7.431   -16.355 8.319   1.00  24.39  ? 170  TYR A CE2   1 
ATOM   722  C  CZ    . TYR A 1 114 ? 6.290   -17.111 8.104   1.00  23.57  ? 170  TYR A CZ    1 
ATOM   723  O  OH    . TYR A 1 114 ? 5.677   -17.739 9.160   1.00  28.29  ? 170  TYR A OH    1 
ATOM   724  N  N     . ASP A 1 115 ? 8.352   -15.988 1.763   1.00  19.71  ? 171  ASP A N     1 
ATOM   725  C  CA    . ASP A 1 115 ? 8.100   -15.428 0.438   1.00  19.68  ? 171  ASP A CA    1 
ATOM   726  C  C     . ASP A 1 115 ? 6.707   -14.826 0.483   1.00  23.18  ? 171  ASP A C     1 
ATOM   727  O  O     . ASP A 1 115 ? 5.878   -15.263 1.274   1.00  23.17  ? 171  ASP A O     1 
ATOM   728  C  CB    . ASP A 1 115 ? 8.115   -16.516 -0.637  1.00  28.89  ? 171  ASP A CB    1 
ATOM   729  C  CG    . ASP A 1 115 ? 9.492   -17.100 -0.870  1.00  46.57  ? 171  ASP A CG    1 
ATOM   730  O  OD1   . ASP A 1 115 ? 10.458  -16.322 -0.995  1.00  36.78  ? 171  ASP A OD1   1 
ATOM   731  O  OD2   . ASP A 1 115 ? 9.598   -18.342 -0.951  1.00  36.81  ? 171  ASP A OD2   1 
ATOM   732  N  N     . ILE A 1 116 ? 6.453   -13.835 -0.362  1.00  21.53  ? 172  ILE A N     1 
ATOM   733  C  CA    . ILE A 1 116 ? 5.089   -13.348 -0.569  1.00  19.15  ? 172  ILE A CA    1 
ATOM   734  C  C     . ILE A 1 116 ? 4.345   -14.363 -1.424  1.00  22.01  ? 172  ILE A C     1 
ATOM   735  O  O     . ILE A 1 116 ? 4.885   -14.857 -2.416  1.00  25.72  ? 172  ILE A O     1 
ATOM   736  C  CB    . ILE A 1 116 ? 5.066   -11.965 -1.260  1.00  18.41  ? 172  ILE A CB    1 
ATOM   737  C  CG1   . ILE A 1 116 ? 5.640   -10.900 -0.323  1.00  20.88  ? 172  ILE A CG1   1 
ATOM   738  C  CG2   . ILE A 1 116 ? 3.635   -11.579 -1.668  1.00  17.87  ? 172  ILE A CG2   1 
ATOM   739  C  CD1   . ILE A 1 116 ? 5.808   -9.532  -0.960  1.00  22.35  ? 172  ILE A CD1   1 
ATOM   740  N  N     . GLY A 1 117 ? 3.117   -14.690 -1.026  1.00  18.14  ? 173  GLY A N     1 
ATOM   741  C  CA    . GLY A 1 117 ? 2.233   -15.499 -1.853  1.00  23.17  ? 173  GLY A CA    1 
ATOM   742  C  C     . GLY A 1 117 ? 1.621   -14.581 -2.889  1.00  19.64  ? 173  GLY A C     1 
ATOM   743  O  O     . GLY A 1 117 ? 2.134   -14.445 -3.998  1.00  21.63  ? 173  GLY A O     1 
ATOM   744  N  N     . ASN A 1 118 ? 0.520   -13.938 -2.519  1.00  17.01  ? 174  ASN A N     1 
ATOM   745  C  CA    . ASN A 1 118 ? -0.050  -12.871 -3.335  1.00  14.55  ? 174  ASN A CA    1 
ATOM   746  C  C     . ASN A 1 118 ? -0.512  -11.714 -2.463  1.00  15.93  ? 174  ASN A C     1 
ATOM   747  O  O     . ASN A 1 118 ? -0.611  -11.847 -1.244  1.00  16.80  ? 174  ASN A O     1 
ATOM   748  C  CB    . ASN A 1 118 ? -1.210  -13.387 -4.186  1.00  15.63  ? 174  ASN A CB    1 
ATOM   749  C  CG    . ASN A 1 118 ? -2.463  -13.623 -3.377  1.00  17.38  ? 174  ASN A CG    1 
ATOM   750  O  OD1   . ASN A 1 118 ? -2.445  -14.364 -2.396  1.00  17.29  ? 174  ASN A OD1   1 
ATOM   751  N  ND2   . ASN A 1 118 ? -3.553  -12.979 -3.770  1.00  18.49  ? 174  ASN A ND2   1 
ATOM   752  N  N     . VAL A 1 119 ? -0.751  -10.573 -3.105  1.00  18.00  ? 175  VAL A N     1 
ATOM   753  C  CA    . VAL A 1 119 ? -1.303  -9.395  -2.444  1.00  17.72  ? 175  VAL A CA    1 
ATOM   754  C  C     . VAL A 1 119 ? -2.519  -8.922  -3.251  1.00  19.83  ? 175  VAL A C     1 
ATOM   755  O  O     . VAL A 1 119 ? -2.501  -8.944  -4.488  1.00  17.59  ? 175  VAL A O     1 
ATOM   756  C  CB    . VAL A 1 119 ? -0.251  -8.268  -2.296  1.00  25.52  ? 175  VAL A CB    1 
ATOM   757  C  CG1   . VAL A 1 119 ? 0.182   -7.729  -3.653  1.00  25.49  ? 175  VAL A CG1   1 
ATOM   758  C  CG2   . VAL A 1 119 ? -0.787  -7.147  -1.414  1.00  19.80  ? 175  VAL A CG2   1 
ATOM   759  N  N     . ASP A 1 120 ? -3.582  -8.543  -2.545  1.00  16.36  ? 176  ASP A N     1 
ATOM   760  C  CA    . ASP A 1 120 ? -4.802  -8.010  -3.155  1.00  16.45  ? 176  ASP A CA    1 
ATOM   761  C  C     . ASP A 1 120 ? -5.090  -6.672  -2.488  1.00  13.69  ? 176  ASP A C     1 
ATOM   762  O  O     . ASP A 1 120 ? -5.215  -6.594  -1.269  1.00  15.50  ? 176  ASP A O     1 
ATOM   763  C  CB    . ASP A 1 120 ? -5.990  -8.965  -2.974  1.00  16.44  ? 176  ASP A CB    1 
ATOM   764  C  CG    . ASP A 1 120 ? -7.213  -8.558  -3.802  1.00  15.73  ? 176  ASP A CG    1 
ATOM   765  O  OD1   . ASP A 1 120 ? -7.087  -7.699  -4.706  1.00  16.31  ? 176  ASP A OD1   1 
ATOM   766  O  OD2   . ASP A 1 120 ? -8.309  -9.105  -3.560  1.00  18.75  ? 176  ASP A OD2   1 
ATOM   767  N  N     . ILE A 1 121 ? -5.192  -5.632  -3.308  1.00  14.06  ? 177  ILE A N     1 
ATOM   768  C  CA    . ILE A 1 121 ? -5.237  -4.259  -2.839  1.00  18.51  ? 177  ILE A CA    1 
ATOM   769  C  C     . ILE A 1 121 ? -6.542  -3.620  -3.301  1.00  18.62  ? 177  ILE A C     1 
ATOM   770  O  O     . ILE A 1 121 ? -6.886  -3.682  -4.483  1.00  18.44  ? 177  ILE A O     1 
ATOM   771  C  CB    . ILE A 1 121 ? -4.038  -3.455  -3.384  1.00  21.40  ? 177  ILE A CB    1 
ATOM   772  C  CG1   . ILE A 1 121 ? -2.713  -4.100  -2.949  1.00  22.06  ? 177  ILE A CG1   1 
ATOM   773  C  CG2   . ILE A 1 121 ? -4.104  -2.024  -2.899  1.00  21.83  ? 177  ILE A CG2   1 
ATOM   774  C  CD1   . ILE A 1 121 ? -1.533  -3.703  -3.797  1.00  26.63  ? 177  ILE A CD1   1 
ATOM   775  N  N     . ASN A 1 122 ? -7.267  -3.037  -2.348  1.00  15.69  ? 178  ASN A N     1 
ATOM   776  C  CA    . ASN A 1 122 ? -8.532  -2.352  -2.594  1.00  13.41  ? 178  ASN A CA    1 
ATOM   777  C  C     . ASN A 1 122 ? -8.405  -0.877  -2.259  1.00  15.69  ? 178  ASN A C     1 
ATOM   778  O  O     . ASN A 1 122 ? -8.259  -0.513  -1.095  1.00  18.05  ? 178  ASN A O     1 
ATOM   779  C  CB    . ASN A 1 122 ? -9.627  -2.957  -1.722  1.00  17.23  ? 178  ASN A CB    1 
ATOM   780  C  CG    . ASN A 1 122 ? -10.056 -4.319  -2.197  1.00  18.79  ? 178  ASN A CG    1 
ATOM   781  O  OD1   . ASN A 1 122 ? -10.380 -4.498  -3.365  1.00  21.32  ? 178  ASN A OD1   1 
ATOM   782  N  ND2   . ASN A 1 122 ? -10.072 -5.288  -1.289  1.00  23.00  ? 178  ASN A ND2   1 
ATOM   783  N  N     . VAL A 1 123 ? -8.462  -0.034  -3.286  1.00  13.87  ? 179  VAL A N     1 
ATOM   784  C  CA    . VAL A 1 123 ? -8.467  1.412   -3.103  1.00  16.62  ? 179  VAL A CA    1 
ATOM   785  C  C     . VAL A 1 123 ? -9.908  1.904   -3.139  1.00  16.69  ? 179  VAL A C     1 
ATOM   786  O  O     . VAL A 1 123 ? -10.658 1.549   -4.040  1.00  17.16  ? 179  VAL A O     1 
ATOM   787  C  CB    . VAL A 1 123 ? -7.648  2.121   -4.198  1.00  17.08  ? 179  VAL A CB    1 
ATOM   788  C  CG1   . VAL A 1 123 ? -7.716  3.643   -4.040  1.00  18.78  ? 179  VAL A CG1   1 
ATOM   789  C  CG2   . VAL A 1 123 ? -6.198  1.642   -4.170  1.00  14.80  ? 179  VAL A CG2   1 
ATOM   790  N  N     . ILE A 1 124 ? -10.290 2.698   -2.144  1.00  13.92  ? 180  ILE A N     1 
ATOM   791  C  CA    . ILE A 1 124 ? -11.617 3.303   -2.097  1.00  15.24  ? 180  ILE A CA    1 
ATOM   792  C  C     . ILE A 1 124 ? -11.418 4.794   -2.299  1.00  18.32  ? 180  ILE A C     1 
ATOM   793  O  O     . ILE A 1 124 ? -10.824 5.475   -1.459  1.00  16.74  ? 180  ILE A O     1 
ATOM   794  C  CB    . ILE A 1 124 ? -12.358 3.020   -0.778  1.00  13.20  ? 180  ILE A CB    1 
ATOM   795  C  CG1   . ILE A 1 124 ? -12.327 1.518   -0.470  1.00  22.76  ? 180  ILE A CG1   1 
ATOM   796  C  CG2   . ILE A 1 124 ? -13.801 3.517   -0.882  1.00  14.80  ? 180  ILE A CG2   1 
ATOM   797  C  CD1   . ILE A 1 124 ? -13.018 1.135   0.824   1.00  22.06  ? 180  ILE A CD1   1 
ATOM   798  N  N     . ALA A 1 125 ? -11.900 5.279   -3.438  1.00  15.97  ? 181  ALA A N     1 
ATOM   799  C  CA    . ALA A 1 125 ? -11.624 6.635   -3.889  1.00  19.93  ? 181  ALA A CA    1 
ATOM   800  C  C     . ALA A 1 125 ? -12.540 6.995   -5.058  1.00  15.98  ? 181  ALA A C     1 
ATOM   801  O  O     . ALA A 1 125 ? -12.794 6.166   -5.929  1.00  17.53  ? 181  ALA A O     1 
ATOM   802  C  CB    . ALA A 1 125 ? -10.159 6.753   -4.305  1.00  19.00  ? 181  ALA A CB    1 
ATOM   803  N  N     . GLN A 1 126 ? -13.049 8.225   -5.063  1.00  20.15  ? 182  GLN A N     1 
ATOM   804  C  CA    . GLN A 1 126 ? -13.808 8.727   -6.211  1.00  19.71  ? 182  GLN A CA    1 
ATOM   805  C  C     . GLN A 1 126 ? -12.859 8.896   -7.393  1.00  21.39  ? 182  GLN A C     1 
ATOM   806  O  O     . GLN A 1 126 ? -13.149 8.449   -8.502  1.00  24.67  ? 182  GLN A O     1 
ATOM   807  C  CB    . GLN A 1 126 ? -14.488 10.060  -5.884  1.00  22.05  ? 182  GLN A CB    1 
ATOM   808  C  CG    . GLN A 1 126 ? -15.558 9.993   -4.801  1.00  20.19  ? 182  GLN A CG    1 
ATOM   809  C  CD    . GLN A 1 126 ? -16.744 9.116   -5.176  1.00  20.13  ? 182  GLN A CD    1 
ATOM   810  O  OE1   . GLN A 1 126 ? -17.221 8.316   -4.366  1.00  20.01  ? 182  GLN A OE1   1 
ATOM   811  N  NE2   . GLN A 1 126 ? -17.229 9.264   -6.407  1.00  21.17  ? 182  GLN A NE2   1 
ATOM   812  N  N     . VAL A 1 127 ? -11.725 9.542   -7.132  1.00  22.67  ? 183  VAL A N     1 
ATOM   813  C  CA    . VAL A 1 127 ? -10.653 9.718   -8.112  1.00  22.90  ? 183  VAL A CA    1 
ATOM   814  C  C     . VAL A 1 127 ? -9.298  9.528   -7.416  1.00  22.92  ? 183  VAL A C     1 
ATOM   815  O  O     . VAL A 1 127 ? -9.190  9.740   -6.207  1.00  24.91  ? 183  VAL A O     1 
ATOM   816  C  CB    . VAL A 1 127 ? -10.718 11.115  -8.773  1.00  31.58  ? 183  VAL A CB    1 
ATOM   817  C  CG1   . VAL A 1 127 ? -11.981 11.243  -9.616  1.00  45.76  ? 183  VAL A CG1   1 
ATOM   818  C  CG2   . VAL A 1 127 ? -10.658 12.214  -7.726  1.00  32.78  ? 183  VAL A CG2   1 
ATOM   819  N  N     . PRO A 1 128 ? -8.259  9.119   -8.168  1.00  22.07  ? 184  PRO A N     1 
ATOM   820  C  CA    . PRO A 1 128 ? -8.255  8.844   -9.597  1.00  19.22  ? 184  PRO A CA    1 
ATOM   821  C  C     . PRO A 1 128 ? -8.782  7.462   -9.954  1.00  21.74  ? 184  PRO A C     1 
ATOM   822  O  O     . PRO A 1 128 ? -9.121  6.663   -9.069  1.00  20.21  ? 184  PRO A O     1 
ATOM   823  C  CB    . PRO A 1 128 ? -6.770  8.947   -9.956  1.00  27.51  ? 184  PRO A CB    1 
ATOM   824  C  CG    . PRO A 1 128 ? -6.074  8.476   -8.742  1.00  23.61  ? 184  PRO A CG    1 
ATOM   825  C  CD    . PRO A 1 128 ? -6.926  8.903   -7.575  1.00  24.96  ? 184  PRO A CD    1 
ATOM   826  N  N     . LYS A 1 129 ? -8.838  7.204   -11.258 1.00  27.29  ? 185  LYS A N     1 
ATOM   827  C  CA    . LYS A 1 129 ? -9.310  5.943   -11.806 1.00  30.51  ? 185  LYS A CA    1 
ATOM   828  C  C     . LYS A 1 129 ? -8.147  4.940   -11.825 1.00  21.50  ? 185  LYS A C     1 
ATOM   829  O  O     . LYS A 1 129 ? -7.265  4.999   -12.681 1.00  29.79  ? 185  LYS A O     1 
ATOM   830  C  CB    . LYS A 1 129 ? -9.875  6.179   -13.219 1.00  37.28  ? 185  LYS A CB    1 
ATOM   831  C  CG    . LYS A 1 129 ? -11.271 5.621   -13.463 1.00  63.63  ? 185  LYS A CG    1 
ATOM   832  C  CD    . LYS A 1 129 ? -11.236 4.210   -13.998 1.00  56.77  ? 185  LYS A CD    1 
ATOM   833  C  CE    . LYS A 1 129 ? -12.624 3.730   -14.398 1.00  86.48  ? 185  LYS A CE    1 
ATOM   834  N  NZ    . LYS A 1 129 ? -13.172 4.484   -15.560 1.00  92.59  ? 185  LYS A NZ    1 
ATOM   835  N  N     . ILE A 1 130 ? -8.139  4.056   -10.831 1.00  22.27  ? 186  ILE A N     1 
ATOM   836  C  CA    . ILE A 1 130 ? -7.142  2.990   -10.680 1.00  21.11  ? 186  ILE A CA    1 
ATOM   837  C  C     . ILE A 1 130 ? -6.976  2.111   -11.925 1.00  17.86  ? 186  ILE A C     1 
ATOM   838  O  O     . ILE A 1 130 ? -5.859  1.721   -12.256 1.00  20.57  ? 186  ILE A O     1 
ATOM   839  C  CB    . ILE A 1 130 ? -7.466  2.081   -9.454  1.00  19.76  ? 186  ILE A CB    1 
ATOM   840  C  CG1   . ILE A 1 130 ? -7.408  2.877   -8.144  1.00  23.66  ? 186  ILE A CG1   1 
ATOM   841  C  CG2   . ILE A 1 130 ? -6.493  0.908   -9.371  1.00  23.48  ? 186  ILE A CG2   1 
ATOM   842  C  CD1   . ILE A 1 130 ? -6.059  3.505   -7.866  1.00  29.79  ? 186  ILE A CD1   1 
ATOM   843  N  N     . SER A 1 131 ? -8.072  1.801   -12.614 1.00  17.85  ? 187  SER A N     1 
ATOM   844  C  CA    . SER A 1 131 ? -7.986  0.946   -13.807 1.00  23.88  ? 187  SER A CA    1 
ATOM   845  C  C     . SER A 1 131 ? -7.142  1.577   -14.928 1.00  22.39  ? 187  SER A C     1 
ATOM   846  O  O     . SER A 1 131 ? -6.546  0.855   -15.730 1.00  30.20  ? 187  SER A O     1 
ATOM   847  C  CB    . SER A 1 131 ? -9.379  0.558   -14.316 1.00  26.82  ? 187  SER A CB    1 
ATOM   848  O  OG    . SER A 1 131 ? -10.066 1.668   -14.854 1.00  27.87  ? 187  SER A OG    1 
ATOM   849  N  N     . ASN A 1 132 ? -7.080  2.907   -14.973 1.00  24.33  ? 188  ASN A N     1 
ATOM   850  C  CA    . ASN A 1 132 ? -6.245  3.610   -15.956 1.00  22.02  ? 188  ASN A CA    1 
ATOM   851  C  C     . ASN A 1 132 ? -4.750  3.576   -15.627 1.00  28.17  ? 188  ASN A C     1 
ATOM   852  O  O     . ASN A 1 132 ? -3.922  3.773   -16.518 1.00  30.84  ? 188  ASN A O     1 
ATOM   853  C  CB    . ASN A 1 132 ? -6.687  5.072   -16.106 1.00  23.87  ? 188  ASN A CB    1 
ATOM   854  C  CG    . ASN A 1 132 ? -8.076  5.218   -16.722 1.00  33.04  ? 188  ASN A CG    1 
ATOM   855  O  OD1   . ASN A 1 132 ? -8.716  6.262   -16.579 1.00  42.36  ? 188  ASN A OD1   1 
ATOM   856  N  ND2   . ASN A 1 132 ? -8.543  4.183   -17.413 1.00  37.86  ? 188  ASN A ND2   1 
ATOM   857  N  N     . ILE A 1 133 ? -4.409  3.342   -14.360 1.00  21.82  ? 189  ILE A N     1 
ATOM   858  C  CA    . ILE A 1 133 ? -3.007  3.311   -13.924 1.00  20.29  ? 189  ILE A CA    1 
ATOM   859  C  C     . ILE A 1 133 ? -2.600  1.962   -13.309 1.00  18.44  ? 189  ILE A C     1 
ATOM   860  O  O     . ILE A 1 133 ? -1.487  1.831   -12.783 1.00  20.83  ? 189  ILE A O     1 
ATOM   861  C  CB    . ILE A 1 133 ? -2.682  4.483   -12.946 1.00  23.08  ? 189  ILE A CB    1 
ATOM   862  C  CG1   . ILE A 1 133 ? -3.586  4.451   -11.704 1.00  24.70  ? 189  ILE A CG1   1 
ATOM   863  C  CG2   . ILE A 1 133 ? -2.826  5.822   -13.667 1.00  26.35  ? 189  ILE A CG2   1 
ATOM   864  C  CD1   . ILE A 1 133 ? -3.210  5.471   -10.639 1.00  21.79  ? 189  ILE A CD1   1 
ATOM   865  N  N     . ARG A 1 134 ? -3.481  0.963   -13.422 1.00  24.75  ? 190  ARG A N     1 
ATOM   866  C  CA    . ARG A 1 134 ? -3.269  -0.365  -12.833 1.00  20.33  ? 190  ARG A CA    1 
ATOM   867  C  C     . ARG A 1 134 ? -1.948  -0.997  -13.258 1.00  21.41  ? 190  ARG A C     1 
ATOM   868  O  O     . ARG A 1 134 ? -1.186  -1.471  -12.415 1.00  22.28  ? 190  ARG A O     1 
ATOM   869  C  CB    . ARG A 1 134 ? -4.422  -1.308  -13.198 1.00  25.56  ? 190  ARG A CB    1 
ATOM   870  C  CG    . ARG A 1 134 ? -4.181  -2.763  -12.802 1.00  27.94  ? 190  ARG A CG    1 
ATOM   871  C  CD    . ARG A 1 134 ? -5.264  -3.699  -13.300 1.00  31.08  ? 190  ARG A CD    1 
ATOM   872  N  NE    . ARG A 1 134 ? -6.319  -3.901  -12.309 1.00  32.48  ? 190  ARG A NE    1 
ATOM   873  C  CZ    . ARG A 1 134 ? -7.592  -3.517  -12.432 1.00  37.66  ? 190  ARG A CZ    1 
ATOM   874  N  NH1   . ARG A 1 134 ? -8.038  -2.895  -13.522 1.00  31.77  ? 190  ARG A NH1   1 
ATOM   875  N  NH2   . ARG A 1 134 ? -8.438  -3.779  -11.445 1.00  25.82  ? 190  ARG A NH2   1 
ATOM   876  N  N     . LYS A 1 135 ? -1.690  -1.014  -14.565 1.00  25.51  ? 191  LYS A N     1 
ATOM   877  C  CA    . LYS A 1 135 ? -0.484  -1.648  -15.109 1.00  21.97  ? 191  LYS A CA    1 
ATOM   878  C  C     . LYS A 1 135 ? 0.788   -1.058  -14.504 1.00  23.46  ? 191  LYS A C     1 
ATOM   879  O  O     . LYS A 1 135 ? 1.705   -1.793  -14.134 1.00  25.20  ? 191  LYS A O     1 
ATOM   880  C  CB    . LYS A 1 135 ? -0.445  -1.514  -16.636 1.00  33.18  ? 191  LYS A CB    1 
ATOM   881  C  CG    . LYS A 1 135 ? -1.452  -2.390  -17.369 1.00  54.46  ? 191  LYS A CG    1 
ATOM   882  C  CD    . LYS A 1 135 ? -1.020  -3.849  -17.391 0.010 51.33  ? 191  LYS A CD    1 
ATOM   883  C  CE    . LYS A 1 135 ? -1.966  -4.698  -18.224 0.010 52.19  ? 191  LYS A CE    1 
ATOM   884  N  NZ    . LYS A 1 135 ? -1.553  -6.127  -18.259 0.010 53.16  ? 191  LYS A NZ    1 
ATOM   885  N  N     . ASN A 1 136 ? 0.826   0.270   -14.404 1.00  27.53  ? 192  ASN A N     1 
ATOM   886  C  CA    . ASN A 1 136 ? 1.962   0.988   -13.832 1.00  25.21  ? 192  ASN A CA    1 
ATOM   887  C  C     . ASN A 1 136 ? 2.137   0.675   -12.344 1.00  21.85  ? 192  ASN A C     1 
ATOM   888  O  O     . ASN A 1 136 ? 3.247   0.425   -11.879 1.00  21.26  ? 192  ASN A O     1 
ATOM   889  C  CB    . ASN A 1 136 ? 1.774   2.499   -14.035 1.00  31.82  ? 192  ASN A CB    1 
ATOM   890  C  CG    . ASN A 1 136 ? 3.074   3.287   -13.917 1.00  42.18  ? 192  ASN A CG    1 
ATOM   891  O  OD1   . ASN A 1 136 ? 4.076   2.802   -13.393 1.00  41.96  ? 192  ASN A OD1   1 
ATOM   892  N  ND2   . ASN A 1 136 ? 3.053   4.521   -14.411 1.00  43.26  ? 192  ASN A ND2   1 
ATOM   893  N  N     . ILE A 1 137 ? 1.033   0.692   -11.601 1.00  18.96  ? 193  ILE A N     1 
ATOM   894  C  CA    . ILE A 1 137 ? 1.071   0.383   -10.168 1.00  19.44  ? 193  ILE A CA    1 
ATOM   895  C  C     . ILE A 1 137 ? 1.595   -1.033  -9.941  1.00  19.30  ? 193  ILE A C     1 
ATOM   896  O  O     . ILE A 1 137 ? 2.493   -1.250  -9.121  1.00  20.42  ? 193  ILE A O     1 
ATOM   897  C  CB    . ILE A 1 137 ? -0.321  0.532   -9.517  1.00  21.01  ? 193  ILE A CB    1 
ATOM   898  C  CG1   . ILE A 1 137 ? -0.733  2.004   -9.471  1.00  17.72  ? 193  ILE A CG1   1 
ATOM   899  C  CG2   . ILE A 1 137 ? -0.320  -0.045  -8.101  1.00  25.97  ? 193  ILE A CG2   1 
ATOM   900  C  CD1   . ILE A 1 137 ? -2.175  2.215   -9.067  1.00  19.48  ? 193  ILE A CD1   1 
ATOM   901  N  N     . ILE A 1 138 ? 1.044   -1.986  -10.689 1.00  22.14  ? 194  ILE A N     1 
ATOM   902  C  CA    . ILE A 1 138 ? 1.440   -3.390  -10.574 1.00  19.29  ? 194  ILE A CA    1 
ATOM   903  C  C     . ILE A 1 138 ? 2.919   -3.585  -10.933 1.00  22.12  ? 194  ILE A C     1 
ATOM   904  O  O     . ILE A 1 138 ? 3.626   -4.350  -10.268 1.00  26.07  ? 194  ILE A O     1 
ATOM   905  C  CB    . ILE A 1 138 ? 0.529   -4.306  -11.428 1.00  28.62  ? 194  ILE A CB    1 
ATOM   906  C  CG1   . ILE A 1 138 ? -0.874  -4.367  -10.809 1.00  23.86  ? 194  ILE A CG1   1 
ATOM   907  C  CG2   . ILE A 1 138 ? 1.113   -5.704  -11.537 1.00  31.17  ? 194  ILE A CG2   1 
ATOM   908  C  CD1   . ILE A 1 138 ? -1.873  -5.162  -11.620 1.00  26.78  ? 194  ILE A CD1   1 
ATOM   909  N  N     . LYS A 1 139 ? 3.381   -2.885  -11.968 1.00  25.12  ? 195  LYS A N     1 
ATOM   910  C  CA    . LYS A 1 139 ? 4.794   -2.917  -12.355 1.00  26.03  ? 195  LYS A CA    1 
ATOM   911  C  C     . LYS A 1 139 ? 5.680   -2.369  -11.237 1.00  22.76  ? 195  LYS A C     1 
ATOM   912  O  O     . LYS A 1 139 ? 6.716   -2.953  -10.916 1.00  28.40  ? 195  LYS A O     1 
ATOM   913  C  CB    . LYS A 1 139 ? 5.021   -2.123  -13.647 1.00  26.17  ? 195  LYS A CB    1 
ATOM   914  C  CG    . LYS A 1 139 ? 6.452   -2.189  -14.179 1.00  32.10  ? 195  LYS A CG    1 
ATOM   915  C  CD    . LYS A 1 139 ? 6.583   -1.468  -15.510 1.00  82.96  ? 195  LYS A CD    1 
ATOM   916  C  CE    . LYS A 1 139 ? 8.019   -1.484  -16.009 1.00  99.59  ? 195  LYS A CE    1 
ATOM   917  N  NZ    . LYS A 1 139 ? 8.167   -0.782  -17.314 1.00  96.63  ? 195  LYS A NZ    1 
ATOM   918  N  N     . ASN A 1 140 ? 5.259   -1.251  -10.646 1.00  22.65  ? 196  ASN A N     1 
ATOM   919  C  CA    . ASN A 1 140 ? 5.992   -0.624  -9.550  1.00  23.22  ? 196  ASN A CA    1 
ATOM   920  C  C     . ASN A 1 140 ? 6.067   -1.519  -8.314  1.00  26.49  ? 196  ASN A C     1 
ATOM   921  O  O     . ASN A 1 140 ? 7.132   -1.674  -7.723  1.00  24.93  ? 196  ASN A O     1 
ATOM   922  C  CB    . ASN A 1 140 ? 5.357   0.718   -9.178  1.00  27.70  ? 196  ASN A CB    1 
ATOM   923  C  CG    . ASN A 1 140 ? 5.599   1.797   -10.218 1.00  27.87  ? 196  ASN A CG    1 
ATOM   924  O  OD1   . ASN A 1 140 ? 6.390   1.624   -11.150 1.00  30.52  ? 196  ASN A OD1   1 
ATOM   925  N  ND2   . ASN A 1 140 ? 4.917   2.928   -10.058 1.00  26.52  ? 196  ASN A ND2   1 
ATOM   926  N  N     . ILE A 1 141 ? 4.936   -2.111  -7.932  1.00  20.09  ? 197  ILE A N     1 
ATOM   927  C  CA    . ILE A 1 141 ? 4.898   -3.012  -6.777  1.00  19.59  ? 197  ILE A CA    1 
ATOM   928  C  C     . ILE A 1 141 ? 5.780   -4.248  -7.003  1.00  21.31  ? 197  ILE A C     1 
ATOM   929  O  O     . ILE A 1 141 ? 6.502   -4.675  -6.097  1.00  21.45  ? 197  ILE A O     1 
ATOM   930  C  CB    . ILE A 1 141 ? 3.453   -3.460  -6.448  1.00  19.02  ? 197  ILE A CB    1 
ATOM   931  C  CG1   . ILE A 1 141 ? 2.618   -2.274  -5.971  1.00  21.21  ? 197  ILE A CG1   1 
ATOM   932  C  CG2   . ILE A 1 141 ? 3.454   -4.555  -5.388  1.00  19.15  ? 197  ILE A CG2   1 
ATOM   933  C  CD1   . ILE A 1 141 ? 1.134   -2.544  -5.972  1.00  19.50  ? 197  ILE A CD1   1 
ATOM   934  N  N     . SER A 1 142 ? 5.714   -4.817  -8.206  1.00  21.95  ? 198  SER A N     1 
ATOM   935  C  CA    . SER A 1 142 ? 6.516   -5.994  -8.553  1.00  21.77  ? 198  SER A CA    1 
ATOM   936  C  C     . SER A 1 142 ? 8.010   -5.693  -8.448  1.00  27.01  ? 198  SER A C     1 
ATOM   937  O  O     . SER A 1 142 ? 8.784   -6.525  -7.974  1.00  25.22  ? 198  SER A O     1 
ATOM   938  C  CB    . SER A 1 142 ? 6.173   -6.493  -9.959  1.00  29.99  ? 198  SER A CB    1 
ATOM   939  O  OG    . SER A 1 142 ? 6.422   -5.501  -10.937 1.00  46.54  ? 198  SER A OG    1 
ATOM   940  N  N     . THR A 1 143 ? 8.399   -4.496  -8.877  1.00  27.90  ? 199  THR A N     1 
ATOM   941  C  CA    . THR A 1 143 ? 9.800   -4.078  -8.848  1.00  31.90  ? 199  THR A CA    1 
ATOM   942  C  C     . THR A 1 143 ? 10.319  -3.868  -7.422  1.00  24.75  ? 199  THR A C     1 
ATOM   943  O  O     . THR A 1 143 ? 11.396  -4.361  -7.076  1.00  41.11  ? 199  THR A O     1 
ATOM   944  C  CB    . THR A 1 143 ? 10.005  -2.770  -9.648  1.00  34.26  ? 199  THR A CB    1 
ATOM   945  O  OG1   . THR A 1 143 ? 9.586   -2.964  -11.005 1.00  31.17  ? 199  THR A OG1   1 
ATOM   946  C  CG2   . THR A 1 143 ? 11.467  -2.341  -9.623  1.00  50.15  ? 199  THR A CG2   1 
ATOM   947  N  N     . VAL A 1 144 ? 9.545   -3.157  -6.604  1.00  22.98  ? 200  VAL A N     1 
ATOM   948  C  CA    A VAL A 1 144 ? 9.981   -2.780  -5.258  0.50  28.49  ? 200  VAL A CA    1 
ATOM   949  C  CA    B VAL A 1 144 ? 9.971   -2.782  -5.253  0.50  27.18  ? 200  VAL A CA    1 
ATOM   950  C  C     . VAL A 1 144 ? 9.948   -3.964  -4.286  1.00  37.27  ? 200  VAL A C     1 
ATOM   951  O  O     . VAL A 1 144 ? 10.717  -4.000  -3.326  1.00  40.21  ? 200  VAL A O     1 
ATOM   952  C  CB    A VAL A 1 144 ? 9.137   -1.615  -4.686  0.50  32.16  ? 200  VAL A CB    1 
ATOM   953  C  CB    B VAL A 1 144 ? 9.112   -1.629  -4.667  0.50  31.80  ? 200  VAL A CB    1 
ATOM   954  C  CG1   A VAL A 1 144 ? 9.719   -1.131  -3.369  0.50  36.14  ? 200  VAL A CG1   1 
ATOM   955  C  CG1   B VAL A 1 144 ? 9.225   -0.384  -5.537  0.50  42.41  ? 200  VAL A CG1   1 
ATOM   956  C  CG2   A VAL A 1 144 ? 9.070   -0.461  -5.678  0.50  53.63  ? 200  VAL A CG2   1 
ATOM   957  C  CG2   B VAL A 1 144 ? 7.653   -2.052  -4.514  0.50  27.88  ? 200  VAL A CG2   1 
ATOM   958  N  N     . LEU A 1 145 ? 9.061   -4.927  -4.535  1.00  22.72  ? 201  LEU A N     1 
ATOM   959  C  CA    . LEU A 1 145 ? 8.964   -6.122  -3.686  1.00  25.06  ? 201  LEU A CA    1 
ATOM   960  C  C     . LEU A 1 145 ? 9.719   -7.322  -4.258  1.00  22.12  ? 201  LEU A C     1 
ATOM   961  O  O     . LEU A 1 145 ? 9.886   -8.334  -3.573  1.00  28.89  ? 201  LEU A O     1 
ATOM   962  C  CB    . LEU A 1 145 ? 7.496   -6.498  -3.438  1.00  21.62  ? 201  LEU A CB    1 
ATOM   963  C  CG    . LEU A 1 145 ? 6.694   -5.550  -2.545  1.00  26.68  ? 201  LEU A CG    1 
ATOM   964  C  CD1   . LEU A 1 145 ? 5.259   -6.040  -2.394  1.00  23.62  ? 201  LEU A CD1   1 
ATOM   965  C  CD2   . LEU A 1 145 ? 7.346   -5.394  -1.180  1.00  35.10  ? 201  LEU A CD2   1 
ATOM   966  N  N     . ASN A 1 146 ? 10.173  -7.203  -5.508  1.00  25.20  ? 202  ASN A N     1 
ATOM   967  C  CA    . ASN A 1 146 ? 10.870  -8.281  -6.213  1.00  31.54  ? 202  ASN A CA    1 
ATOM   968  C  C     . ASN A 1 146 ? 10.003  -9.541  -6.337  1.00  32.34  ? 202  ASN A C     1 
ATOM   969  O  O     . ASN A 1 146 ? 10.440  -10.653 -6.027  1.00  31.28  ? 202  ASN A O     1 
ATOM   970  C  CB    . ASN A 1 146 ? 12.217  -8.586  -5.533  1.00  38.17  ? 202  ASN A CB    1 
ATOM   971  C  CG    . ASN A 1 146 ? 13.164  -9.387  -6.421  1.00  54.63  ? 202  ASN A CG    1 
ATOM   972  O  OD1   . ASN A 1 146 ? 12.988  -9.466  -7.638  1.00  45.54  ? 202  ASN A OD1   1 
ATOM   973  N  ND2   . ASN A 1 146 ? 14.179  -9.982  -5.806  1.00  78.35  ? 202  ASN A ND2   1 
ATOM   974  N  N     . ILE A 1 147 ? 8.762   -9.347  -6.779  1.00  28.60  ? 203  ILE A N     1 
ATOM   975  C  CA    . ILE A 1 147 ? 7.840   -10.454 -7.044  1.00  30.65  ? 203  ILE A CA    1 
ATOM   976  C  C     . ILE A 1 147 ? 7.281   -10.329 -8.456  1.00  25.95  ? 203  ILE A C     1 
ATOM   977  O  O     . ILE A 1 147 ? 7.477   -9.309  -9.121  1.00  29.76  ? 203  ILE A O     1 
ATOM   978  C  CB    . ILE A 1 147 ? 6.679   -10.514 -6.012  1.00  19.79  ? 203  ILE A CB    1 
ATOM   979  C  CG1   . ILE A 1 147 ? 5.833   -9.231  -6.039  1.00  26.94  ? 203  ILE A CG1   1 
ATOM   980  C  CG2   . ILE A 1 147 ? 7.228   -10.763 -4.610  1.00  25.65  ? 203  ILE A CG2   1 
ATOM   981  C  CD1   . ILE A 1 147 ? 4.666   -9.240  -5.059  1.00  27.55  ? 203  ILE A CD1   1 
ATOM   982  N  N     . ASP A 1 148 ? 6.590   -11.371 -8.905  1.00  25.20  ? 204  ASP A N     1 
ATOM   983  C  CA    . ASP A 1 148 ? 6.004   -11.404 -10.237 1.00  30.45  ? 204  ASP A CA    1 
ATOM   984  C  C     . ASP A 1 148 ? 4.679   -10.651 -10.240 1.00  34.02  ? 204  ASP A C     1 
ATOM   985  O  O     . ASP A 1 148 ? 3.971   -10.629 -9.231  1.00  22.89  ? 204  ASP A O     1 
ATOM   986  C  CB    . ASP A 1 148 ? 5.780   -12.850 -10.681 1.00  31.11  ? 204  ASP A CB    1 
ATOM   987  C  CG    . ASP A 1 148 ? 5.490   -12.965 -12.163 1.00  45.76  ? 204  ASP A CG    1 
ATOM   988  O  OD1   . ASP A 1 148 ? 6.412   -12.723 -12.969 1.00  43.29  ? 204  ASP A OD1   1 
ATOM   989  O  OD2   . ASP A 1 148 ? 4.336   -13.284 -12.522 1.00  36.95  ? 204  ASP A OD2   1 
ATOM   990  N  N     . GLU A 1 149 ? 4.346   -10.048 -11.378 1.00  30.60  ? 205  GLU A N     1 
ATOM   991  C  CA    . GLU A 1 149 ? 3.103   -9.286  -11.525 1.00  27.57  ? 205  GLU A CA    1 
ATOM   992  C  C     . GLU A 1 149 ? 1.856   -10.149 -11.317 1.00  30.88  ? 205  GLU A C     1 
ATOM   993  O  O     . GLU A 1 149 ? 0.804   -9.637  -10.923 1.00  30.75  ? 205  GLU A O     1 
ATOM   994  C  CB    . GLU A 1 149 ? 3.046   -8.610  -12.900 1.00  30.05  ? 205  GLU A CB    1 
ATOM   995  C  CG    . GLU A 1 149 ? 4.116   -7.543  -13.105 1.00  31.80  ? 205  GLU A CG    1 
ATOM   996  C  CD    . GLU A 1 149 ? 4.010   -6.844  -14.449 1.00  74.04  ? 205  GLU A CD    1 
ATOM   997  O  OE1   . GLU A 1 149 ? 3.222   -7.294  -15.309 1.00  84.48  ? 205  GLU A OE1   1 
ATOM   998  O  OE2   . GLU A 1 149 ? 4.721   -5.838  -14.648 1.00  47.34  ? 205  GLU A OE2   1 
ATOM   999  N  N     . SER A 1 150 ? 1.981   -11.453 -11.569 1.00  26.52  ? 206  SER A N     1 
ATOM   1000 C  CA    . SER A 1 150 ? 0.885   -12.399 -11.349 1.00  30.06  ? 206  SER A CA    1 
ATOM   1001 C  C     . SER A 1 150 ? 0.536   -12.602 -9.869  1.00  24.66  ? 206  SER A C     1 
ATOM   1002 O  O     . SER A 1 150 ? -0.490  -13.208 -9.555  1.00  25.49  ? 206  SER A O     1 
ATOM   1003 C  CB    . SER A 1 150 ? 1.218   -13.758 -11.977 1.00  33.59  ? 206  SER A CB    1 
ATOM   1004 O  OG    . SER A 1 150 ? 2.245   -14.420 -11.258 1.00  28.81  ? 206  SER A OG    1 
ATOM   1005 N  N     . GLN A 1 151 ? 1.391   -12.112 -8.972  1.00  23.57  ? 207  GLN A N     1 
ATOM   1006 C  CA    . GLN A 1 151 ? 1.140   -12.179 -7.530  1.00  24.15  ? 207  GLN A CA    1 
ATOM   1007 C  C     . GLN A 1 151 ? 0.471   -10.918 -6.975  1.00  17.18  ? 207  GLN A C     1 
ATOM   1008 O  O     . GLN A 1 151 ? 0.297   -10.809 -5.761  1.00  17.76  ? 207  GLN A O     1 
ATOM   1009 C  CB    . GLN A 1 151 ? 2.455   -12.413 -6.783  1.00  23.09  ? 207  GLN A CB    1 
ATOM   1010 C  CG    . GLN A 1 151 ? 3.104   -13.748 -7.097  1.00  19.37  ? 207  GLN A CG    1 
ATOM   1011 C  CD    . GLN A 1 151 ? 4.526   -13.847 -6.582  1.00  21.08  ? 207  GLN A CD    1 
ATOM   1012 O  OE1   . GLN A 1 151 ? 5.479   -13.656 -7.336  1.00  24.09  ? 207  GLN A OE1   1 
ATOM   1013 N  NE2   . GLN A 1 151 ? 4.678   -14.142 -5.300  1.00  22.62  ? 207  GLN A NE2   1 
ATOM   1014 N  N     . ILE A 1 152 ? 0.106   -9.980  -7.851  1.00  18.58  ? 208  ILE A N     1 
ATOM   1015 C  CA    . ILE A 1 152 ? -0.416  -8.669  -7.435  1.00  19.84  ? 208  ILE A CA    1 
ATOM   1016 C  C     . ILE A 1 152 ? -1.774  -8.356  -8.074  1.00  27.49  ? 208  ILE A C     1 
ATOM   1017 O  O     . ILE A 1 152 ? -1.963  -8.528  -9.279  1.00  21.61  ? 208  ILE A O     1 
ATOM   1018 C  CB    . ILE A 1 152 ? 0.560   -7.536  -7.820  1.00  19.44  ? 208  ILE A CB    1 
ATOM   1019 C  CG1   . ILE A 1 152 ? 1.957   -7.809  -7.254  1.00  20.26  ? 208  ILE A CG1   1 
ATOM   1020 C  CG2   . ILE A 1 152 ? 0.043   -6.188  -7.326  1.00  24.29  ? 208  ILE A CG2   1 
ATOM   1021 C  CD1   . ILE A 1 152 ? 3.019   -6.884  -7.811  1.00  24.40  ? 208  ILE A CD1   1 
ATOM   1022 N  N     . SER A 1 153 ? -2.710  -7.896  -7.246  1.00  17.14  ? 209  SER A N     1 
ATOM   1023 C  CA    . SER A 1 153 ? -3.984  -7.357  -7.702  1.00  17.47  ? 209  SER A CA    1 
ATOM   1024 C  C     . SER A 1 153 ? -4.173  -5.979  -7.088  1.00  18.05  ? 209  SER A C     1 
ATOM   1025 O  O     . SER A 1 153 ? -3.913  -5.786  -5.899  1.00  18.08  ? 209  SER A O     1 
ATOM   1026 C  CB    . SER A 1 153 ? -5.135  -8.260  -7.274  1.00  18.80  ? 209  SER A CB    1 
ATOM   1027 O  OG    . SER A 1 153 ? -6.385  -7.618  -7.457  1.00  20.96  ? 209  SER A OG    1 
ATOM   1028 N  N     . VAL A 1 154 ? -4.615  -5.027  -7.907  1.00  15.55  ? 210  VAL A N     1 
ATOM   1029 C  CA    . VAL A 1 154 ? -5.025  -3.711  -7.423  1.00  18.46  ? 210  VAL A CA    1 
ATOM   1030 C  C     . VAL A 1 154 ? -6.341  -3.318  -8.097  1.00  20.43  ? 210  VAL A C     1 
ATOM   1031 O  O     . VAL A 1 154 ? -6.476  -3.408  -9.322  1.00  21.03  ? 210  VAL A O     1 
ATOM   1032 C  CB    . VAL A 1 154 ? -3.939  -2.636  -7.651  1.00  25.23  ? 210  VAL A CB    1 
ATOM   1033 C  CG1   . VAL A 1 154 ? -3.650  -2.443  -9.133  1.00  27.62  ? 210  VAL A CG1   1 
ATOM   1034 C  CG2   . VAL A 1 154 ? -4.355  -1.320  -7.001  1.00  23.10  ? 210  VAL A CG2   1 
ATOM   1035 N  N     . LYS A 1 155 ? -7.309  -2.913  -7.275  1.00  18.49  ? 211  LYS A N     1 
ATOM   1036 C  CA    . LYS A 1 155 ? -8.663  -2.596  -7.726  1.00  18.71  ? 211  LYS A CA    1 
ATOM   1037 C  C     . LYS A 1 155 ? -9.119  -1.319  -7.034  1.00  15.99  ? 211  LYS A C     1 
ATOM   1038 O  O     . LYS A 1 155 ? -8.741  -1.065  -5.885  1.00  21.63  ? 211  LYS A O     1 
ATOM   1039 C  CB    . LYS A 1 155 ? -9.633  -3.734  -7.370  1.00  22.77  ? 211  LYS A CB    1 
ATOM   1040 C  CG    . LYS A 1 155 ? -9.046  -5.143  -7.463  1.00  60.01  ? 211  LYS A CG    1 
ATOM   1041 C  CD    . LYS A 1 155 ? -10.112 -6.234  -7.332  1.00  29.30  ? 211  LYS A CD    1 
ATOM   1042 C  CE    . LYS A 1 155 ? -10.673 -6.351  -5.923  1.00  33.52  ? 211  LYS A CE    1 
ATOM   1043 N  NZ    . LYS A 1 155 ? -9.675  -6.810  -4.918  1.00  26.16  ? 211  LYS A NZ    1 
ATOM   1044 N  N     . GLY A 1 156 ? -9.941  -0.534  -7.731  1.00  18.42  ? 212  GLY A N     1 
ATOM   1045 C  CA    . GLY A 1 156 ? -10.520 0.685   -7.182  1.00  16.62  ? 212  GLY A CA    1 
ATOM   1046 C  C     . GLY A 1 156 ? -12.036 0.640   -7.167  1.00  17.19  ? 212  GLY A C     1 
ATOM   1047 O  O     . GLY A 1 156 ? -12.653 0.053   -8.056  1.00  16.54  ? 212  GLY A O     1 
ATOM   1048 N  N     . LYS A 1 157 ? -12.621 1.248   -6.137  1.00  13.74  ? 213  LYS A N     1 
ATOM   1049 C  CA    . LYS A 1 157 ? -14.068 1.399   -5.997  1.00  13.85  ? 213  LYS A CA    1 
ATOM   1050 C  C     . LYS A 1 157 ? -14.364 2.800   -5.486  1.00  20.32  ? 213  LYS A C     1 
ATOM   1051 O  O     . LYS A 1 157 ? -13.660 3.296   -4.609  1.00  17.27  ? 213  LYS A O     1 
ATOM   1052 C  CB    . LYS A 1 157 ? -14.618 0.378   -4.995  1.00  18.69  ? 213  LYS A CB    1 
ATOM   1053 C  CG    . LYS A 1 157 ? -14.519 -1.071  -5.443  1.00  18.43  ? 213  LYS A CG    1 
ATOM   1054 C  CD    . LYS A 1 157 ? -15.564 -1.425  -6.492  1.00  22.20  ? 213  LYS A CD    1 
ATOM   1055 C  CE    . LYS A 1 157 ? -16.957 -1.537  -5.886  1.00  23.33  ? 213  LYS A CE    1 
ATOM   1056 N  NZ    . LYS A 1 157 ? -17.905 -2.245  -6.785  1.00  22.16  ? 213  LYS A NZ    1 
ATOM   1057 N  N     . THR A 1 158 ? -15.400 3.441   -6.024  1.00  17.15  ? 214  THR A N     1 
ATOM   1058 C  CA    . THR A 1 158 ? -15.859 4.719   -5.472  1.00  18.99  ? 214  THR A CA    1 
ATOM   1059 C  C     . THR A 1 158 ? -16.608 4.478   -4.164  1.00  16.48  ? 214  THR A C     1 
ATOM   1060 O  O     . THR A 1 158 ? -16.846 3.333   -3.776  1.00  18.10  ? 214  THR A O     1 
ATOM   1061 C  CB    . THR A 1 158 ? -16.800 5.488   -6.433  1.00  19.99  ? 214  THR A CB    1 
ATOM   1062 O  OG1   . THR A 1 158 ? -18.081 4.844   -6.494  1.00  21.05  ? 214  THR A OG1   1 
ATOM   1063 C  CG2   . THR A 1 158 ? -16.199 5.593   -7.826  1.00  19.56  ? 214  THR A CG2   1 
ATOM   1064 N  N     . HIS A 1 159 ? -16.978 5.567   -3.496  1.00  16.64  ? 215  HIS A N     1 
ATOM   1065 C  CA    . HIS A 1 159 ? -17.833 5.501   -2.310  1.00  14.90  ? 215  HIS A CA    1 
ATOM   1066 C  C     . HIS A 1 159 ? -19.211 6.134   -2.575  1.00  17.96  ? 215  HIS A C     1 
ATOM   1067 O  O     . HIS A 1 159 ? -19.830 6.697   -1.664  1.00  17.54  ? 215  HIS A O     1 
ATOM   1068 C  CB    . HIS A 1 159 ? -17.130 6.182   -1.134  1.00  15.37  ? 215  HIS A CB    1 
ATOM   1069 C  CG    . HIS A 1 159 ? -17.555 5.667   0.201   1.00  19.38  ? 215  HIS A CG    1 
ATOM   1070 N  ND1   . HIS A 1 159 ? -18.454 6.336   1.005   1.00  17.34  ? 215  HIS A ND1   1 
ATOM   1071 C  CD2   . HIS A 1 159 ? -17.214 4.543   0.872   1.00  18.57  ? 215  HIS A CD2   1 
ATOM   1072 C  CE1   . HIS A 1 159 ? -18.640 5.651   2.117   1.00  23.69  ? 215  HIS A CE1   1 
ATOM   1073 N  NE2   . HIS A 1 159 ? -17.897 4.560   2.063   1.00  18.95  ? 215  HIS A NE2   1 
ATOM   1074 N  N     . GLU A 1 160 ? -19.671 6.042   -3.828  1.00  17.23  ? 216  GLU A N     1 
ATOM   1075 C  CA    . GLU A 1 160 ? -21.011 6.491   -4.247  1.00  21.77  ? 216  GLU A CA    1 
ATOM   1076 C  C     . GLU A 1 160 ? -21.287 7.966   -3.936  1.00  18.33  ? 216  GLU A C     1 
ATOM   1077 O  O     . GLU A 1 160 ? -22.438 8.361   -3.703  1.00  24.08  ? 216  GLU A O     1 
ATOM   1078 C  CB    . GLU A 1 160 ? -22.091 5.594   -3.623  1.00  18.78  ? 216  GLU A CB    1 
ATOM   1079 C  CG    . GLU A 1 160 ? -22.030 4.137   -4.066  1.00  26.09  ? 216  GLU A CG    1 
ATOM   1080 C  CD    . GLU A 1 160 ? -22.357 3.949   -5.538  1.00  33.05  ? 216  GLU A CD    1 
ATOM   1081 O  OE1   . GLU A 1 160 ? -23.222 4.680   -6.061  1.00  34.28  ? 216  GLU A OE1   1 
ATOM   1082 O  OE2   . GLU A 1 160 ? -21.744 3.069   -6.175  1.00  43.44  ? 216  GLU A OE2   1 
ATOM   1083 N  N     . LYS A 1 161 ? -20.225 8.772   -3.950  1.00  18.63  ? 217  LYS A N     1 
ATOM   1084 C  CA    . LYS A 1 161 ? -20.289 10.188  -3.595  1.00  17.40  ? 217  LYS A CA    1 
ATOM   1085 C  C     . LYS A 1 161 ? -20.863 10.477  -2.200  1.00  24.17  ? 217  LYS A C     1 
ATOM   1086 O  O     . LYS A 1 161 ? -21.345 11.583  -1.946  1.00  26.64  ? 217  LYS A O     1 
ATOM   1087 C  CB    . LYS A 1 161 ? -21.066 10.970  -4.668  1.00  24.20  ? 217  LYS A CB    1 
ATOM   1088 C  CG    . LYS A 1 161 ? -20.575 10.724  -6.086  1.00  23.44  ? 217  LYS A CG    1 
ATOM   1089 C  CD    . LYS A 1 161 ? -21.287 11.616  -7.093  1.00  31.83  ? 217  LYS A CD    1 
ATOM   1090 C  CE    . LYS A 1 161 ? -20.817 11.339  -8.514  1.00  51.00  ? 217  LYS A CE    1 
ATOM   1091 N  NZ    . LYS A 1 161 ? -19.380 11.673  -8.711  1.00  68.10  ? 217  LYS A NZ    1 
ATOM   1092 N  N     . LEU A 1 162 ? -20.786 9.495   -1.298  1.00  18.15  ? 218  LEU A N     1 
ATOM   1093 C  CA    . LEU A 1 162 ? -21.240 9.652   0.085   1.00  19.91  ? 218  LEU A CA    1 
ATOM   1094 C  C     . LEU A 1 162 ? -20.074 9.668   1.071   1.00  22.27  ? 218  LEU A C     1 
ATOM   1095 O  O     . LEU A 1 162 ? -19.056 8.996   0.870   1.00  18.13  ? 218  LEU A O     1 
ATOM   1096 C  CB    . LEU A 1 162 ? -22.191 8.517   0.467   1.00  21.63  ? 218  LEU A CB    1 
ATOM   1097 C  CG    . LEU A 1 162 ? -23.478 8.368   -0.346  1.00  25.68  ? 218  LEU A CG    1 
ATOM   1098 C  CD1   . LEU A 1 162 ? -24.258 7.162   0.146   1.00  33.91  ? 218  LEU A CD1   1 
ATOM   1099 C  CD2   . LEU A 1 162 ? -24.324 9.631   -0.265  1.00  34.50  ? 218  LEU A CD2   1 
ATOM   1100 N  N     . GLY A 1 163 ? -20.230 10.435  2.147   1.00  23.11  ? 219  GLY A N     1 
ATOM   1101 C  CA    . GLY A 1 163 ? -19.241 10.470  3.222   1.00  22.61  ? 219  GLY A CA    1 
ATOM   1102 C  C     . GLY A 1 163 ? -17.966 11.184  2.824   1.00  18.94  ? 219  GLY A C     1 
ATOM   1103 O  O     . GLY A 1 163 ? -17.878 11.754  1.740   1.00  18.59  ? 219  GLY A O     1 
ATOM   1104 N  N     . VAL A 1 164 ? -16.966 11.131  3.699   1.00  18.43  ? 220  VAL A N     1 
ATOM   1105 C  CA    . VAL A 1 164 ? -15.707 11.846  3.472   1.00  22.50  ? 220  VAL A CA    1 
ATOM   1106 C  C     . VAL A 1 164 ? -14.971 11.383  2.203   1.00  20.48  ? 220  VAL A C     1 
ATOM   1107 O  O     . VAL A 1 164 ? -14.449 12.212  1.457   1.00  20.95  ? 220  VAL A O     1 
ATOM   1108 C  CB    . VAL A 1 164 ? -14.767 11.769  4.702   1.00  28.02  ? 220  VAL A CB    1 
ATOM   1109 C  CG1   . VAL A 1 164 ? -15.392 12.501  5.891   1.00  28.01  ? 220  VAL A CG1   1 
ATOM   1110 C  CG2   . VAL A 1 164 ? -14.454 10.326  5.060   1.00  26.14  ? 220  VAL A CG2   1 
ATOM   1111 N  N     . ILE A 1 165 ? -14.946 10.078  1.942   1.00  19.25  ? 221  ILE A N     1 
ATOM   1112 C  CA    . ILE A 1 165 ? -14.346 9.570   0.701   1.00  17.13  ? 221  ILE A CA    1 
ATOM   1113 C  C     . ILE A 1 165 ? -15.162 10.019  -0.517  1.00  17.12  ? 221  ILE A C     1 
ATOM   1114 O  O     . ILE A 1 165 ? -14.601 10.498  -1.505  1.00  18.77  ? 221  ILE A O     1 
ATOM   1115 C  CB    . ILE A 1 165 ? -14.207 8.030   0.713   1.00  19.57  ? 221  ILE A CB    1 
ATOM   1116 C  CG1   . ILE A 1 165 ? -13.268 7.586   1.833   1.00  24.93  ? 221  ILE A CG1   1 
ATOM   1117 C  CG2   . ILE A 1 165 ? -13.674 7.510   -0.625  1.00  20.71  ? 221  ILE A CG2   1 
ATOM   1118 C  CD1   . ILE A 1 165 ? -13.252 6.091   2.024   1.00  21.98  ? 221  ILE A CD1   1 
ATOM   1119 N  N     . GLY A 1 166 ? -16.482 9.873   -0.440  1.00  18.65  ? 222  GLY A N     1 
ATOM   1120 C  CA    . GLY A 1 166 ? -17.362 10.233  -1.551  1.00  15.77  ? 222  GLY A CA    1 
ATOM   1121 C  C     . GLY A 1 166 ? -17.330 11.708  -1.917  1.00  15.86  ? 222  GLY A C     1 
ATOM   1122 O  O     . GLY A 1 166 ? -17.520 12.065  -3.078  1.00  21.85  ? 222  GLY A O     1 
ATOM   1123 N  N     . GLU A 1 167 ? -17.081 12.558  -0.925  1.00  16.38  ? 223  GLU A N     1 
ATOM   1124 C  CA    . GLU A 1 167 ? -16.955 13.999  -1.142  1.00  24.73  ? 223  GLU A CA    1 
ATOM   1125 C  C     . GLU A 1 167 ? -15.510 14.420  -1.461  1.00  23.58  ? 223  GLU A C     1 
ATOM   1126 O  O     . GLU A 1 167 ? -15.191 15.610  -1.438  1.00  23.59  ? 223  GLU A O     1 
ATOM   1127 C  CB    . GLU A 1 167 ? -17.487 14.760  0.077   1.00  24.33  ? 223  GLU A CB    1 
ATOM   1128 C  CG    . GLU A 1 167 ? -18.988 14.586  0.290   1.00  33.13  ? 223  GLU A CG    1 
ATOM   1129 C  CD    . GLU A 1 167 ? -19.509 15.297  1.530   1.00  54.27  ? 223  GLU A CD    1 
ATOM   1130 O  OE1   . GLU A 1 167 ? -18.745 16.053  2.164   1.00  55.84  ? 223  GLU A OE1   1 
ATOM   1131 O  OE2   . GLU A 1 167 ? -20.695 15.097  1.868   1.00  44.91  ? 223  GLU A OE2   1 
ATOM   1132 N  N     . LYS A 1 168 ? -14.653 13.443  -1.764  1.00  18.42  ? 224  LYS A N     1 
ATOM   1133 C  CA    . LYS A 1 168 ? -13.271 13.676  -2.199  1.00  19.38  ? 224  LYS A CA    1 
ATOM   1134 C  C     . LYS A 1 168 ? -12.393 14.393  -1.169  1.00  21.58  ? 224  LYS A C     1 
ATOM   1135 O  O     . LYS A 1 168 ? -11.461 15.116  -1.530  1.00  24.64  ? 224  LYS A O     1 
ATOM   1136 C  CB    . LYS A 1 168 ? -13.247 14.415  -3.549  1.00  23.31  ? 224  LYS A CB    1 
ATOM   1137 C  CG    . LYS A 1 168 ? -14.016 13.698  -4.652  1.00  27.84  ? 224  LYS A CG    1 
ATOM   1138 C  CD    . LYS A 1 168 ? -13.968 14.451  -5.977  1.00  41.74  ? 224  LYS A CD    1 
ATOM   1139 C  CE    . LYS A 1 168 ? -14.876 15.673  -5.965  1.00  67.68  ? 224  LYS A CE    1 
ATOM   1140 N  NZ    . LYS A 1 168 ? -14.945 16.330  -7.299  1.00  75.27  ? 224  LYS A NZ    1 
ATOM   1141 N  N     . LYS A 1 169 ? -12.680 14.171  0.110   1.00  18.10  ? 225  LYS A N     1 
ATOM   1142 C  CA    . LYS A 1 169 ? -11.886 14.731  1.198   1.00  21.57  ? 225  LYS A CA    1 
ATOM   1143 C  C     . LYS A 1 169 ? -10.727 13.803  1.557   1.00  19.11  ? 225  LYS A C     1 
ATOM   1144 O  O     . LYS A 1 169 ? -9.747  14.239  2.159   1.00  20.18  ? 225  LYS A O     1 
ATOM   1145 C  CB    . LYS A 1 169 ? -12.756 14.983  2.433   1.00  23.98  ? 225  LYS A CB    1 
ATOM   1146 C  CG    . LYS A 1 169 ? -13.835 16.043  2.227   1.00  30.13  ? 225  LYS A CG    1 
ATOM   1147 C  CD    . LYS A 1 169 ? -14.728 16.196  3.455   1.00  39.83  ? 225  LYS A CD    1 
ATOM   1148 C  CE    . LYS A 1 169 ? -14.021 16.930  4.585   1.00  90.44  ? 225  LYS A CE    1 
ATOM   1149 N  NZ    . LYS A 1 169 ? -14.927 17.180  5.740   1.00  73.29  ? 225  LYS A NZ    1 
ATOM   1150 N  N     . ALA A 1 170 ? -10.847 12.526  1.192   1.00  18.71  ? 226  ALA A N     1 
ATOM   1151 C  CA    . ALA A 1 170 ? -9.818  11.539  1.494   1.00  18.21  ? 226  ALA A CA    1 
ATOM   1152 C  C     . ALA A 1 170 ? -9.886  10.354  0.538   1.00  15.80  ? 226  ALA A C     1 
ATOM   1153 O  O     . ALA A 1 170 ? -10.868 10.180  -0.186  1.00  17.27  ? 226  ALA A O     1 
ATOM   1154 C  CB    . ALA A 1 170 ? -9.958  11.061  2.938   1.00  18.21  ? 226  ALA A CB    1 
ATOM   1155 N  N     . ILE A 1 171 ? -8.825  9.552   0.545   1.00  17.10  ? 227  ILE A N     1 
ATOM   1156 C  CA    . ILE A 1 171 ? -8.785  8.262   -0.152  1.00  17.85  ? 227  ILE A CA    1 
ATOM   1157 C  C     . ILE A 1 171 ? -8.225  7.214   0.805   1.00  16.09  ? 227  ILE A C     1 
ATOM   1158 O  O     . ILE A 1 171 ? -7.429  7.536   1.692   1.00  15.33  ? 227  ILE A O     1 
ATOM   1159 C  CB    . ILE A 1 171 ? -7.928  8.313   -1.438  1.00  18.74  ? 227  ILE A CB    1 
ATOM   1160 C  CG1   . ILE A 1 171 ? -6.510  8.832   -1.150  1.00  20.36  ? 227  ILE A CG1   1 
ATOM   1161 C  CG2   . ILE A 1 171 ? -8.609  9.194   -2.492  1.00  17.58  ? 227  ILE A CG2   1 
ATOM   1162 C  CD1   . ILE A 1 171 ? -5.573  8.755   -2.339  1.00  22.02  ? 227  ILE A CD1   1 
ATOM   1163 N  N     . GLU A 1 172 ? -8.638  5.964   0.637   1.00  12.80  ? 228  GLU A N     1 
ATOM   1164 C  CA    . GLU A 1 172 ? -8.162  4.912   1.536   1.00  14.94  ? 228  GLU A CA    1 
ATOM   1165 C  C     . GLU A 1 172 ? -7.857  3.613   0.811   1.00  16.79  ? 228  GLU A C     1 
ATOM   1166 O  O     . GLU A 1 172 ? -8.274  3.398   -0.333  1.00  15.57  ? 228  GLU A O     1 
ATOM   1167 C  CB    . GLU A 1 172 ? -9.106  4.710   2.733   1.00  23.70  ? 228  GLU A CB    1 
ATOM   1168 C  CG    . GLU A 1 172 ? -10.479 4.133   2.452   1.00  32.72  ? 228  GLU A CG    1 
ATOM   1169 C  CD    . GLU A 1 172 ? -11.336 4.032   3.722   1.00  17.42  ? 228  GLU A CD    1 
ATOM   1170 O  OE1   . GLU A 1 172 ? -11.084 4.796   4.684   1.00  26.98  ? 228  GLU A OE1   1 
ATOM   1171 O  OE2   . GLU A 1 172 ? -12.258 3.190   3.753   1.00  66.71  ? 228  GLU A OE2   1 
ATOM   1172 N  N     . CYS A 1 173 ? -7.066  2.776   1.473   1.00  16.71  ? 229  CYS A N     1 
ATOM   1173 C  CA    . CYS A 1 173 ? -6.573  1.536   0.883   1.00  19.60  ? 229  CYS A CA    1 
ATOM   1174 C  C     . CYS A 1 173 ? -6.590  0.428   1.926   1.00  16.89  ? 229  CYS A C     1 
ATOM   1175 O  O     . CYS A 1 173 ? -6.203  0.653   3.076   1.00  15.86  ? 229  CYS A O     1 
ATOM   1176 C  CB    . CYS A 1 173 ? -5.139  1.721   0.360   1.00  13.85  ? 229  CYS A CB    1 
ATOM   1177 S  SG    . CYS A 1 173 ? -4.539  0.325   -0.621  1.00  29.35  ? 229  CYS A SG    1 
ATOM   1178 N  N     . PHE A 1 174 ? -7.050  -0.752  1.513   1.00  13.28  ? 230  PHE A N     1 
ATOM   1179 C  CA    . PHE A 1 174 ? -6.877  -1.991  2.261   1.00  13.02  ? 230  PHE A CA    1 
ATOM   1180 C  C     . PHE A 1 174 ? -5.992  -2.917  1.447   1.00  13.81  ? 230  PHE A C     1 
ATOM   1181 O  O     . PHE A 1 174 ? -6.312  -3.235  0.310   1.00  16.06  ? 230  PHE A O     1 
ATOM   1182 C  CB    . PHE A 1 174 ? -8.223  -2.678  2.505   1.00  15.12  ? 230  PHE A CB    1 
ATOM   1183 C  CG    . PHE A 1 174 ? -9.094  -1.963  3.483   1.00  19.19  ? 230  PHE A CG    1 
ATOM   1184 C  CD1   . PHE A 1 174 ? -9.871  -0.889  3.078   1.00  18.84  ? 230  PHE A CD1   1 
ATOM   1185 C  CD2   . PHE A 1 174 ? -9.135  -2.354  4.814   1.00  20.54  ? 230  PHE A CD2   1 
ATOM   1186 C  CE1   . PHE A 1 174 ? -10.683 -0.214  3.985   1.00  23.82  ? 230  PHE A CE1   1 
ATOM   1187 C  CE2   . PHE A 1 174 ? -9.947  -1.687  5.722   1.00  18.20  ? 230  PHE A CE2   1 
ATOM   1188 C  CZ    . PHE A 1 174 ? -10.716 -0.616  5.308   1.00  21.20  ? 230  PHE A CZ    1 
ATOM   1189 N  N     . ALA A 1 175 ? -4.875  -3.340  2.026   1.00  13.21  ? 231  ALA A N     1 
ATOM   1190 C  CA    . ALA A 1 175 ? -3.966  -4.267  1.366   1.00  14.53  ? 231  ALA A CA    1 
ATOM   1191 C  C     . ALA A 1 175 ? -3.998  -5.586  2.125   1.00  13.71  ? 231  ALA A C     1 
ATOM   1192 O  O     . ALA A 1 175 ? -3.815  -5.598  3.332   1.00  16.95  ? 231  ALA A O     1 
ATOM   1193 C  CB    . ALA A 1 175 ? -2.554  -3.702  1.347   1.00  16.80  ? 231  ALA A CB    1 
ATOM   1194 N  N     . ASN A 1 176 ? -4.237  -6.681  1.407   1.00  13.90  ? 232  ASN A N     1 
ATOM   1195 C  CA    . ASN A 1 176 ? -4.337  -8.007  1.995   1.00  14.94  ? 232  ASN A CA    1 
ATOM   1196 C  C     . ASN A 1 176 ? -3.273  -8.901  1.395   1.00  17.50  ? 232  ASN A C     1 
ATOM   1197 O  O     . ASN A 1 176 ? -3.135  -8.971  0.175   1.00  18.29  ? 232  ASN A O     1 
ATOM   1198 C  CB    . ASN A 1 176 ? -5.712  -8.606  1.721   1.00  14.00  ? 232  ASN A CB    1 
ATOM   1199 C  CG    . ASN A 1 176 ? -6.830  -7.714  2.192   1.00  22.74  ? 232  ASN A CG    1 
ATOM   1200 O  OD1   . ASN A 1 176 ? -7.312  -7.855  3.315   1.00  24.32  ? 232  ASN A OD1   1 
ATOM   1201 N  ND2   . ASN A 1 176 ? -7.232  -6.766  1.349   1.00  25.72  ? 232  ASN A ND2   1 
ATOM   1202 N  N     . ILE A 1 177 ? -2.532  -9.592  2.253   1.00  14.49  ? 233  ILE A N     1 
ATOM   1203 C  CA    . ILE A 1 177 ? -1.373  -10.359 1.807   1.00  12.80  ? 233  ILE A CA    1 
ATOM   1204 C  C     . ILE A 1 177 ? -1.266  -11.704 2.518   1.00  14.40  ? 233  ILE A C     1 
ATOM   1205 O  O     . ILE A 1 177 ? -1.728  -11.858 3.651   1.00  16.03  ? 233  ILE A O     1 
ATOM   1206 C  CB    . ILE A 1 177 ? -0.087  -9.531  2.026   1.00  14.07  ? 233  ILE A CB    1 
ATOM   1207 C  CG1   . ILE A 1 177 ? 1.059   -10.063 1.165   1.00  15.32  ? 233  ILE A CG1   1 
ATOM   1208 C  CG2   . ILE A 1 177 ? 0.287   -9.462  3.508   1.00  19.22  ? 233  ILE A CG2   1 
ATOM   1209 C  CD1   . ILE A 1 177 ? 2.222   -9.116  1.092   1.00  18.38  ? 233  ILE A CD1   1 
ATOM   1210 N  N     . LEU A 1 178 ? -0.680  -12.680 1.825   1.00  16.39  ? 234  LEU A N     1 
ATOM   1211 C  CA    . LEU A 1 178 ? -0.277  -13.938 2.437   1.00  13.13  ? 234  LEU A CA    1 
ATOM   1212 C  C     . LEU A 1 178 ? 1.233   -14.043 2.326   1.00  16.35  ? 234  LEU A C     1 
ATOM   1213 O  O     . LEU A 1 178 ? 1.802   -13.759 1.269   1.00  17.07  ? 234  LEU A O     1 
ATOM   1214 C  CB    . LEU A 1 178 ? -0.906  -15.129 1.720   1.00  19.48  ? 234  LEU A CB    1 
ATOM   1215 C  CG    . LEU A 1 178 ? -2.398  -15.347 1.933   1.00  19.27  ? 234  LEU A CG    1 
ATOM   1216 C  CD1   . LEU A 1 178 ? -2.868  -16.476 1.027   1.00  23.03  ? 234  LEU A CD1   1 
ATOM   1217 C  CD2   . LEU A 1 178 ? -2.741  -15.645 3.391   1.00  19.77  ? 234  LEU A CD2   1 
ATOM   1218 N  N     . LEU A 1 179 ? 1.873   -14.429 3.422   1.00  18.18  ? 235  LEU A N     1 
ATOM   1219 C  CA    . LEU A 1 179 ? 3.282   -14.786 3.410   1.00  16.99  ? 235  LEU A CA    1 
ATOM   1220 C  C     . LEU A 1 179 ? 3.419   -16.295 3.577   1.00  17.65  ? 235  LEU A C     1 
ATOM   1221 O  O     . LEU A 1 179 ? 2.829   -16.886 4.482   1.00  17.07  ? 235  LEU A O     1 
ATOM   1222 C  CB    . LEU A 1 179 ? 4.031   -14.070 4.527   1.00  16.52  ? 235  LEU A CB    1 
ATOM   1223 C  CG    . LEU A 1 179 ? 3.911   -12.543 4.544   1.00  16.02  ? 235  LEU A CG    1 
ATOM   1224 C  CD1   . LEU A 1 179 ? 4.689   -11.976 5.707   1.00  19.96  ? 235  LEU A CD1   1 
ATOM   1225 C  CD2   . LEU A 1 179 ? 4.373   -11.909 3.231   1.00  19.58  ? 235  LEU A CD2   1 
ATOM   1226 N  N     . ILE A 1 180 ? 4.210   -16.905 2.696   1.00  18.51  ? 236  ILE A N     1 
ATOM   1227 C  CA    . ILE A 1 180 ? 4.395   -18.353 2.659   1.00  21.57  ? 236  ILE A CA    1 
ATOM   1228 C  C     . ILE A 1 180 ? 5.808   -18.705 3.118   1.00  19.69  ? 236  ILE A C     1 
ATOM   1229 O  O     . ILE A 1 180 ? 6.775   -18.141 2.607   1.00  23.46  ? 236  ILE A O     1 
ATOM   1230 C  CB    . ILE A 1 180 ? 4.209   -18.895 1.220   1.00  24.55  ? 236  ILE A CB    1 
ATOM   1231 C  CG1   . ILE A 1 180 ? 2.926   -18.345 0.581   1.00  25.16  ? 236  ILE A CG1   1 
ATOM   1232 C  CG2   . ILE A 1 180 ? 4.189   -20.417 1.221   1.00  25.51  ? 236  ILE A CG2   1 
ATOM   1233 C  CD1   . ILE A 1 180 ? 1.658   -18.644 1.367   1.00  26.60  ? 236  ILE A CD1   1 
ATOM   1234 N  N     . PRO A 1 181 ? 5.939   -19.638 4.081   1.00  20.51  ? 237  PRO A N     1 
ATOM   1235 C  CA    . PRO A 1 181 ? 7.292   -19.998 4.514   1.00  22.50  ? 237  PRO A CA    1 
ATOM   1236 C  C     . PRO A 1 181 ? 8.120   -20.605 3.383   1.00  23.13  ? 237  PRO A C     1 
ATOM   1237 O  O     . PRO A 1 181 ? 7.581   -21.323 2.538   1.00  29.46  ? 237  PRO A O     1 
ATOM   1238 C  CB    . PRO A 1 181 ? 7.051   -21.032 5.623   1.00  28.27  ? 237  PRO A CB    1 
ATOM   1239 C  CG    . PRO A 1 181 ? 5.692   -21.552 5.391   1.00  29.97  ? 237  PRO A CG    1 
ATOM   1240 C  CD    . PRO A 1 181 ? 4.909   -20.436 4.769   1.00  27.49  ? 237  PRO A CD    1 
ATOM   1241 N  N     . LYS A 1 182 ? 9.412   -20.287 3.360   1.00  23.40  ? 238  LYS A N     1 
ATOM   1242 C  CA    . LYS A 1 182 ? 10.339  -20.901 2.412   1.00  28.80  ? 238  LYS A CA    1 
ATOM   1243 C  C     . LYS A 1 182 ? 10.540  -22.369 2.776   1.00  29.07  ? 238  LYS A C     1 
ATOM   1244 O  O     . LYS A 1 182 ? 10.527  -22.726 3.957   1.00  35.71  ? 238  LYS A O     1 
ATOM   1245 C  CB    . LYS A 1 182 ? 11.683  -20.165 2.411   1.00  27.36  ? 238  LYS A CB    1 
ATOM   1246 C  CG    . LYS A 1 182 ? 11.642  -18.824 1.703   1.00  27.70  ? 238  LYS A CG    1 
ATOM   1247 C  CD    . LYS A 1 182 ? 12.971  -18.103 1.795   1.00  35.16  ? 238  LYS A CD    1 
ATOM   1248 C  CE    . LYS A 1 182 ? 13.026  -16.922 0.842   1.00  32.35  ? 238  LYS A CE    1 
ATOM   1249 N  NZ    . LYS A 1 182 ? 14.356  -16.257 0.864   1.00  51.02  ? 238  LYS A NZ    1 
ATOM   1250 N  N     . ASN A 1 183 ? 10.713  -23.204 1.750   1.00  41.69  ? 239  ASN A N     1 
ATOM   1251 C  CA    . ASN A 1 183 ? 10.904  -24.655 1.901   1.00  71.75  ? 239  ASN A CA    1 
ATOM   1252 C  C     . ASN A 1 183 ? 10.207  -25.266 3.118   1.00  81.14  ? 239  ASN A C     1 
ATOM   1253 O  O     . ASN A 1 183 ? 10.312  -26.468 3.372   1.00  101.58 ? 239  ASN A O     1 
ATOM   1254 C  CB    . ASN A 1 183 ? 12.402  -25.008 1.895   1.00  67.44  ? 239  ASN A CB    1 
ATOM   1255 C  CG    . ASN A 1 183 ? 13.191  -24.266 2.963   1.00  70.55  ? 239  ASN A CG    1 
ATOM   1256 O  OD1   . ASN A 1 183 ? 12.964  -24.442 4.160   1.00  97.43  ? 239  ASN A OD1   1 
ATOM   1257 N  ND2   . ASN A 1 183 ? 14.135  -23.437 2.529   1.00  99.07  ? 239  ASN A ND2   1 
HETATM 1258 ZN ZN    . ZN  B 2 .   ? 0.141   6.747   4.603   1.00  19.88  ? 1240 ZN  A ZN    1 
HETATM 1259 ZN ZN    . ZN  C 2 .   ? -17.813 3.125   3.534   1.00  26.12  ? 1241 ZN  A ZN    1 
HETATM 1260 O  O3B   A CDP D 3 .   ? -0.460  9.988   9.233   0.60  63.79  ? 1242 CDP A O3B   1 
HETATM 1261 O  O3B   B CDP D 3 .   ? 1.338   11.033  11.604  0.40  26.15  ? 1242 CDP A O3B   1 
HETATM 1262 P  PB    A CDP D 3 .   ? 0.097   8.482   9.456   0.60  55.94  ? 1242 CDP A PB    1 
HETATM 1263 P  PB    B CDP D 3 .   ? 0.335   10.208  10.636  0.40  45.75  ? 1242 CDP A PB    1 
HETATM 1264 O  O1B   A CDP D 3 .   ? -0.072  7.777   8.035   0.60  30.76  ? 1242 CDP A O1B   1 
HETATM 1265 O  O1B   B CDP D 3 .   ? -0.357  11.329  9.696   0.40  45.88  ? 1242 CDP A O1B   1 
HETATM 1266 O  O2B   A CDP D 3 .   ? 1.515   8.453   9.899   0.60  35.89  ? 1242 CDP A O2B   1 
HETATM 1267 O  O2B   B CDP D 3 .   ? 1.052   9.185   9.833   0.40  63.53  ? 1242 CDP A O2B   1 
HETATM 1268 O  O3A   A CDP D 3 .   ? -0.922  7.697   10.431  0.60  39.92  ? 1242 CDP A O3A   1 
HETATM 1269 O  O3A   B CDP D 3 .   ? -0.829  9.600   11.574  0.40  71.81  ? 1242 CDP A O3A   1 
HETATM 1270 P  PA    A CDP D 3 .   ? -1.543  8.315   11.787  0.60  28.07  ? 1242 CDP A PA    1 
HETATM 1271 P  PA    B CDP D 3 .   ? -1.315  8.075   11.387  0.40  28.61  ? 1242 CDP A PA    1 
HETATM 1272 O  O1A   A CDP D 3 .   ? -1.284  9.767   11.901  0.60  29.29  ? 1242 CDP A O1A   1 
HETATM 1273 O  O1A   B CDP D 3 .   ? -2.793  8.028   11.448  0.40  23.74  ? 1242 CDP A O1A   1 
HETATM 1274 O  O2A   A CDP D 3 .   ? -2.931  7.819   11.886  0.60  52.70  ? 1242 CDP A O2A   1 
HETATM 1275 O  O2A   B CDP D 3 .   ? -0.607  7.478   10.233  0.40  42.84  ? 1242 CDP A O2A   1 
HETATM 1276 O  "O5'" A CDP D 3 .   ? -0.691  7.564   12.926  0.60  36.57  ? 1242 CDP A "O5'" 1 
HETATM 1277 O  "O5'" B CDP D 3 .   ? -0.770  7.374   12.729  0.40  18.03  ? 1242 CDP A "O5'" 1 
HETATM 1278 C  "C5'" A CDP D 3 .   ? 0.717   7.331   12.796  0.60  34.78  ? 1242 CDP A "C5'" 1 
HETATM 1279 C  "C5'" B CDP D 3 .   ? 0.569   7.595   13.162  0.40  17.12  ? 1242 CDP A "C5'" 1 
HETATM 1280 C  "C4'" A CDP D 3 .   ? 1.166   6.250   13.781  0.60  50.81  ? 1242 CDP A "C4'" 1 
HETATM 1281 C  "C4'" B CDP D 3 .   ? 1.051   6.428   14.007  0.40  15.84  ? 1242 CDP A "C4'" 1 
HETATM 1282 O  "O4'" A CDP D 3 .   ? 0.616   6.588   15.078  0.60  36.90  ? 1242 CDP A "O4'" 1 
HETATM 1283 O  "O4'" B CDP D 3 .   ? 0.521   6.529   15.345  0.40  16.66  ? 1242 CDP A "O4'" 1 
HETATM 1284 C  "C3'" A CDP D 3 .   ? 0.547   4.897   13.439  0.60  37.36  ? 1242 CDP A "C3'" 1 
HETATM 1285 C  "C3'" B CDP D 3 .   ? 0.420   5.157   13.463  0.40  22.00  ? 1242 CDP A "C3'" 1 
HETATM 1286 O  "O3'" A CDP D 3 .   ? 1.362   4.193   12.495  0.60  45.65  ? 1242 CDP A "O3'" 1 
HETATM 1287 O  "O3'" B CDP D 3 .   ? 1.166   4.690   12.337  0.40  18.82  ? 1242 CDP A "O3'" 1 
HETATM 1288 C  "C2'" A CDP D 3 .   ? 0.571   4.206   14.798  0.60  22.88  ? 1242 CDP A "C2'" 1 
HETATM 1289 C  "C2'" B CDP D 3 .   ? 0.611   4.242   14.658  0.40  17.90  ? 1242 CDP A "C2'" 1 
HETATM 1290 O  "O2'" A CDP D 3 .   ? 1.872   3.668   15.058  0.60  34.73  ? 1242 CDP A "O2'" 1 
HETATM 1291 O  "O2'" B CDP D 3 .   ? 1.987   3.875   14.772  0.40  14.68  ? 1242 CDP A "O2'" 1 
HETATM 1292 C  "C1'" A CDP D 3 .   ? 0.296   5.352   15.784  0.60  28.94  ? 1242 CDP A "C1'" 1 
HETATM 1293 C  "C1'" B CDP D 3 .   ? 0.255   5.177   15.813  0.40  18.88  ? 1242 CDP A "C1'" 1 
HETATM 1294 N  N1    A CDP D 3 .   ? -1.134  5.286   16.217  0.60  30.87  ? 1242 CDP A N1    1 
HETATM 1295 N  N1    B CDP D 3 .   ? -1.194  5.067   16.072  0.40  11.55  ? 1242 CDP A N1    1 
HETATM 1296 C  C2    A CDP D 3 .   ? -1.529  4.280   17.117  0.60  23.96  ? 1242 CDP A C2    1 
HETATM 1297 C  C2    B CDP D 3 .   ? -1.673  4.185   17.046  0.40  12.56  ? 1242 CDP A C2    1 
HETATM 1298 O  O2    A CDP D 3 .   ? -0.713  3.464   17.543  0.60  20.13  ? 1242 CDP A O2    1 
HETATM 1299 O  O2    B CDP D 3 .   ? -0.892  3.492   17.695  0.40  24.73  ? 1242 CDP A O2    1 
HETATM 1300 N  N3    A CDP D 3 .   ? -2.861  4.209   17.528  0.60  12.03  ? 1242 CDP A N3    1 
HETATM 1301 N  N3    B CDP D 3 .   ? -3.049  4.100   17.271  0.40  58.20  ? 1242 CDP A N3    1 
HETATM 1302 C  C4    A CDP D 3 .   ? -3.813  5.111   17.061  0.60  14.71  ? 1242 CDP A C4    1 
HETATM 1303 C  C4    B CDP D 3 .   ? -3.939  4.880   16.539  0.40  16.33  ? 1242 CDP A C4    1 
HETATM 1304 N  N4    A CDP D 3 .   ? -5.070  5.001   17.484  0.60  12.09  ? 1242 CDP A N4    1 
HETATM 1305 N  N4    B CDP D 3 .   ? -5.244  4.782   16.769  0.40  57.40  ? 1242 CDP A N4    1 
HETATM 1306 C  C5    A CDP D 3 .   ? -3.434  6.113   16.174  0.60  41.32  ? 1242 CDP A C5    1 
HETATM 1307 C  C5    B CDP D 3 .   ? -3.457  5.752   15.577  0.40  7.48   ? 1242 CDP A C5    1 
HETATM 1308 C  C6    A CDP D 3 .   ? -2.107  6.201   15.752  0.60  53.38  ? 1242 CDP A C6    1 
HETATM 1309 C  C6    B CDP D 3 .   ? -2.091  5.843   15.341  0.40  7.29   ? 1242 CDP A C6    1 
HETATM 1310 CL CL    . CL  E 4 .   ? -18.706 4.119   5.280   1.00  30.01  ? 1244 CL  A CL    1 
HETATM 1311 CL CL    . CL  F 4 .   ? -3.355  12.837  5.136   1.00  33.31  ? 1245 CL  A CL    1 
HETATM 1312 CL CL    . CL  G 4 .   ? -15.603 2.526   3.775   1.00  44.03  ? 1246 CL  A CL    1 
HETATM 1313 S  S     . SO4 H 5 .   ? -19.126 9.897   7.276   0.33  34.92  ? 1247 SO4 A S     1 
HETATM 1314 O  O1    . SO4 H 5 .   ? -18.078 9.921   6.257   0.33  22.60  ? 1247 SO4 A O1    1 
HETATM 1315 O  O2    . SO4 H 5 .   ? -20.169 8.954   6.880   0.33  49.26  ? 1247 SO4 A O2    1 
HETATM 1316 O  O3    . SO4 H 5 .   ? -18.553 9.479   8.553   0.33  64.53  ? 1247 SO4 A O3    1 
HETATM 1317 O  O4    . SO4 H 5 .   ? -19.703 11.230  7.419   0.33  71.07  ? 1247 SO4 A O4    1 
HETATM 1318 O  O     . HOH I 6 .   ? 8.057   -15.714 11.827  1.00  35.58  ? 2001 HOH A O     1 
HETATM 1319 O  O     . HOH I 6 .   ? 9.043   -19.503 8.034   1.00  40.93  ? 2002 HOH A O     1 
HETATM 1320 O  O     . HOH I 6 .   ? 10.454  -16.586 10.660  1.00  37.64  ? 2003 HOH A O     1 
HETATM 1321 O  O     . HOH I 6 .   ? 1.178   -23.110 7.423   1.00  35.54  ? 2004 HOH A O     1 
HETATM 1322 O  O     . HOH I 6 .   ? 2.363   -12.147 14.310  1.00  27.83  ? 2005 HOH A O     1 
HETATM 1323 O  O     . HOH I 6 .   ? -2.666  -1.036  8.821   1.00  25.51  ? 2006 HOH A O     1 
HETATM 1324 O  O     . HOH I 6 .   ? -0.656  2.235   6.920   1.00  26.43  ? 2007 HOH A O     1 
HETATM 1325 O  O     . HOH I 6 .   ? -2.702  8.389   7.607   1.00  31.14  ? 2008 HOH A O     1 
HETATM 1326 O  O     . HOH I 6 .   ? 0.697   6.295   6.277   1.00  28.90  ? 2009 HOH A O     1 
HETATM 1327 O  O     . HOH I 6 .   ? -0.771  12.225  7.156   1.00  31.65  ? 2010 HOH A O     1 
HETATM 1328 O  O     . HOH I 6 .   ? -9.578  16.691  3.219   1.00  36.32  ? 2011 HOH A O     1 
HETATM 1329 O  O     . HOH I 6 .   ? -10.539 18.194  0.204   1.00  36.48  ? 2012 HOH A O     1 
HETATM 1330 O  O     . HOH I 6 .   ? -11.175 17.239  -3.263  1.00  27.31  ? 2013 HOH A O     1 
HETATM 1331 O  O     . HOH I 6 .   ? -11.390 20.069  -4.506  1.00  34.51  ? 2014 HOH A O     1 
HETATM 1332 O  O     . HOH I 6 .   ? -15.089 22.042  -10.853 1.00  38.77  ? 2015 HOH A O     1 
HETATM 1333 O  O     . HOH I 6 .   ? -13.865 30.988  -4.546  1.00  56.72  ? 2016 HOH A O     1 
HETATM 1334 O  O     . HOH I 6 .   ? 1.362   -24.495 9.819   1.00  40.12  ? 2017 HOH A O     1 
HETATM 1335 O  O     . HOH I 6 .   ? 3.336   12.576  -3.110  1.00  33.37  ? 2018 HOH A O     1 
HETATM 1336 O  O     . HOH I 6 .   ? -0.811  17.484  -8.205  1.00  39.40  ? 2019 HOH A O     1 
HETATM 1337 O  O     . HOH I 6 .   ? -11.058 20.574  -1.932  1.00  44.20  ? 2020 HOH A O     1 
HETATM 1338 O  O     . HOH I 6 .   ? 7.631   4.930   -9.078  1.00  34.98  ? 2021 HOH A O     1 
HETATM 1339 O  O     . HOH I 6 .   ? 5.474   5.264   -12.051 1.00  41.48  ? 2022 HOH A O     1 
HETATM 1340 O  O     . HOH I 6 .   ? 4.352   8.818   -12.400 1.00  29.44  ? 2023 HOH A O     1 
HETATM 1341 O  O     . HOH I 6 .   ? -1.501  12.150  -13.795 1.00  37.59  ? 2024 HOH A O     1 
HETATM 1342 O  O     . HOH I 6 .   ? -1.440  9.387   -13.187 1.00  37.90  ? 2025 HOH A O     1 
HETATM 1343 O  O     . HOH I 6 .   ? 2.147   10.013  -13.783 1.00  35.51  ? 2026 HOH A O     1 
HETATM 1344 O  O     . HOH I 6 .   ? 2.549   17.495  -14.320 1.00  41.14  ? 2027 HOH A O     1 
HETATM 1345 O  O     . HOH I 6 .   ? -5.675  11.381  -12.735 1.00  38.94  ? 2028 HOH A O     1 
HETATM 1346 O  O     . HOH I 6 .   ? -4.149  9.149   -12.481 1.00  29.78  ? 2029 HOH A O     1 
HETATM 1347 O  O     . HOH I 6 .   ? 0.022   8.264   -15.151 1.00  34.85  ? 2030 HOH A O     1 
HETATM 1348 O  O     . HOH I 6 .   ? 0.497   14.433  7.895   1.00  52.52  ? 2031 HOH A O     1 
HETATM 1349 O  O     . HOH I 6 .   ? 5.412   6.573   -3.062  1.00  36.07  ? 2032 HOH A O     1 
HETATM 1350 O  O     . HOH I 6 .   ? 8.121   3.229   -6.984  1.00  27.96  ? 2033 HOH A O     1 
HETATM 1351 O  O     . HOH I 6 .   ? -0.787  0.215   10.157  1.00  32.76  ? 2034 HOH A O     1 
HETATM 1352 O  O     . HOH I 6 .   ? 0.289   -11.406 12.823  1.00  20.64  ? 2035 HOH A O     1 
HETATM 1353 O  O     . HOH I 6 .   ? 4.084   -10.080 17.979  1.00  28.07  ? 2036 HOH A O     1 
HETATM 1354 O  O     . HOH I 6 .   ? 3.961   -7.043  17.669  1.00  30.87  ? 2037 HOH A O     1 
HETATM 1355 O  O     . HOH I 6 .   ? 1.978   -5.189  14.200  1.00  40.78  ? 2038 HOH A O     1 
HETATM 1356 O  O     . HOH I 6 .   ? 5.305   -19.876 -2.241  1.00  33.45  ? 2039 HOH A O     1 
HETATM 1357 O  O     . HOH I 6 .   ? -0.115  1.153   16.370  1.00  21.82  ? 2040 HOH A O     1 
HETATM 1358 O  O     . HOH I 6 .   ? 3.489   4.782   17.050  1.00  32.32  ? 2041 HOH A O     1 
HETATM 1359 O  O     . HOH I 6 .   ? 9.712   6.924   -1.877  1.00  37.58  ? 2042 HOH A O     1 
HETATM 1360 O  O     . HOH I 6 .   ? 11.831  7.306   -3.514  1.00  47.28  ? 2043 HOH A O     1 
HETATM 1361 O  O     . HOH I 6 .   ? 14.557  -5.576  7.123   1.00  29.48  ? 2044 HOH A O     1 
HETATM 1362 O  O     . HOH I 6 .   ? 11.624  -10.433 0.098   1.00  25.06  ? 2045 HOH A O     1 
HETATM 1363 O  O     . HOH I 6 .   ? 13.682  -9.856  -1.733  1.00  37.41  ? 2046 HOH A O     1 
HETATM 1364 O  O     . HOH I 6 .   ? 18.823  -4.910  -1.531  1.00  41.38  ? 2047 HOH A O     1 
HETATM 1365 O  O     . HOH I 6 .   ? 11.788  -13.295 0.530   1.00  27.64  ? 2048 HOH A O     1 
HETATM 1366 O  O     . HOH I 6 .   ? 7.527   -20.101 -0.096  1.00  35.87  ? 2049 HOH A O     1 
HETATM 1367 O  O     . HOH I 6 .   ? 8.704   -12.782 -2.035  1.00  26.97  ? 2050 HOH A O     1 
HETATM 1368 O  O     . HOH I 6 .   ? 5.696   -17.397 -3.273  1.00  32.83  ? 2051 HOH A O     1 
HETATM 1369 O  O     . HOH I 6 .   ? 7.364   -14.447 -4.079  1.00  31.79  ? 2052 HOH A O     1 
HETATM 1370 O  O     . HOH I 6 .   ? -12.063 -1.179  -3.394  1.00  37.41  ? 2053 HOH A O     1 
HETATM 1371 O  O     . HOH I 6 .   ? -12.260 10.137  -2.609  1.00  20.89  ? 2054 HOH A O     1 
HETATM 1372 O  O     . HOH I 6 .   ? -11.199 11.120  -4.865  1.00  31.01  ? 2055 HOH A O     1 
HETATM 1373 O  O     . HOH I 6 .   ? -12.554 7.209   -10.823 1.00  43.92  ? 2056 HOH A O     1 
HETATM 1374 O  O     . HOH I 6 .   ? -19.542 7.379   -7.252  1.00  26.19  ? 2057 HOH A O     1 
HETATM 1375 O  O     . HOH I 6 .   ? -16.612 11.582  -8.418  1.00  42.21  ? 2058 HOH A O     1 
HETATM 1376 O  O     . HOH I 6 .   ? -6.114  7.378   -13.486 1.00  29.77  ? 2059 HOH A O     1 
HETATM 1377 O  O     . HOH I 6 .   ? -6.876  -1.855  -15.905 1.00  30.89  ? 2060 HOH A O     1 
HETATM 1378 O  O     . HOH I 6 .   ? -9.549  1.635   -17.476 1.00  40.63  ? 2061 HOH A O     1 
HETATM 1379 O  O     . HOH I 6 .   ? -3.523  0.375   -16.517 1.00  28.47  ? 2062 HOH A O     1 
HETATM 1380 O  O     . HOH I 6 .   ? -0.893  2.032   -16.248 1.00  34.03  ? 2063 HOH A O     1 
HETATM 1381 O  O     . HOH I 6 .   ? -1.095  4.592   -17.189 1.00  48.00  ? 2064 HOH A O     1 
HETATM 1382 O  O     . HOH I 6 .   ? -5.331  -6.042  -10.685 1.00  25.41  ? 2065 HOH A O     1 
HETATM 1383 O  O     . HOH I 6 .   ? 2.056   -4.383  -14.900 1.00  35.54  ? 2066 HOH A O     1 
HETATM 1384 O  O     . HOH I 6 .   ? 0.563   5.666   -15.368 1.00  45.13  ? 2067 HOH A O     1 
HETATM 1385 O  O     . HOH I 6 .   ? 10.452  -8.043  -9.959  1.00  41.96  ? 2068 HOH A O     1 
HETATM 1386 O  O     . HOH I 6 .   ? 9.284   -10.130 -1.611  1.00  31.97  ? 2069 HOH A O     1 
HETATM 1387 O  O     . HOH I 6 .   ? 12.774  -11.664 -3.523  1.00  48.29  ? 2070 HOH A O     1 
HETATM 1388 O  O     . HOH I 6 .   ? 7.998   -14.280 -7.343  1.00  43.42  ? 2071 HOH A O     1 
HETATM 1389 O  O     . HOH I 6 .   ? -12.979 -2.576  -8.579  1.00  26.59  ? 2072 HOH A O     1 
HETATM 1390 O  O     . HOH I 6 .   ? -16.377 7.862   3.350   1.00  22.77  ? 2073 HOH A O     1 
HETATM 1391 O  O     . HOH I 6 .   ? -22.232 7.774   -7.489  1.00  34.55  ? 2074 HOH A O     1 
HETATM 1392 O  O     . HOH I 6 .   ? -22.261 13.890  -0.840  1.00  40.12  ? 2075 HOH A O     1 
HETATM 1393 O  O     . HOH I 6 .   ? -22.369 12.220  2.407   1.00  32.34  ? 2076 HOH A O     1 
HETATM 1394 O  O     . HOH I 6 .   ? -19.089 13.256  5.786   1.00  33.81  ? 2077 HOH A O     1 
HETATM 1395 O  O     . HOH I 6 .   ? -18.236 14.052  -4.615  1.00  34.57  ? 2078 HOH A O     1 
HETATM 1396 O  O     . HOH I 6 .   ? -17.659 14.775  4.171   1.00  40.17  ? 2079 HOH A O     1 
HETATM 1397 O  O     . HOH I 6 .   ? 6.167   -23.732 2.193   1.00  40.03  ? 2080 HOH A O     1 
HETATM 1398 O  O     . HOH I 6 .   ? -2.763  11.624  10.702  1.00  51.61  ? 2081 HOH A O     1 
HETATM 1399 O  O     . HOH I 6 .   ? -1.615  10.702  14.446  1.00  47.39  ? 2082 HOH A O     1 
HETATM 1400 O  O     . HOH I 6 .   ? -4.268  7.161   9.462   1.00  25.10  ? 2083 HOH A O     1 
HETATM 1401 O  O     . HOH I 6 .   ? -1.239  9.044   16.710  1.00  50.35  ? 2084 HOH A O     1 
HETATM 1402 O  O     . HOH I 6 .   ? -18.443 7.307   4.940   1.00  27.25  ? 2085 HOH A O     1 
# 
loop_
_pdbx_poly_seq_scheme.asym_id 
_pdbx_poly_seq_scheme.entity_id 
_pdbx_poly_seq_scheme.seq_id 
_pdbx_poly_seq_scheme.mon_id 
_pdbx_poly_seq_scheme.ndb_seq_num 
_pdbx_poly_seq_scheme.pdb_seq_num 
_pdbx_poly_seq_scheme.auth_seq_num 
_pdbx_poly_seq_scheme.pdb_mon_id 
_pdbx_poly_seq_scheme.auth_mon_id 
_pdbx_poly_seq_scheme.pdb_strand_id 
_pdbx_poly_seq_scheme.pdb_ins_code 
_pdbx_poly_seq_scheme.hetero 
A 1 1   GLY 1   57  ?   ?   ?   A . n 
A 1 2   HIS 2   58  ?   ?   ?   A . n 
A 1 3   MET 3   59  ?   ?   ?   A . n 
A 1 4   SER 4   60  60  SER SER A . n 
A 1 5   TYR 5   61  61  TYR TYR A . n 
A 1 6   ASN 6   62  62  ASN ASN A . n 
A 1 7   GLY 7   63  63  GLY GLY A . n 
A 1 8   ILE 8   64  64  ILE ILE A . n 
A 1 9   ARG 9   65  65  ARG ARG A . n 
A 1 10  ILE 10  66  66  ILE ILE A . n 
A 1 11  GLY 11  67  67  GLY GLY A . n 
A 1 12  GLN 12  68  68  GLN GLN A . n 
A 1 13  GLY 13  69  69  GLY GLY A . n 
A 1 14  TYR 14  70  70  TYR TYR A . n 
A 1 15  ASP 15  71  71  ASP ASP A . n 
A 1 16  ILE 16  72  72  ILE ILE A . n 
A 1 17  HIS 17  73  73  HIS HIS A . n 
A 1 18  LYS 18  74  74  LYS LYS A . n 
A 1 19  ILE 19  75  75  ILE ILE A . n 
A 1 20  LYS 20  76  76  LYS LYS A . n 
A 1 21  VAL 21  77  77  VAL VAL A . n 
A 1 22  LEU 22  78  78  LEU LEU A . n 
A 1 23  ASP 23  79  79  ASP ASP A . n 
A 1 24  GLU 24  80  80  GLU GLU A . n 
A 1 25  GLU 25  81  81  GLU GLU A . n 
A 1 26  TYR 26  82  ?   ?   ?   A . n 
A 1 27  ASN 27  83  ?   ?   ?   A . n 
A 1 28  THR 28  84  ?   ?   ?   A . n 
A 1 29  TYR 29  85  ?   ?   ?   A . n 
A 1 30  ALA 30  86  ?   ?   ?   A . n 
A 1 31  ASN 31  87  ?   ?   ?   A . n 
A 1 32  ASN 32  88  ?   ?   ?   A . n 
A 1 33  ASP 33  89  ?   ?   ?   A . n 
A 1 34  PHE 34  90  ?   ?   ?   A . n 
A 1 35  ASN 35  91  ?   ?   ?   A . n 
A 1 36  LYS 36  92  ?   ?   ?   A . n 
A 1 37  ASN 37  93  ?   ?   ?   A . n 
A 1 38  GLU 38  94  ?   ?   ?   A . n 
A 1 39  GLN 39  95  ?   ?   ?   A . n 
A 1 40  SER 40  96  ?   ?   ?   A . n 
A 1 41  PHE 41  97  ?   ?   ?   A . n 
A 1 42  LYS 42  98  98  LYS LYS A . n 
A 1 43  THR 43  99  99  THR THR A . n 
A 1 44  LEU 44  100 100 LEU LEU A . n 
A 1 45  THR 45  101 101 THR THR A . n 
A 1 46  LEU 46  102 102 LEU LEU A . n 
A 1 47  GLY 47  103 103 GLY GLY A . n 
A 1 48  GLY 48  104 104 GLY GLY A . n 
A 1 49  VAL 49  105 105 VAL VAL A . n 
A 1 50  LYS 50  106 106 LYS LYS A . n 
A 1 51  ILE 51  107 107 ILE ILE A . n 
A 1 52  ASN 52  108 108 ASN ASN A . n 
A 1 53  ASN 53  109 109 ASN ASN A . n 
A 1 54  VAL 54  110 110 VAL VAL A . n 
A 1 55  LEU 55  111 111 LEU LEU A . n 
A 1 56  VAL 56  112 112 VAL VAL A . n 
A 1 57  LEU 57  113 113 LEU LEU A . n 
A 1 58  SER 58  114 114 SER SER A . n 
A 1 59  HIS 59  115 115 HIS HIS A . n 
A 1 60  SER 60  116 116 SER SER A . n 
A 1 61  ASP 61  117 117 ASP ASP A . n 
A 1 62  GLY 62  118 118 GLY GLY A . n 
A 1 63  ASP 63  119 119 ASP ASP A . n 
A 1 64  ILE 64  120 120 ILE ILE A . n 
A 1 65  ILE 65  121 121 ILE ILE A . n 
A 1 66  TYR 66  122 122 TYR TYR A . n 
A 1 67  HIS 67  123 123 HIS HIS A . n 
A 1 68  SER 68  124 124 SER SER A . n 
A 1 69  ILE 69  125 125 ILE ILE A . n 
A 1 70  VAL 70  126 126 VAL VAL A . n 
A 1 71  ASP 71  127 127 ASP ASP A . n 
A 1 72  SER 72  128 128 SER SER A . n 
A 1 73  ILE 73  129 129 ILE ILE A . n 
A 1 74  LEU 74  130 130 LEU LEU A . n 
A 1 75  GLY 75  131 131 GLY GLY A . n 
A 1 76  ALA 76  132 132 ALA ALA A . n 
A 1 77  LEU 77  133 133 LEU LEU A . n 
A 1 78  GLY 78  134 134 GLY GLY A . n 
A 1 79  SER 79  135 135 SER SER A . n 
A 1 80  LEU 80  136 136 LEU LEU A . n 
A 1 81  ASP 81  137 137 ASP ASP A . n 
A 1 82  ILE 82  138 138 ILE ILE A . n 
A 1 83  GLY 83  139 139 GLY GLY A . n 
A 1 84  THR 84  140 140 THR THR A . n 
A 1 85  LEU 85  141 141 LEU LEU A . n 
A 1 86  PHE 86  142 142 PHE PHE A . n 
A 1 87  PRO 87  143 143 PRO PRO A . n 
A 1 88  ASP 88  144 ?   ?   ?   A . n 
A 1 89  LYS 89  145 ?   ?   ?   A . n 
A 1 90  ASP 90  146 ?   ?   ?   A . n 
A 1 91  GLU 91  147 ?   ?   ?   A . n 
A 1 92  LYS 92  148 ?   ?   ?   A . n 
A 1 93  ASN 93  149 ?   ?   ?   A . n 
A 1 94  LYS 94  150 ?   ?   ?   A . n 
A 1 95  ASN 95  151 ?   ?   ?   A . n 
A 1 96  LYS 96  152 152 LYS LYS A . n 
A 1 97  ASN 97  153 153 ASN ASN A . n 
A 1 98  SER 98  154 154 SER SER A . n 
A 1 99  ALA 99  155 155 ALA ALA A . n 
A 1 100 ILE 100 156 156 ILE ILE A . n 
A 1 101 PHE 101 157 157 PHE PHE A . n 
A 1 102 LEU 102 158 158 LEU LEU A . n 
A 1 103 ARG 103 159 159 ARG ARG A . n 
A 1 104 TYR 104 160 160 TYR TYR A . n 
A 1 105 ALA 105 161 161 ALA ALA A . n 
A 1 106 ARG 106 162 162 ARG ARG A . n 
A 1 107 LEU 107 163 163 LEU LEU A . n 
A 1 108 LEU 108 164 164 LEU LEU A . n 
A 1 109 ILE 109 165 165 ILE ILE A . n 
A 1 110 TYR 110 166 166 TYR TYR A . n 
A 1 111 LYS 111 167 167 LYS LYS A . n 
A 1 112 LYS 112 168 168 LYS LYS A . n 
A 1 113 ASN 113 169 169 ASN ASN A . n 
A 1 114 TYR 114 170 170 TYR TYR A . n 
A 1 115 ASP 115 171 171 ASP ASP A . n 
A 1 116 ILE 116 172 172 ILE ILE A . n 
A 1 117 GLY 117 173 173 GLY GLY A . n 
A 1 118 ASN 118 174 174 ASN ASN A . n 
A 1 119 VAL 119 175 175 VAL VAL A . n 
A 1 120 ASP 120 176 176 ASP ASP A . n 
A 1 121 ILE 121 177 177 ILE ILE A . n 
A 1 122 ASN 122 178 178 ASN ASN A . n 
A 1 123 VAL 123 179 179 VAL VAL A . n 
A 1 124 ILE 124 180 180 ILE ILE A . n 
A 1 125 ALA 125 181 181 ALA ALA A . n 
A 1 126 GLN 126 182 182 GLN GLN A . n 
A 1 127 VAL 127 183 183 VAL VAL A . n 
A 1 128 PRO 128 184 184 PRO PRO A . n 
A 1 129 LYS 129 185 185 LYS LYS A . n 
A 1 130 ILE 130 186 186 ILE ILE A . n 
A 1 131 SER 131 187 187 SER SER A . n 
A 1 132 ASN 132 188 188 ASN ASN A . n 
A 1 133 ILE 133 189 189 ILE ILE A . n 
A 1 134 ARG 134 190 190 ARG ARG A . n 
A 1 135 LYS 135 191 191 LYS LYS A . n 
A 1 136 ASN 136 192 192 ASN ASN A . n 
A 1 137 ILE 137 193 193 ILE ILE A . n 
A 1 138 ILE 138 194 194 ILE ILE A . n 
A 1 139 LYS 139 195 195 LYS LYS A . n 
A 1 140 ASN 140 196 196 ASN ASN A . n 
A 1 141 ILE 141 197 197 ILE ILE A . n 
A 1 142 SER 142 198 198 SER SER A . n 
A 1 143 THR 143 199 199 THR THR A . n 
A 1 144 VAL 144 200 200 VAL VAL A . n 
A 1 145 LEU 145 201 201 LEU LEU A . n 
A 1 146 ASN 146 202 202 ASN ASN A . n 
A 1 147 ILE 147 203 203 ILE ILE A . n 
A 1 148 ASP 148 204 204 ASP ASP A . n 
A 1 149 GLU 149 205 205 GLU GLU A . n 
A 1 150 SER 150 206 206 SER SER A . n 
A 1 151 GLN 151 207 207 GLN GLN A . n 
A 1 152 ILE 152 208 208 ILE ILE A . n 
A 1 153 SER 153 209 209 SER SER A . n 
A 1 154 VAL 154 210 210 VAL VAL A . n 
A 1 155 LYS 155 211 211 LYS LYS A . n 
A 1 156 GLY 156 212 212 GLY GLY A . n 
A 1 157 LYS 157 213 213 LYS LYS A . n 
A 1 158 THR 158 214 214 THR THR A . n 
A 1 159 HIS 159 215 215 HIS HIS A . n 
A 1 160 GLU 160 216 216 GLU GLU A . n 
A 1 161 LYS 161 217 217 LYS LYS A . n 
A 1 162 LEU 162 218 218 LEU LEU A . n 
A 1 163 GLY 163 219 219 GLY GLY A . n 
A 1 164 VAL 164 220 220 VAL VAL A . n 
A 1 165 ILE 165 221 221 ILE ILE A . n 
A 1 166 GLY 166 222 222 GLY GLY A . n 
A 1 167 GLU 167 223 223 GLU GLU A . n 
A 1 168 LYS 168 224 224 LYS LYS A . n 
A 1 169 LYS 169 225 225 LYS LYS A . n 
A 1 170 ALA 170 226 226 ALA ALA A . n 
A 1 171 ILE 171 227 227 ILE ILE A . n 
A 1 172 GLU 172 228 228 GLU GLU A . n 
A 1 173 CYS 173 229 229 CYS CYS A . n 
A 1 174 PHE 174 230 230 PHE PHE A . n 
A 1 175 ALA 175 231 231 ALA ALA A . n 
A 1 176 ASN 176 232 232 ASN ASN A . n 
A 1 177 ILE 177 233 233 ILE ILE A . n 
A 1 178 LEU 178 234 234 LEU LEU A . n 
A 1 179 LEU 179 235 235 LEU LEU A . n 
A 1 180 ILE 180 236 236 ILE ILE A . n 
A 1 181 PRO 181 237 237 PRO PRO A . n 
A 1 182 LYS 182 238 238 LYS LYS A . n 
A 1 183 ASN 183 239 239 ASN ASN A . n 
A 1 184 SER 184 240 ?   ?   ?   A . n 
# 
loop_
_pdbx_nonpoly_scheme.asym_id 
_pdbx_nonpoly_scheme.entity_id 
_pdbx_nonpoly_scheme.mon_id 
_pdbx_nonpoly_scheme.ndb_seq_num 
_pdbx_nonpoly_scheme.pdb_seq_num 
_pdbx_nonpoly_scheme.auth_seq_num 
_pdbx_nonpoly_scheme.pdb_mon_id 
_pdbx_nonpoly_scheme.auth_mon_id 
_pdbx_nonpoly_scheme.pdb_strand_id 
_pdbx_nonpoly_scheme.pdb_ins_code 
B 2 ZN  1  1240 1240 ZN  ZN  A . 
C 2 ZN  1  1241 1241 ZN  ZN  A . 
D 3 CDP 1  1242 1242 CDP CDP A . 
E 4 CL  1  1244 1244 CL  CL  A . 
F 4 CL  1  1245 1245 CL  CL  A . 
G 4 CL  1  1246 1246 CL  CL  A . 
H 5 SO4 1  1247 1247 SO4 SO4 A . 
I 6 HOH 1  2001 2001 HOH HOH A . 
I 6 HOH 2  2002 2002 HOH HOH A . 
I 6 HOH 3  2003 2003 HOH HOH A . 
I 6 HOH 4  2004 2004 HOH HOH A . 
I 6 HOH 5  2005 2005 HOH HOH A . 
I 6 HOH 6  2006 2006 HOH HOH A . 
I 6 HOH 7  2007 2007 HOH HOH A . 
I 6 HOH 8  2008 2008 HOH HOH A . 
I 6 HOH 9  2009 2009 HOH HOH A . 
I 6 HOH 10 2010 2010 HOH HOH A . 
I 6 HOH 11 2011 2011 HOH HOH A . 
I 6 HOH 12 2012 2012 HOH HOH A . 
I 6 HOH 13 2013 2013 HOH HOH A . 
I 6 HOH 14 2014 2014 HOH HOH A . 
I 6 HOH 15 2015 2015 HOH HOH A . 
I 6 HOH 16 2016 2016 HOH HOH A . 
I 6 HOH 17 2017 2017 HOH HOH A . 
I 6 HOH 18 2018 2018 HOH HOH A . 
I 6 HOH 19 2019 2019 HOH HOH A . 
I 6 HOH 20 2020 2020 HOH HOH A . 
I 6 HOH 21 2021 2021 HOH HOH A . 
I 6 HOH 22 2022 2022 HOH HOH A . 
I 6 HOH 23 2023 2023 HOH HOH A . 
I 6 HOH 24 2024 2024 HOH HOH A . 
I 6 HOH 25 2025 2025 HOH HOH A . 
I 6 HOH 26 2026 2026 HOH HOH A . 
I 6 HOH 27 2027 2027 HOH HOH A . 
I 6 HOH 28 2028 2028 HOH HOH A . 
I 6 HOH 29 2029 2029 HOH HOH A . 
I 6 HOH 30 2030 2030 HOH HOH A . 
I 6 HOH 31 2031 2031 HOH HOH A . 
I 6 HOH 32 2032 2032 HOH HOH A . 
I 6 HOH 33 2033 2033 HOH HOH A . 
I 6 HOH 34 2034 2034 HOH HOH A . 
I 6 HOH 35 2035 2035 HOH HOH A . 
I 6 HOH 36 2036 2036 HOH HOH A . 
I 6 HOH 37 2037 2037 HOH HOH A . 
I 6 HOH 38 2038 2038 HOH HOH A . 
I 6 HOH 39 2039 2039 HOH HOH A . 
I 6 HOH 40 2040 2040 HOH HOH A . 
I 6 HOH 41 2041 2041 HOH HOH A . 
I 6 HOH 42 2042 2042 HOH HOH A . 
I 6 HOH 43 2043 2043 HOH HOH A . 
I 6 HOH 44 2044 2044 HOH HOH A . 
I 6 HOH 45 2045 2045 HOH HOH A . 
I 6 HOH 46 2046 2046 HOH HOH A . 
I 6 HOH 47 2047 2047 HOH HOH A . 
I 6 HOH 48 2048 2048 HOH HOH A . 
I 6 HOH 49 2049 2049 HOH HOH A . 
I 6 HOH 50 2050 2050 HOH HOH A . 
I 6 HOH 51 2051 2051 HOH HOH A . 
I 6 HOH 52 2052 2052 HOH HOH A . 
I 6 HOH 53 2053 2053 HOH HOH A . 
I 6 HOH 54 2054 2054 HOH HOH A . 
I 6 HOH 55 2055 2055 HOH HOH A . 
I 6 HOH 56 2056 2056 HOH HOH A . 
I 6 HOH 57 2057 2057 HOH HOH A . 
I 6 HOH 58 2058 2058 HOH HOH A . 
I 6 HOH 59 2059 2059 HOH HOH A . 
I 6 HOH 60 2060 2060 HOH HOH A . 
I 6 HOH 61 2061 2061 HOH HOH A . 
I 6 HOH 62 2062 2062 HOH HOH A . 
I 6 HOH 63 2063 2063 HOH HOH A . 
I 6 HOH 64 2064 2064 HOH HOH A . 
I 6 HOH 65 2065 2065 HOH HOH A . 
I 6 HOH 66 2066 2066 HOH HOH A . 
I 6 HOH 67 2067 2067 HOH HOH A . 
I 6 HOH 68 2068 2068 HOH HOH A . 
I 6 HOH 69 2069 2069 HOH HOH A . 
I 6 HOH 70 2070 2070 HOH HOH A . 
I 6 HOH 71 2071 2071 HOH HOH A . 
I 6 HOH 72 2072 2072 HOH HOH A . 
I 6 HOH 73 2073 2073 HOH HOH A . 
I 6 HOH 74 2074 2074 HOH HOH A . 
I 6 HOH 75 2075 2075 HOH HOH A . 
I 6 HOH 76 2076 2076 HOH HOH A . 
I 6 HOH 77 2077 2077 HOH HOH A . 
I 6 HOH 78 2078 2078 HOH HOH A . 
I 6 HOH 79 2079 2079 HOH HOH A . 
I 6 HOH 80 2080 2080 HOH HOH A . 
I 6 HOH 81 2081 2081 HOH HOH A . 
I 6 HOH 82 2082 2082 HOH HOH A . 
I 6 HOH 83 2083 2083 HOH HOH A . 
I 6 HOH 84 2084 2084 HOH HOH A . 
I 6 HOH 85 2085 2085 HOH HOH A . 
# 
_pdbx_struct_assembly.id                   1 
_pdbx_struct_assembly.details              author_and_software_defined_assembly 
_pdbx_struct_assembly.method_details       PISA 
_pdbx_struct_assembly.oligomeric_details   trimeric 
_pdbx_struct_assembly.oligomeric_count     3 
# 
_pdbx_struct_assembly_gen.assembly_id       1 
_pdbx_struct_assembly_gen.oper_expression   1,2,3 
_pdbx_struct_assembly_gen.asym_id_list      A,B,C,D,E,F,G,H,I 
# 
loop_
_pdbx_struct_assembly_prop.biol_id 
_pdbx_struct_assembly_prop.type 
_pdbx_struct_assembly_prop.value 
_pdbx_struct_assembly_prop.details 
1 'ABSA (A^2)' 12280  ? 
1 MORE         -350.2 ? 
1 'SSA (A^2)'  18180  ? 
# 
loop_
_pdbx_struct_oper_list.id 
_pdbx_struct_oper_list.type 
_pdbx_struct_oper_list.name 
_pdbx_struct_oper_list.symmetry_operation 
_pdbx_struct_oper_list.matrix[1][1] 
_pdbx_struct_oper_list.matrix[1][2] 
_pdbx_struct_oper_list.matrix[1][3] 
_pdbx_struct_oper_list.vector[1] 
_pdbx_struct_oper_list.matrix[2][1] 
_pdbx_struct_oper_list.matrix[2][2] 
_pdbx_struct_oper_list.matrix[2][3] 
_pdbx_struct_oper_list.vector[2] 
_pdbx_struct_oper_list.matrix[3][1] 
_pdbx_struct_oper_list.matrix[3][2] 
_pdbx_struct_oper_list.matrix[3][3] 
_pdbx_struct_oper_list.vector[3] 
1 'identity operation'         1_555 x,y,z         1.0000000000  0.0000000000  0.0000000000  0.0000000000   0.0000000000  1.0000000000 0.0000000000  0.0000000000   0.0000000000  0.0000000000  1.0000000000  0.0000000000  
2 'crystal symmetry operation' 2_455 -y-1,x-y,z    -0.1775424735 -0.7067821996 0.6847901813  -20.4768563826 -0.5160726975 0.6593574164 0.5467328126  -10.4825437543 -0.8379425046 -0.2563332202 -0.4818149429 -2.5282212410 
3 'crystal symmetry operation' 3_445 -x+y-1,-x-1,z -0.1775424735 -0.5160726975 -0.8379425046 -11.1637704024 -0.7067821996 0.6593574164 -0.2563332202 -8.2090017216  0.6847901813  0.5467328126  -0.4818149429 18.5353660521 
# 
loop_
_pdbx_struct_special_symmetry.id 
_pdbx_struct_special_symmetry.PDB_model_num 
_pdbx_struct_special_symmetry.auth_asym_id 
_pdbx_struct_special_symmetry.auth_comp_id 
_pdbx_struct_special_symmetry.auth_seq_id 
_pdbx_struct_special_symmetry.PDB_ins_code 
_pdbx_struct_special_symmetry.label_asym_id 
_pdbx_struct_special_symmetry.label_comp_id 
_pdbx_struct_special_symmetry.label_seq_id 
1 1 A SO4 1247 ? H SO4 . 
2 1 A SO4 1247 ? H SO4 . 
# 
loop_
_pdbx_struct_conn_angle.id 
_pdbx_struct_conn_angle.ptnr1_label_atom_id 
_pdbx_struct_conn_angle.ptnr1_label_alt_id 
_pdbx_struct_conn_angle.ptnr1_label_asym_id 
_pdbx_struct_conn_angle.ptnr1_label_comp_id 
_pdbx_struct_conn_angle.ptnr1_label_seq_id 
_pdbx_struct_conn_angle.ptnr1_auth_atom_id 
_pdbx_struct_conn_angle.ptnr1_auth_asym_id 
_pdbx_struct_conn_angle.ptnr1_auth_comp_id 
_pdbx_struct_conn_angle.ptnr1_auth_seq_id 
_pdbx_struct_conn_angle.ptnr1_PDB_ins_code 
_pdbx_struct_conn_angle.ptnr1_symmetry 
_pdbx_struct_conn_angle.ptnr2_label_atom_id 
_pdbx_struct_conn_angle.ptnr2_label_alt_id 
_pdbx_struct_conn_angle.ptnr2_label_asym_id 
_pdbx_struct_conn_angle.ptnr2_label_comp_id 
_pdbx_struct_conn_angle.ptnr2_label_seq_id 
_pdbx_struct_conn_angle.ptnr2_auth_atom_id 
_pdbx_struct_conn_angle.ptnr2_auth_asym_id 
_pdbx_struct_conn_angle.ptnr2_auth_comp_id 
_pdbx_struct_conn_angle.ptnr2_auth_seq_id 
_pdbx_struct_conn_angle.ptnr2_PDB_ins_code 
_pdbx_struct_conn_angle.ptnr2_symmetry 
_pdbx_struct_conn_angle.ptnr3_label_atom_id 
_pdbx_struct_conn_angle.ptnr3_label_alt_id 
_pdbx_struct_conn_angle.ptnr3_label_asym_id 
_pdbx_struct_conn_angle.ptnr3_label_comp_id 
_pdbx_struct_conn_angle.ptnr3_label_seq_id 
_pdbx_struct_conn_angle.ptnr3_auth_atom_id 
_pdbx_struct_conn_angle.ptnr3_auth_asym_id 
_pdbx_struct_conn_angle.ptnr3_auth_comp_id 
_pdbx_struct_conn_angle.ptnr3_auth_seq_id 
_pdbx_struct_conn_angle.ptnr3_PDB_ins_code 
_pdbx_struct_conn_angle.ptnr3_symmetry 
_pdbx_struct_conn_angle.value 
_pdbx_struct_conn_angle.value_esd 
1  OD2 ? A ASP 15  ? A ASP 71   ? 1_555 ZN ? B ZN . ? A ZN 1240 ? 1_555 NE2 ? A HIS 17  ? A HIS 73   ? 1_555 99.8  ? 
2  OD2 ? A ASP 15  ? A ASP 71   ? 1_555 ZN ? B ZN . ? A ZN 1240 ? 1_555 ND1 ? A HIS 67  ? A HIS 123  ? 1_555 102.1 ? 
3  NE2 ? A HIS 17  ? A HIS 73   ? 1_555 ZN ? B ZN . ? A ZN 1240 ? 1_555 ND1 ? A HIS 67  ? A HIS 123  ? 1_555 114.8 ? 
4  OD2 ? A ASP 15  ? A ASP 71   ? 1_555 ZN ? B ZN . ? A ZN 1240 ? 1_555 O   ? I HOH .   ? A HOH 2009 ? 1_555 111.2 ? 
5  NE2 ? A HIS 17  ? A HIS 73   ? 1_555 ZN ? B ZN . ? A ZN 1240 ? 1_555 O   ? I HOH .   ? A HOH 2009 ? 1_555 123.8 ? 
6  ND1 ? A HIS 67  ? A HIS 123  ? 1_555 ZN ? B ZN . ? A ZN 1240 ? 1_555 O   ? I HOH .   ? A HOH 2009 ? 1_555 103.2 ? 
7  NE2 ? A HIS 159 ? A HIS 215  ? 1_555 ZN ? C ZN . ? A ZN 1241 ? 1_555 OE1 ? A GLU 172 ? A GLU 228  ? 2_455 123.2 ? 
8  NE2 ? A HIS 159 ? A HIS 215  ? 1_555 ZN ? C ZN . ? A ZN 1241 ? 1_555 CL  ? E CL  .   ? A CL  1244 ? 1_555 103.6 ? 
9  OE1 ? A GLU 172 ? A GLU 228  ? 2_455 ZN ? C ZN . ? A ZN 1241 ? 1_555 CL  ? E CL  .   ? A CL  1244 ? 1_555 110.7 ? 
10 NE2 ? A HIS 159 ? A HIS 215  ? 1_555 ZN ? C ZN . ? A ZN 1241 ? 1_555 CL  ? G CL  .   ? A CL  1246 ? 1_555 107.2 ? 
11 OE1 ? A GLU 172 ? A GLU 228  ? 2_455 ZN ? C ZN . ? A ZN 1241 ? 1_555 CL  ? G CL  .   ? A CL  1246 ? 1_555 97.5  ? 
12 CL  ? E CL  .   ? A CL  1244 ? 1_555 ZN ? C ZN . ? A ZN 1241 ? 1_555 CL  ? G CL  .   ? A CL  1246 ? 1_555 115.1 ? 
# 
loop_
_pdbx_audit_revision_history.ordinal 
_pdbx_audit_revision_history.data_content_type 
_pdbx_audit_revision_history.major_revision 
_pdbx_audit_revision_history.minor_revision 
_pdbx_audit_revision_history.revision_date 
1 'Structure model' 1 0 2014-01-08 
2 'Structure model' 1 1 2014-03-12 
3 'Structure model' 1 2 2019-05-08 
4 'Structure model' 1 3 2019-05-29 
5 'Structure model' 1 4 2023-12-20 
# 
_pdbx_audit_revision_details.ordinal             1 
_pdbx_audit_revision_details.revision_ordinal    1 
_pdbx_audit_revision_details.data_content_type   'Structure model' 
_pdbx_audit_revision_details.provider            repository 
_pdbx_audit_revision_details.type                'Initial release' 
_pdbx_audit_revision_details.description         ? 
_pdbx_audit_revision_details.details             ? 
# 
loop_
_pdbx_audit_revision_group.ordinal 
_pdbx_audit_revision_group.revision_ordinal 
_pdbx_audit_revision_group.data_content_type 
_pdbx_audit_revision_group.group 
1  2 'Structure model' 'Database references'      
2  3 'Structure model' 'Data collection'          
3  3 'Structure model' 'Experimental preparation' 
4  3 'Structure model' Other                      
5  4 'Structure model' 'Data collection'          
6  4 'Structure model' 'Experimental preparation' 
7  5 'Structure model' 'Data collection'          
8  5 'Structure model' 'Database references'      
9  5 'Structure model' 'Derived calculations'     
10 5 'Structure model' Other                      
11 5 'Structure model' 'Refinement description'   
# 
loop_
_pdbx_audit_revision_category.ordinal 
_pdbx_audit_revision_category.revision_ordinal 
_pdbx_audit_revision_category.data_content_type 
_pdbx_audit_revision_category.category 
1  3 'Structure model' exptl_crystal_grow            
2  3 'Structure model' pdbx_database_proc            
3  3 'Structure model' pdbx_database_status          
4  4 'Structure model' exptl_crystal_grow            
5  4 'Structure model' struct_biol                   
6  5 'Structure model' chem_comp_atom                
7  5 'Structure model' chem_comp_bond                
8  5 'Structure model' database_2                    
9  5 'Structure model' pdbx_database_status          
10 5 'Structure model' pdbx_initial_refinement_model 
11 5 'Structure model' pdbx_struct_conn_angle        
12 5 'Structure model' struct_conn                   
13 5 'Structure model' struct_site                   
# 
loop_
_pdbx_audit_revision_item.ordinal 
_pdbx_audit_revision_item.revision_ordinal 
_pdbx_audit_revision_item.data_content_type 
_pdbx_audit_revision_item.item 
1  3 'Structure model' '_exptl_crystal_grow.temp'                    
2  3 'Structure model' '_pdbx_database_status.recvd_author_approval' 
3  4 'Structure model' '_exptl_crystal_grow.method'                  
4  5 'Structure model' '_database_2.pdbx_DOI'                        
5  5 'Structure model' '_database_2.pdbx_database_accession'         
6  5 'Structure model' '_pdbx_database_status.status_code_sf'        
7  5 'Structure model' '_pdbx_struct_conn_angle.ptnr1_auth_comp_id'  
8  5 'Structure model' '_pdbx_struct_conn_angle.ptnr1_auth_seq_id'   
9  5 'Structure model' '_pdbx_struct_conn_angle.ptnr1_label_asym_id' 
10 5 'Structure model' '_pdbx_struct_conn_angle.ptnr1_label_atom_id' 
11 5 'Structure model' '_pdbx_struct_conn_angle.ptnr1_label_comp_id' 
12 5 'Structure model' '_pdbx_struct_conn_angle.ptnr1_label_seq_id'  
13 5 'Structure model' '_pdbx_struct_conn_angle.ptnr1_symmetry'      
14 5 'Structure model' '_pdbx_struct_conn_angle.ptnr3_auth_comp_id'  
15 5 'Structure model' '_pdbx_struct_conn_angle.ptnr3_auth_seq_id'   
16 5 'Structure model' '_pdbx_struct_conn_angle.ptnr3_label_asym_id' 
17 5 'Structure model' '_pdbx_struct_conn_angle.ptnr3_label_atom_id' 
18 5 'Structure model' '_pdbx_struct_conn_angle.ptnr3_label_comp_id' 
19 5 'Structure model' '_pdbx_struct_conn_angle.ptnr3_label_seq_id'  
20 5 'Structure model' '_pdbx_struct_conn_angle.ptnr3_symmetry'      
21 5 'Structure model' '_pdbx_struct_conn_angle.value'               
22 5 'Structure model' '_struct_conn.pdbx_dist_value'                
23 5 'Structure model' '_struct_conn.ptnr1_auth_comp_id'             
24 5 'Structure model' '_struct_conn.ptnr1_auth_seq_id'              
25 5 'Structure model' '_struct_conn.ptnr1_label_asym_id'            
26 5 'Structure model' '_struct_conn.ptnr1_label_atom_id'            
27 5 'Structure model' '_struct_conn.ptnr1_label_comp_id'            
28 5 'Structure model' '_struct_conn.ptnr1_label_seq_id'             
29 5 'Structure model' '_struct_conn.ptnr1_symmetry'                 
30 5 'Structure model' '_struct_conn.ptnr2_auth_comp_id'             
31 5 'Structure model' '_struct_conn.ptnr2_auth_seq_id'              
32 5 'Structure model' '_struct_conn.ptnr2_label_asym_id'            
33 5 'Structure model' '_struct_conn.ptnr2_label_atom_id'            
34 5 'Structure model' '_struct_conn.ptnr2_label_comp_id'            
35 5 'Structure model' '_struct_conn.ptnr2_label_seq_id'             
36 5 'Structure model' '_struct_conn.ptnr2_symmetry'                 
37 5 'Structure model' '_struct_site.pdbx_auth_asym_id'              
38 5 'Structure model' '_struct_site.pdbx_auth_comp_id'              
39 5 'Structure model' '_struct_site.pdbx_auth_seq_id'               
# 
loop_
_software.name 
_software.classification 
_software.version 
_software.citation_id 
_software.pdbx_ordinal 
_software.date 
_software.type 
_software.location 
_software.language 
REFMAC refinement       5.5.0094 ? 1 ? ? ? ? 
MOSFLM 'data reduction' .        ? 2 ? ? ? ? 
SCALA  'data scaling'   .        ? 3 ? ? ? ? 
PHASER phasing          .        ? 4 ? ? ? ? 
# 
_pdbx_entry_details.entry_id                 4C81 
_pdbx_entry_details.compound_details         ? 
_pdbx_entry_details.source_details           ? 
_pdbx_entry_details.nonpolymer_details       ? 
_pdbx_entry_details.sequence_details         
;RESIDUES 1-59, A PREDICTED APICOPLAST TARGETING SEQUENCE,
HAVE BEEN OMITTED FROM THE CONSTRUCT USED TO PREPARE
PROTEIN FOR CRYSTALLISATION.
;
_pdbx_entry_details.has_ligand_of_interest   ? 
# 
loop_
_pdbx_validate_torsion.id 
_pdbx_validate_torsion.PDB_model_num 
_pdbx_validate_torsion.auth_comp_id 
_pdbx_validate_torsion.auth_asym_id 
_pdbx_validate_torsion.auth_seq_id 
_pdbx_validate_torsion.PDB_ins_code 
_pdbx_validate_torsion.label_alt_id 
_pdbx_validate_torsion.phi 
_pdbx_validate_torsion.psi 
1 1 ASP A 79  ? ? -101.31 -156.74 
2 1 LEU A 136 ? B -22.51  -125.44 
# 
loop_
_pdbx_unobs_or_zero_occ_residues.id 
_pdbx_unobs_or_zero_occ_residues.PDB_model_num 
_pdbx_unobs_or_zero_occ_residues.polymer_flag 
_pdbx_unobs_or_zero_occ_residues.occupancy_flag 
_pdbx_unobs_or_zero_occ_residues.auth_asym_id 
_pdbx_unobs_or_zero_occ_residues.auth_comp_id 
_pdbx_unobs_or_zero_occ_residues.auth_seq_id 
_pdbx_unobs_or_zero_occ_residues.PDB_ins_code 
_pdbx_unobs_or_zero_occ_residues.label_asym_id 
_pdbx_unobs_or_zero_occ_residues.label_comp_id 
_pdbx_unobs_or_zero_occ_residues.label_seq_id 
1  1 Y 1 A GLY 57  ? A GLY 1   
2  1 Y 1 A HIS 58  ? A HIS 2   
3  1 Y 1 A MET 59  ? A MET 3   
4  1 Y 1 A TYR 82  ? A TYR 26  
5  1 Y 1 A ASN 83  ? A ASN 27  
6  1 Y 1 A THR 84  ? A THR 28  
7  1 Y 1 A TYR 85  ? A TYR 29  
8  1 Y 1 A ALA 86  ? A ALA 30  
9  1 Y 1 A ASN 87  ? A ASN 31  
10 1 Y 1 A ASN 88  ? A ASN 32  
11 1 Y 1 A ASP 89  ? A ASP 33  
12 1 Y 1 A PHE 90  ? A PHE 34  
13 1 Y 1 A ASN 91  ? A ASN 35  
14 1 Y 1 A LYS 92  ? A LYS 36  
15 1 Y 1 A ASN 93  ? A ASN 37  
16 1 Y 1 A GLU 94  ? A GLU 38  
17 1 Y 1 A GLN 95  ? A GLN 39  
18 1 Y 1 A SER 96  ? A SER 40  
19 1 Y 1 A PHE 97  ? A PHE 41  
20 1 Y 1 A ASP 144 ? A ASP 88  
21 1 Y 1 A LYS 145 ? A LYS 89  
22 1 Y 1 A ASP 146 ? A ASP 90  
23 1 Y 1 A GLU 147 ? A GLU 91  
24 1 Y 1 A LYS 148 ? A LYS 92  
25 1 Y 1 A ASN 149 ? A ASN 93  
26 1 Y 1 A LYS 150 ? A LYS 94  
27 1 Y 1 A ASN 151 ? A ASN 95  
28 1 Y 1 A SER 240 ? A SER 184 
# 
loop_
_chem_comp_atom.comp_id 
_chem_comp_atom.atom_id 
_chem_comp_atom.type_symbol 
_chem_comp_atom.pdbx_aromatic_flag 
_chem_comp_atom.pdbx_stereo_config 
_chem_comp_atom.pdbx_ordinal 
ALA N      N  N N 1   
ALA CA     C  N S 2   
ALA C      C  N N 3   
ALA O      O  N N 4   
ALA CB     C  N N 5   
ALA OXT    O  N N 6   
ALA H      H  N N 7   
ALA H2     H  N N 8   
ALA HA     H  N N 9   
ALA HB1    H  N N 10  
ALA HB2    H  N N 11  
ALA HB3    H  N N 12  
ALA HXT    H  N N 13  
ARG N      N  N N 14  
ARG CA     C  N S 15  
ARG C      C  N N 16  
ARG O      O  N N 17  
ARG CB     C  N N 18  
ARG CG     C  N N 19  
ARG CD     C  N N 20  
ARG NE     N  N N 21  
ARG CZ     C  N N 22  
ARG NH1    N  N N 23  
ARG NH2    N  N N 24  
ARG OXT    O  N N 25  
ARG H      H  N N 26  
ARG H2     H  N N 27  
ARG HA     H  N N 28  
ARG HB2    H  N N 29  
ARG HB3    H  N N 30  
ARG HG2    H  N N 31  
ARG HG3    H  N N 32  
ARG HD2    H  N N 33  
ARG HD3    H  N N 34  
ARG HE     H  N N 35  
ARG HH11   H  N N 36  
ARG HH12   H  N N 37  
ARG HH21   H  N N 38  
ARG HH22   H  N N 39  
ARG HXT    H  N N 40  
ASN N      N  N N 41  
ASN CA     C  N S 42  
ASN C      C  N N 43  
ASN O      O  N N 44  
ASN CB     C  N N 45  
ASN CG     C  N N 46  
ASN OD1    O  N N 47  
ASN ND2    N  N N 48  
ASN OXT    O  N N 49  
ASN H      H  N N 50  
ASN H2     H  N N 51  
ASN HA     H  N N 52  
ASN HB2    H  N N 53  
ASN HB3    H  N N 54  
ASN HD21   H  N N 55  
ASN HD22   H  N N 56  
ASN HXT    H  N N 57  
ASP N      N  N N 58  
ASP CA     C  N S 59  
ASP C      C  N N 60  
ASP O      O  N N 61  
ASP CB     C  N N 62  
ASP CG     C  N N 63  
ASP OD1    O  N N 64  
ASP OD2    O  N N 65  
ASP OXT    O  N N 66  
ASP H      H  N N 67  
ASP H2     H  N N 68  
ASP HA     H  N N 69  
ASP HB2    H  N N 70  
ASP HB3    H  N N 71  
ASP HD2    H  N N 72  
ASP HXT    H  N N 73  
CDP O3B    O  N N 74  
CDP PB     P  N N 75  
CDP O1B    O  N N 76  
CDP O2B    O  N N 77  
CDP O3A    O  N N 78  
CDP PA     P  N R 79  
CDP O1A    O  N N 80  
CDP O2A    O  N N 81  
CDP "O5'"  O  N N 82  
CDP "C5'"  C  N N 83  
CDP "C4'"  C  N R 84  
CDP "O4'"  O  N N 85  
CDP "C3'"  C  N S 86  
CDP "O3'"  O  N N 87  
CDP "C2'"  C  N R 88  
CDP "O2'"  O  N N 89  
CDP "C1'"  C  N R 90  
CDP N1     N  N N 91  
CDP C2     C  N N 92  
CDP O2     O  N N 93  
CDP N3     N  N N 94  
CDP C4     C  N N 95  
CDP N4     N  N N 96  
CDP C5     C  N N 97  
CDP C6     C  N N 98  
CDP "H5'1" H  N N 99  
CDP "H5'2" H  N N 100 
CDP "H4'"  H  N N 101 
CDP "H3'"  H  N N 102 
CDP HA     H  N N 103 
CDP "H2'"  H  N N 104 
CDP HB     H  N N 105 
CDP "H1'"  H  N N 106 
CDP H4N1   H  N N 107 
CDP H4N2   H  N N 108 
CDP H5     H  N N 109 
CDP H6     H  N N 110 
CDP HO1    H  N N 111 
CDP HO2    H  N N 112 
CDP HO3    H  N N 113 
CL  CL     CL N N 114 
CYS N      N  N N 115 
CYS CA     C  N R 116 
CYS C      C  N N 117 
CYS O      O  N N 118 
CYS CB     C  N N 119 
CYS SG     S  N N 120 
CYS OXT    O  N N 121 
CYS H      H  N N 122 
CYS H2     H  N N 123 
CYS HA     H  N N 124 
CYS HB2    H  N N 125 
CYS HB3    H  N N 126 
CYS HG     H  N N 127 
CYS HXT    H  N N 128 
GLN N      N  N N 129 
GLN CA     C  N S 130 
GLN C      C  N N 131 
GLN O      O  N N 132 
GLN CB     C  N N 133 
GLN CG     C  N N 134 
GLN CD     C  N N 135 
GLN OE1    O  N N 136 
GLN NE2    N  N N 137 
GLN OXT    O  N N 138 
GLN H      H  N N 139 
GLN H2     H  N N 140 
GLN HA     H  N N 141 
GLN HB2    H  N N 142 
GLN HB3    H  N N 143 
GLN HG2    H  N N 144 
GLN HG3    H  N N 145 
GLN HE21   H  N N 146 
GLN HE22   H  N N 147 
GLN HXT    H  N N 148 
GLU N      N  N N 149 
GLU CA     C  N S 150 
GLU C      C  N N 151 
GLU O      O  N N 152 
GLU CB     C  N N 153 
GLU CG     C  N N 154 
GLU CD     C  N N 155 
GLU OE1    O  N N 156 
GLU OE2    O  N N 157 
GLU OXT    O  N N 158 
GLU H      H  N N 159 
GLU H2     H  N N 160 
GLU HA     H  N N 161 
GLU HB2    H  N N 162 
GLU HB3    H  N N 163 
GLU HG2    H  N N 164 
GLU HG3    H  N N 165 
GLU HE2    H  N N 166 
GLU HXT    H  N N 167 
GLY N      N  N N 168 
GLY CA     C  N N 169 
GLY C      C  N N 170 
GLY O      O  N N 171 
GLY OXT    O  N N 172 
GLY H      H  N N 173 
GLY H2     H  N N 174 
GLY HA2    H  N N 175 
GLY HA3    H  N N 176 
GLY HXT    H  N N 177 
HIS N      N  N N 178 
HIS CA     C  N S 179 
HIS C      C  N N 180 
HIS O      O  N N 181 
HIS CB     C  N N 182 
HIS CG     C  Y N 183 
HIS ND1    N  Y N 184 
HIS CD2    C  Y N 185 
HIS CE1    C  Y N 186 
HIS NE2    N  Y N 187 
HIS OXT    O  N N 188 
HIS H      H  N N 189 
HIS H2     H  N N 190 
HIS HA     H  N N 191 
HIS HB2    H  N N 192 
HIS HB3    H  N N 193 
HIS HD1    H  N N 194 
HIS HD2    H  N N 195 
HIS HE1    H  N N 196 
HIS HE2    H  N N 197 
HIS HXT    H  N N 198 
HOH O      O  N N 199 
HOH H1     H  N N 200 
HOH H2     H  N N 201 
ILE N      N  N N 202 
ILE CA     C  N S 203 
ILE C      C  N N 204 
ILE O      O  N N 205 
ILE CB     C  N S 206 
ILE CG1    C  N N 207 
ILE CG2    C  N N 208 
ILE CD1    C  N N 209 
ILE OXT    O  N N 210 
ILE H      H  N N 211 
ILE H2     H  N N 212 
ILE HA     H  N N 213 
ILE HB     H  N N 214 
ILE HG12   H  N N 215 
ILE HG13   H  N N 216 
ILE HG21   H  N N 217 
ILE HG22   H  N N 218 
ILE HG23   H  N N 219 
ILE HD11   H  N N 220 
ILE HD12   H  N N 221 
ILE HD13   H  N N 222 
ILE HXT    H  N N 223 
LEU N      N  N N 224 
LEU CA     C  N S 225 
LEU C      C  N N 226 
LEU O      O  N N 227 
LEU CB     C  N N 228 
LEU CG     C  N N 229 
LEU CD1    C  N N 230 
LEU CD2    C  N N 231 
LEU OXT    O  N N 232 
LEU H      H  N N 233 
LEU H2     H  N N 234 
LEU HA     H  N N 235 
LEU HB2    H  N N 236 
LEU HB3    H  N N 237 
LEU HG     H  N N 238 
LEU HD11   H  N N 239 
LEU HD12   H  N N 240 
LEU HD13   H  N N 241 
LEU HD21   H  N N 242 
LEU HD22   H  N N 243 
LEU HD23   H  N N 244 
LEU HXT    H  N N 245 
LYS N      N  N N 246 
LYS CA     C  N S 247 
LYS C      C  N N 248 
LYS O      O  N N 249 
LYS CB     C  N N 250 
LYS CG     C  N N 251 
LYS CD     C  N N 252 
LYS CE     C  N N 253 
LYS NZ     N  N N 254 
LYS OXT    O  N N 255 
LYS H      H  N N 256 
LYS H2     H  N N 257 
LYS HA     H  N N 258 
LYS HB2    H  N N 259 
LYS HB3    H  N N 260 
LYS HG2    H  N N 261 
LYS HG3    H  N N 262 
LYS HD2    H  N N 263 
LYS HD3    H  N N 264 
LYS HE2    H  N N 265 
LYS HE3    H  N N 266 
LYS HZ1    H  N N 267 
LYS HZ2    H  N N 268 
LYS HZ3    H  N N 269 
LYS HXT    H  N N 270 
MET N      N  N N 271 
MET CA     C  N S 272 
MET C      C  N N 273 
MET O      O  N N 274 
MET CB     C  N N 275 
MET CG     C  N N 276 
MET SD     S  N N 277 
MET CE     C  N N 278 
MET OXT    O  N N 279 
MET H      H  N N 280 
MET H2     H  N N 281 
MET HA     H  N N 282 
MET HB2    H  N N 283 
MET HB3    H  N N 284 
MET HG2    H  N N 285 
MET HG3    H  N N 286 
MET HE1    H  N N 287 
MET HE2    H  N N 288 
MET HE3    H  N N 289 
MET HXT    H  N N 290 
PHE N      N  N N 291 
PHE CA     C  N S 292 
PHE C      C  N N 293 
PHE O      O  N N 294 
PHE CB     C  N N 295 
PHE CG     C  Y N 296 
PHE CD1    C  Y N 297 
PHE CD2    C  Y N 298 
PHE CE1    C  Y N 299 
PHE CE2    C  Y N 300 
PHE CZ     C  Y N 301 
PHE OXT    O  N N 302 
PHE H      H  N N 303 
PHE H2     H  N N 304 
PHE HA     H  N N 305 
PHE HB2    H  N N 306 
PHE HB3    H  N N 307 
PHE HD1    H  N N 308 
PHE HD2    H  N N 309 
PHE HE1    H  N N 310 
PHE HE2    H  N N 311 
PHE HZ     H  N N 312 
PHE HXT    H  N N 313 
PRO N      N  N N 314 
PRO CA     C  N S 315 
PRO C      C  N N 316 
PRO O      O  N N 317 
PRO CB     C  N N 318 
PRO CG     C  N N 319 
PRO CD     C  N N 320 
PRO OXT    O  N N 321 
PRO H      H  N N 322 
PRO HA     H  N N 323 
PRO HB2    H  N N 324 
PRO HB3    H  N N 325 
PRO HG2    H  N N 326 
PRO HG3    H  N N 327 
PRO HD2    H  N N 328 
PRO HD3    H  N N 329 
PRO HXT    H  N N 330 
SER N      N  N N 331 
SER CA     C  N S 332 
SER C      C  N N 333 
SER O      O  N N 334 
SER CB     C  N N 335 
SER OG     O  N N 336 
SER OXT    O  N N 337 
SER H      H  N N 338 
SER H2     H  N N 339 
SER HA     H  N N 340 
SER HB2    H  N N 341 
SER HB3    H  N N 342 
SER HG     H  N N 343 
SER HXT    H  N N 344 
SO4 S      S  N N 345 
SO4 O1     O  N N 346 
SO4 O2     O  N N 347 
SO4 O3     O  N N 348 
SO4 O4     O  N N 349 
THR N      N  N N 350 
THR CA     C  N S 351 
THR C      C  N N 352 
THR O      O  N N 353 
THR CB     C  N R 354 
THR OG1    O  N N 355 
THR CG2    C  N N 356 
THR OXT    O  N N 357 
THR H      H  N N 358 
THR H2     H  N N 359 
THR HA     H  N N 360 
THR HB     H  N N 361 
THR HG1    H  N N 362 
THR HG21   H  N N 363 
THR HG22   H  N N 364 
THR HG23   H  N N 365 
THR HXT    H  N N 366 
TYR N      N  N N 367 
TYR CA     C  N S 368 
TYR C      C  N N 369 
TYR O      O  N N 370 
TYR CB     C  N N 371 
TYR CG     C  Y N 372 
TYR CD1    C  Y N 373 
TYR CD2    C  Y N 374 
TYR CE1    C  Y N 375 
TYR CE2    C  Y N 376 
TYR CZ     C  Y N 377 
TYR OH     O  N N 378 
TYR OXT    O  N N 379 
TYR H      H  N N 380 
TYR H2     H  N N 381 
TYR HA     H  N N 382 
TYR HB2    H  N N 383 
TYR HB3    H  N N 384 
TYR HD1    H  N N 385 
TYR HD2    H  N N 386 
TYR HE1    H  N N 387 
TYR HE2    H  N N 388 
TYR HH     H  N N 389 
TYR HXT    H  N N 390 
VAL N      N  N N 391 
VAL CA     C  N S 392 
VAL C      C  N N 393 
VAL O      O  N N 394 
VAL CB     C  N N 395 
VAL CG1    C  N N 396 
VAL CG2    C  N N 397 
VAL OXT    O  N N 398 
VAL H      H  N N 399 
VAL H2     H  N N 400 
VAL HA     H  N N 401 
VAL HB     H  N N 402 
VAL HG11   H  N N 403 
VAL HG12   H  N N 404 
VAL HG13   H  N N 405 
VAL HG21   H  N N 406 
VAL HG22   H  N N 407 
VAL HG23   H  N N 408 
VAL HXT    H  N N 409 
ZN  ZN     ZN N N 410 
# 
loop_
_chem_comp_bond.comp_id 
_chem_comp_bond.atom_id_1 
_chem_comp_bond.atom_id_2 
_chem_comp_bond.value_order 
_chem_comp_bond.pdbx_aromatic_flag 
_chem_comp_bond.pdbx_stereo_config 
_chem_comp_bond.pdbx_ordinal 
ALA N     CA     sing N N 1   
ALA N     H      sing N N 2   
ALA N     H2     sing N N 3   
ALA CA    C      sing N N 4   
ALA CA    CB     sing N N 5   
ALA CA    HA     sing N N 6   
ALA C     O      doub N N 7   
ALA C     OXT    sing N N 8   
ALA CB    HB1    sing N N 9   
ALA CB    HB2    sing N N 10  
ALA CB    HB3    sing N N 11  
ALA OXT   HXT    sing N N 12  
ARG N     CA     sing N N 13  
ARG N     H      sing N N 14  
ARG N     H2     sing N N 15  
ARG CA    C      sing N N 16  
ARG CA    CB     sing N N 17  
ARG CA    HA     sing N N 18  
ARG C     O      doub N N 19  
ARG C     OXT    sing N N 20  
ARG CB    CG     sing N N 21  
ARG CB    HB2    sing N N 22  
ARG CB    HB3    sing N N 23  
ARG CG    CD     sing N N 24  
ARG CG    HG2    sing N N 25  
ARG CG    HG3    sing N N 26  
ARG CD    NE     sing N N 27  
ARG CD    HD2    sing N N 28  
ARG CD    HD3    sing N N 29  
ARG NE    CZ     sing N N 30  
ARG NE    HE     sing N N 31  
ARG CZ    NH1    sing N N 32  
ARG CZ    NH2    doub N N 33  
ARG NH1   HH11   sing N N 34  
ARG NH1   HH12   sing N N 35  
ARG NH2   HH21   sing N N 36  
ARG NH2   HH22   sing N N 37  
ARG OXT   HXT    sing N N 38  
ASN N     CA     sing N N 39  
ASN N     H      sing N N 40  
ASN N     H2     sing N N 41  
ASN CA    C      sing N N 42  
ASN CA    CB     sing N N 43  
ASN CA    HA     sing N N 44  
ASN C     O      doub N N 45  
ASN C     OXT    sing N N 46  
ASN CB    CG     sing N N 47  
ASN CB    HB2    sing N N 48  
ASN CB    HB3    sing N N 49  
ASN CG    OD1    doub N N 50  
ASN CG    ND2    sing N N 51  
ASN ND2   HD21   sing N N 52  
ASN ND2   HD22   sing N N 53  
ASN OXT   HXT    sing N N 54  
ASP N     CA     sing N N 55  
ASP N     H      sing N N 56  
ASP N     H2     sing N N 57  
ASP CA    C      sing N N 58  
ASP CA    CB     sing N N 59  
ASP CA    HA     sing N N 60  
ASP C     O      doub N N 61  
ASP C     OXT    sing N N 62  
ASP CB    CG     sing N N 63  
ASP CB    HB2    sing N N 64  
ASP CB    HB3    sing N N 65  
ASP CG    OD1    doub N N 66  
ASP CG    OD2    sing N N 67  
ASP OD2   HD2    sing N N 68  
ASP OXT   HXT    sing N N 69  
CDP O3B   PB     sing N N 70  
CDP PB    O1B    doub N N 71  
CDP PB    O2B    sing N N 72  
CDP PB    O3A    sing N N 73  
CDP O3A   PA     sing N N 74  
CDP PA    O1A    doub N N 75  
CDP PA    O2A    sing N N 76  
CDP PA    "O5'"  sing N N 77  
CDP "O5'" "C5'"  sing N N 78  
CDP "C5'" "C4'"  sing N N 79  
CDP "C5'" "H5'1" sing N N 80  
CDP "C5'" "H5'2" sing N N 81  
CDP "C4'" "O4'"  sing N N 82  
CDP "C4'" "C3'"  sing N N 83  
CDP "C4'" "H4'"  sing N N 84  
CDP "O4'" "C1'"  sing N N 85  
CDP "C3'" "O3'"  sing N N 86  
CDP "C3'" "C2'"  sing N N 87  
CDP "C3'" "H3'"  sing N N 88  
CDP "O3'" HA     sing N N 89  
CDP "C2'" "O2'"  sing N N 90  
CDP "C2'" "C1'"  sing N N 91  
CDP "C2'" "H2'"  sing N N 92  
CDP "O2'" HB     sing N N 93  
CDP "C1'" N1     sing N N 94  
CDP "C1'" "H1'"  sing N N 95  
CDP N1    C2     sing N N 96  
CDP N1    C6     sing N N 97  
CDP C2    O2     doub N N 98  
CDP C2    N3     sing N N 99  
CDP N3    C4     doub N N 100 
CDP C4    N4     sing N N 101 
CDP C4    C5     sing N N 102 
CDP N4    H4N1   sing N N 103 
CDP N4    H4N2   sing N N 104 
CDP C5    C6     doub N N 105 
CDP C5    H5     sing N N 106 
CDP C6    H6     sing N N 107 
CDP HO1   O2A    sing N N 108 
CDP HO2   O2B    sing N N 109 
CDP HO3   O3B    sing N N 110 
CYS N     CA     sing N N 111 
CYS N     H      sing N N 112 
CYS N     H2     sing N N 113 
CYS CA    C      sing N N 114 
CYS CA    CB     sing N N 115 
CYS CA    HA     sing N N 116 
CYS C     O      doub N N 117 
CYS C     OXT    sing N N 118 
CYS CB    SG     sing N N 119 
CYS CB    HB2    sing N N 120 
CYS CB    HB3    sing N N 121 
CYS SG    HG     sing N N 122 
CYS OXT   HXT    sing N N 123 
GLN N     CA     sing N N 124 
GLN N     H      sing N N 125 
GLN N     H2     sing N N 126 
GLN CA    C      sing N N 127 
GLN CA    CB     sing N N 128 
GLN CA    HA     sing N N 129 
GLN C     O      doub N N 130 
GLN C     OXT    sing N N 131 
GLN CB    CG     sing N N 132 
GLN CB    HB2    sing N N 133 
GLN CB    HB3    sing N N 134 
GLN CG    CD     sing N N 135 
GLN CG    HG2    sing N N 136 
GLN CG    HG3    sing N N 137 
GLN CD    OE1    doub N N 138 
GLN CD    NE2    sing N N 139 
GLN NE2   HE21   sing N N 140 
GLN NE2   HE22   sing N N 141 
GLN OXT   HXT    sing N N 142 
GLU N     CA     sing N N 143 
GLU N     H      sing N N 144 
GLU N     H2     sing N N 145 
GLU CA    C      sing N N 146 
GLU CA    CB     sing N N 147 
GLU CA    HA     sing N N 148 
GLU C     O      doub N N 149 
GLU C     OXT    sing N N 150 
GLU CB    CG     sing N N 151 
GLU CB    HB2    sing N N 152 
GLU CB    HB3    sing N N 153 
GLU CG    CD     sing N N 154 
GLU CG    HG2    sing N N 155 
GLU CG    HG3    sing N N 156 
GLU CD    OE1    doub N N 157 
GLU CD    OE2    sing N N 158 
GLU OE2   HE2    sing N N 159 
GLU OXT   HXT    sing N N 160 
GLY N     CA     sing N N 161 
GLY N     H      sing N N 162 
GLY N     H2     sing N N 163 
GLY CA    C      sing N N 164 
GLY CA    HA2    sing N N 165 
GLY CA    HA3    sing N N 166 
GLY C     O      doub N N 167 
GLY C     OXT    sing N N 168 
GLY OXT   HXT    sing N N 169 
HIS N     CA     sing N N 170 
HIS N     H      sing N N 171 
HIS N     H2     sing N N 172 
HIS CA    C      sing N N 173 
HIS CA    CB     sing N N 174 
HIS CA    HA     sing N N 175 
HIS C     O      doub N N 176 
HIS C     OXT    sing N N 177 
HIS CB    CG     sing N N 178 
HIS CB    HB2    sing N N 179 
HIS CB    HB3    sing N N 180 
HIS CG    ND1    sing Y N 181 
HIS CG    CD2    doub Y N 182 
HIS ND1   CE1    doub Y N 183 
HIS ND1   HD1    sing N N 184 
HIS CD2   NE2    sing Y N 185 
HIS CD2   HD2    sing N N 186 
HIS CE1   NE2    sing Y N 187 
HIS CE1   HE1    sing N N 188 
HIS NE2   HE2    sing N N 189 
HIS OXT   HXT    sing N N 190 
HOH O     H1     sing N N 191 
HOH O     H2     sing N N 192 
ILE N     CA     sing N N 193 
ILE N     H      sing N N 194 
ILE N     H2     sing N N 195 
ILE CA    C      sing N N 196 
ILE CA    CB     sing N N 197 
ILE CA    HA     sing N N 198 
ILE C     O      doub N N 199 
ILE C     OXT    sing N N 200 
ILE CB    CG1    sing N N 201 
ILE CB    CG2    sing N N 202 
ILE CB    HB     sing N N 203 
ILE CG1   CD1    sing N N 204 
ILE CG1   HG12   sing N N 205 
ILE CG1   HG13   sing N N 206 
ILE CG2   HG21   sing N N 207 
ILE CG2   HG22   sing N N 208 
ILE CG2   HG23   sing N N 209 
ILE CD1   HD11   sing N N 210 
ILE CD1   HD12   sing N N 211 
ILE CD1   HD13   sing N N 212 
ILE OXT   HXT    sing N N 213 
LEU N     CA     sing N N 214 
LEU N     H      sing N N 215 
LEU N     H2     sing N N 216 
LEU CA    C      sing N N 217 
LEU CA    CB     sing N N 218 
LEU CA    HA     sing N N 219 
LEU C     O      doub N N 220 
LEU C     OXT    sing N N 221 
LEU CB    CG     sing N N 222 
LEU CB    HB2    sing N N 223 
LEU CB    HB3    sing N N 224 
LEU CG    CD1    sing N N 225 
LEU CG    CD2    sing N N 226 
LEU CG    HG     sing N N 227 
LEU CD1   HD11   sing N N 228 
LEU CD1   HD12   sing N N 229 
LEU CD1   HD13   sing N N 230 
LEU CD2   HD21   sing N N 231 
LEU CD2   HD22   sing N N 232 
LEU CD2   HD23   sing N N 233 
LEU OXT   HXT    sing N N 234 
LYS N     CA     sing N N 235 
LYS N     H      sing N N 236 
LYS N     H2     sing N N 237 
LYS CA    C      sing N N 238 
LYS CA    CB     sing N N 239 
LYS CA    HA     sing N N 240 
LYS C     O      doub N N 241 
LYS C     OXT    sing N N 242 
LYS CB    CG     sing N N 243 
LYS CB    HB2    sing N N 244 
LYS CB    HB3    sing N N 245 
LYS CG    CD     sing N N 246 
LYS CG    HG2    sing N N 247 
LYS CG    HG3    sing N N 248 
LYS CD    CE     sing N N 249 
LYS CD    HD2    sing N N 250 
LYS CD    HD3    sing N N 251 
LYS CE    NZ     sing N N 252 
LYS CE    HE2    sing N N 253 
LYS CE    HE3    sing N N 254 
LYS NZ    HZ1    sing N N 255 
LYS NZ    HZ2    sing N N 256 
LYS NZ    HZ3    sing N N 257 
LYS OXT   HXT    sing N N 258 
MET N     CA     sing N N 259 
MET N     H      sing N N 260 
MET N     H2     sing N N 261 
MET CA    C      sing N N 262 
MET CA    CB     sing N N 263 
MET CA    HA     sing N N 264 
MET C     O      doub N N 265 
MET C     OXT    sing N N 266 
MET CB    CG     sing N N 267 
MET CB    HB2    sing N N 268 
MET CB    HB3    sing N N 269 
MET CG    SD     sing N N 270 
MET CG    HG2    sing N N 271 
MET CG    HG3    sing N N 272 
MET SD    CE     sing N N 273 
MET CE    HE1    sing N N 274 
MET CE    HE2    sing N N 275 
MET CE    HE3    sing N N 276 
MET OXT   HXT    sing N N 277 
PHE N     CA     sing N N 278 
PHE N     H      sing N N 279 
PHE N     H2     sing N N 280 
PHE CA    C      sing N N 281 
PHE CA    CB     sing N N 282 
PHE CA    HA     sing N N 283 
PHE C     O      doub N N 284 
PHE C     OXT    sing N N 285 
PHE CB    CG     sing N N 286 
PHE CB    HB2    sing N N 287 
PHE CB    HB3    sing N N 288 
PHE CG    CD1    doub Y N 289 
PHE CG    CD2    sing Y N 290 
PHE CD1   CE1    sing Y N 291 
PHE CD1   HD1    sing N N 292 
PHE CD2   CE2    doub Y N 293 
PHE CD2   HD2    sing N N 294 
PHE CE1   CZ     doub Y N 295 
PHE CE1   HE1    sing N N 296 
PHE CE2   CZ     sing Y N 297 
PHE CE2   HE2    sing N N 298 
PHE CZ    HZ     sing N N 299 
PHE OXT   HXT    sing N N 300 
PRO N     CA     sing N N 301 
PRO N     CD     sing N N 302 
PRO N     H      sing N N 303 
PRO CA    C      sing N N 304 
PRO CA    CB     sing N N 305 
PRO CA    HA     sing N N 306 
PRO C     O      doub N N 307 
PRO C     OXT    sing N N 308 
PRO CB    CG     sing N N 309 
PRO CB    HB2    sing N N 310 
PRO CB    HB3    sing N N 311 
PRO CG    CD     sing N N 312 
PRO CG    HG2    sing N N 313 
PRO CG    HG3    sing N N 314 
PRO CD    HD2    sing N N 315 
PRO CD    HD3    sing N N 316 
PRO OXT   HXT    sing N N 317 
SER N     CA     sing N N 318 
SER N     H      sing N N 319 
SER N     H2     sing N N 320 
SER CA    C      sing N N 321 
SER CA    CB     sing N N 322 
SER CA    HA     sing N N 323 
SER C     O      doub N N 324 
SER C     OXT    sing N N 325 
SER CB    OG     sing N N 326 
SER CB    HB2    sing N N 327 
SER CB    HB3    sing N N 328 
SER OG    HG     sing N N 329 
SER OXT   HXT    sing N N 330 
SO4 S     O1     doub N N 331 
SO4 S     O2     doub N N 332 
SO4 S     O3     sing N N 333 
SO4 S     O4     sing N N 334 
THR N     CA     sing N N 335 
THR N     H      sing N N 336 
THR N     H2     sing N N 337 
THR CA    C      sing N N 338 
THR CA    CB     sing N N 339 
THR CA    HA     sing N N 340 
THR C     O      doub N N 341 
THR C     OXT    sing N N 342 
THR CB    OG1    sing N N 343 
THR CB    CG2    sing N N 344 
THR CB    HB     sing N N 345 
THR OG1   HG1    sing N N 346 
THR CG2   HG21   sing N N 347 
THR CG2   HG22   sing N N 348 
THR CG2   HG23   sing N N 349 
THR OXT   HXT    sing N N 350 
TYR N     CA     sing N N 351 
TYR N     H      sing N N 352 
TYR N     H2     sing N N 353 
TYR CA    C      sing N N 354 
TYR CA    CB     sing N N 355 
TYR CA    HA     sing N N 356 
TYR C     O      doub N N 357 
TYR C     OXT    sing N N 358 
TYR CB    CG     sing N N 359 
TYR CB    HB2    sing N N 360 
TYR CB    HB3    sing N N 361 
TYR CG    CD1    doub Y N 362 
TYR CG    CD2    sing Y N 363 
TYR CD1   CE1    sing Y N 364 
TYR CD1   HD1    sing N N 365 
TYR CD2   CE2    doub Y N 366 
TYR CD2   HD2    sing N N 367 
TYR CE1   CZ     doub Y N 368 
TYR CE1   HE1    sing N N 369 
TYR CE2   CZ     sing Y N 370 
TYR CE2   HE2    sing N N 371 
TYR CZ    OH     sing N N 372 
TYR OH    HH     sing N N 373 
TYR OXT   HXT    sing N N 374 
VAL N     CA     sing N N 375 
VAL N     H      sing N N 376 
VAL N     H2     sing N N 377 
VAL CA    C      sing N N 378 
VAL CA    CB     sing N N 379 
VAL CA    HA     sing N N 380 
VAL C     O      doub N N 381 
VAL C     OXT    sing N N 382 
VAL CB    CG1    sing N N 383 
VAL CB    CG2    sing N N 384 
VAL CB    HB     sing N N 385 
VAL CG1   HG11   sing N N 386 
VAL CG1   HG12   sing N N 387 
VAL CG1   HG13   sing N N 388 
VAL CG2   HG21   sing N N 389 
VAL CG2   HG22   sing N N 390 
VAL CG2   HG23   sing N N 391 
VAL OXT   HXT    sing N N 392 
# 
loop_
_pdbx_entity_nonpoly.entity_id 
_pdbx_entity_nonpoly.name 
_pdbx_entity_nonpoly.comp_id 
2 'ZINC ION'                ZN  
3 "CYTIDINE-5'-DIPHOSPHATE" CDP 
4 'CHLORIDE ION'            CL  
5 'SULFATE ION'             SO4 
6 water                     HOH 
# 
_pdbx_initial_refinement_model.id               1 
_pdbx_initial_refinement_model.entity_id_list   ? 
_pdbx_initial_refinement_model.type             'experimental model' 
_pdbx_initial_refinement_model.source_name      PDB 
_pdbx_initial_refinement_model.accession_code   1GX1 
_pdbx_initial_refinement_model.details          'PDB ENTRY 1GX1' 
# 
loop_
_pdbx_reflns_twin.domain_id 
_pdbx_reflns_twin.crystal_id 
_pdbx_reflns_twin.diffrn_id 
_pdbx_reflns_twin.type 
_pdbx_reflns_twin.operator 
_pdbx_reflns_twin.fraction 
1 1 1 ? 'H, K, L'  0.558 
2 1 1 ? 'K, H, -L' 0.442 
# 
